data_3TBW
#
_entry.id   3TBW
#
_cell.length_a   91.399
_cell.length_b   124.277
_cell.length_c   99.887
_cell.angle_alpha   90.00
_cell.angle_beta   103.23
_cell.angle_gamma   90.00
#
_symmetry.space_group_name_H-M   'P 1 21 1'
#
loop_
_entity.id
_entity.type
_entity.pdbx_description
1 polymer 'H-2 class I histocompatibility antigen, D-B alpha chain'
2 polymer Beta-2-microglobulin
3 polymer 'GLYCOPROTEIN GPC'
4 water water
#
loop_
_entity_poly.entity_id
_entity_poly.type
_entity_poly.pdbx_seq_one_letter_code
_entity_poly.pdbx_strand_id
1 'polypeptide(L)'
;GPHSMRYFETAVSRPGLEEPRYISVGYVDNKEFVRFDSDAENPRYEPRAPWMEQEGPEYWERETQKAKGQEQWFRVSLRN
LLGYYNQSAGGSHTLQQMSGCDLGSDWRLLRGYLQFAYEGRDYIALNEDLKTWTAADMAAQITRRKWEQSGAAEHYKAYL
EGECVEWLHRYLKNGNATLLRTDSPKAHVTHHPRSKGEVTLRCWALGFYPADITLTWQLNGEELTQDMELVETRPAGDGT
FQKWASVVVPLGKEQNYTCRVYHEGLPEPLTLRWEP
;
A,C,E,G
2 'polypeptide(L)'
;IQKTPQIQVYSRHPPENGKPNILNCYVTQFHPPHIEIQMLKNGKKIPKVEMSDMSFSKDWSFYILAHTEFTPTETDTYAC
RVKHDSMAEPKTVYWDRDM
;
B,D,F,H
3 'polypeptide(L)' KGPSNFATM I,J,K,L
#
# COMPACT_ATOMS: atom_id res chain seq x y z
N GLY A 1 9.86 3.53 -3.02
CA GLY A 1 10.02 2.33 -3.88
C GLY A 1 10.83 2.54 -5.15
N PRO A 2 12.18 2.42 -5.05
CA PRO A 2 13.09 2.48 -6.21
C PRO A 2 13.10 1.20 -7.08
N HIS A 3 13.54 1.29 -8.32
CA HIS A 3 13.53 0.10 -9.19
C HIS A 3 14.77 0.12 -10.04
N SER A 4 15.01 -0.95 -10.76
CA SER A 4 16.17 -1.05 -11.61
C SER A 4 15.90 -2.05 -12.69
N MET A 5 16.72 -2.00 -13.71
CA MET A 5 16.76 -3.10 -14.65
C MET A 5 18.24 -3.35 -15.01
N ARG A 6 18.62 -4.61 -15.23
CA ARG A 6 19.92 -4.90 -15.83
C ARG A 6 19.88 -5.95 -16.90
N TYR A 7 20.73 -5.82 -17.93
CA TYR A 7 21.08 -6.97 -18.73
C TYR A 7 22.58 -7.33 -18.44
N PHE A 8 22.73 -8.63 -18.10
CA PHE A 8 24.02 -9.30 -17.94
C PHE A 8 24.31 -10.24 -19.06
N GLU A 9 25.36 -9.95 -19.82
CA GLU A 9 25.62 -10.71 -21.03
C GLU A 9 27.06 -11.22 -20.97
N THR A 10 27.21 -12.40 -21.56
CA THR A 10 28.44 -13.13 -21.51
C THR A 10 28.70 -13.82 -22.84
N ALA A 11 29.91 -13.68 -23.38
CA ALA A 11 30.32 -14.60 -24.39
C ALA A 11 31.55 -15.34 -23.90
N VAL A 12 31.59 -16.63 -24.18
CA VAL A 12 32.67 -17.44 -23.73
C VAL A 12 33.24 -18.27 -24.86
N SER A 13 34.52 -18.11 -25.12
CA SER A 13 35.18 -19.03 -26.06
C SER A 13 36.02 -20.10 -25.33
N ARG A 14 36.09 -21.32 -25.88
CA ARG A 14 36.87 -22.43 -25.26
C ARG A 14 37.80 -23.08 -26.30
N PRO A 15 38.99 -23.57 -25.88
CA PRO A 15 40.06 -23.96 -26.79
C PRO A 15 39.57 -24.55 -28.11
N GLY A 16 38.73 -25.57 -28.00
CA GLY A 16 38.34 -26.33 -29.16
C GLY A 16 37.13 -25.80 -29.88
N LEU A 17 36.04 -25.60 -29.13
CA LEU A 17 34.75 -25.15 -29.72
C LEU A 17 35.00 -24.14 -30.82
N GLU A 18 34.22 -24.20 -31.90
CA GLU A 18 34.52 -23.33 -33.02
C GLU A 18 34.06 -21.88 -32.81
N GLU A 19 32.79 -21.60 -32.48
CA GLU A 19 32.45 -20.21 -32.10
C GLU A 19 31.83 -20.01 -30.70
N PRO A 20 31.91 -18.79 -30.17
CA PRO A 20 31.61 -18.58 -28.75
C PRO A 20 30.20 -18.93 -28.41
N ARG A 21 29.92 -19.16 -27.13
CA ARG A 21 28.54 -19.23 -26.64
C ARG A 21 28.17 -17.86 -26.04
N TYR A 22 26.96 -17.44 -26.33
CA TYR A 22 26.51 -16.15 -25.91
C TYR A 22 25.25 -16.30 -25.08
N ILE A 23 25.22 -15.64 -23.96
CA ILE A 23 24.11 -15.71 -23.04
C ILE A 23 23.80 -14.31 -22.55
N SER A 24 22.53 -14.04 -22.45
CA SER A 24 22.06 -12.78 -21.94
C SER A 24 20.91 -13.04 -20.96
N VAL A 25 20.97 -12.37 -19.84
CA VAL A 25 19.94 -12.44 -18.81
C VAL A 25 19.54 -11.03 -18.42
N GLY A 26 18.22 -10.86 -18.34
CA GLY A 26 17.62 -9.58 -18.03
C GLY A 26 17.06 -9.70 -16.67
N TYR A 27 17.20 -8.66 -15.86
CA TYR A 27 16.59 -8.58 -14.55
C TYR A 27 15.74 -7.36 -14.38
N VAL A 28 14.64 -7.51 -13.63
CA VAL A 28 13.93 -6.35 -13.11
C VAL A 28 13.94 -6.41 -11.61
N ASP A 29 14.36 -5.30 -11.00
CA ASP A 29 14.62 -5.25 -9.54
C ASP A 29 15.42 -6.47 -9.02
N ASN A 30 16.46 -6.86 -9.74
CA ASN A 30 17.37 -7.95 -9.30
C ASN A 30 16.77 -9.32 -9.38
N LYS A 31 15.68 -9.44 -10.13
CA LYS A 31 15.08 -10.71 -10.37
C LYS A 31 15.10 -11.00 -11.86
N GLU A 32 15.59 -12.18 -12.21
CA GLU A 32 15.68 -12.61 -13.60
C GLU A 32 14.26 -12.63 -14.22
N PHE A 33 14.03 -11.96 -15.37
CA PHE A 33 12.73 -12.01 -16.09
C PHE A 33 12.85 -12.46 -17.56
N VAL A 34 14.04 -12.37 -18.14
CA VAL A 34 14.22 -12.86 -19.51
C VAL A 34 15.60 -13.51 -19.68
N ARG A 35 15.72 -14.40 -20.63
CA ARG A 35 16.98 -15.01 -20.86
C ARG A 35 17.12 -15.53 -22.27
N PHE A 36 18.33 -15.39 -22.84
CA PHE A 36 18.68 -15.90 -24.16
C PHE A 36 19.99 -16.70 -24.12
N ASP A 37 20.03 -17.81 -24.84
CA ASP A 37 21.17 -18.69 -24.83
C ASP A 37 21.41 -19.39 -26.15
N SER A 38 22.52 -19.01 -26.81
CA SER A 38 22.92 -19.56 -28.09
C SER A 38 23.14 -21.11 -28.09
N ASP A 39 23.42 -21.74 -26.95
CA ASP A 39 23.50 -23.20 -26.87
C ASP A 39 22.11 -23.94 -27.11
N ALA A 40 21.00 -23.32 -26.73
CA ALA A 40 19.64 -23.83 -26.99
C ALA A 40 19.39 -24.35 -28.43
N GLU A 41 18.51 -25.33 -28.57
CA GLU A 41 18.25 -25.89 -29.89
C GLU A 41 17.70 -24.79 -30.81
N ASN A 42 16.69 -24.07 -30.35
CA ASN A 42 16.18 -22.93 -31.08
C ASN A 42 16.37 -21.66 -30.27
N PRO A 43 17.44 -20.91 -30.57
CA PRO A 43 17.83 -19.85 -29.63
C PRO A 43 16.89 -18.65 -29.69
N ARG A 44 16.27 -18.29 -28.58
CA ARG A 44 15.30 -17.19 -28.55
C ARG A 44 15.30 -16.61 -27.19
N TYR A 45 14.87 -15.36 -27.06
CA TYR A 45 14.59 -14.88 -25.70
C TYR A 45 13.38 -15.59 -25.16
N GLU A 46 13.45 -15.94 -23.88
CA GLU A 46 12.38 -16.69 -23.26
C GLU A 46 11.99 -15.88 -22.03
N PRO A 47 10.71 -15.90 -21.70
CA PRO A 47 10.27 -15.32 -20.43
C PRO A 47 10.82 -16.19 -19.27
N ARG A 48 11.03 -15.54 -18.13
CA ARG A 48 11.61 -16.18 -16.95
C ARG A 48 10.81 -15.81 -15.73
N ALA A 49 9.74 -15.07 -15.94
CA ALA A 49 8.74 -14.74 -14.94
C ALA A 49 7.36 -14.88 -15.60
N PRO A 50 6.35 -15.24 -14.81
CA PRO A 50 5.03 -15.39 -15.40
C PRO A 50 4.53 -14.12 -16.07
N TRP A 51 4.62 -13.00 -15.35
CA TRP A 51 4.18 -11.70 -15.90
C TRP A 51 4.82 -11.27 -17.22
N MET A 52 5.92 -11.90 -17.66
CA MET A 52 6.46 -11.60 -18.99
C MET A 52 5.72 -12.28 -20.14
N GLU A 53 4.96 -13.33 -19.86
CA GLU A 53 4.18 -14.03 -20.89
C GLU A 53 3.17 -13.11 -21.58
N GLN A 54 2.61 -12.17 -20.83
CA GLN A 54 1.88 -11.05 -21.41
C GLN A 54 2.45 -10.62 -22.75
N GLU A 55 3.77 -10.53 -22.86
CA GLU A 55 4.36 -9.92 -24.07
C GLU A 55 4.04 -10.74 -25.30
N GLY A 56 3.72 -10.05 -26.39
CA GLY A 56 3.28 -10.73 -27.59
C GLY A 56 4.41 -11.29 -28.41
N PRO A 57 4.10 -11.96 -29.51
CA PRO A 57 5.10 -12.63 -30.33
C PRO A 57 6.10 -11.68 -30.94
N GLU A 58 5.69 -10.47 -31.35
CA GLU A 58 6.64 -9.55 -31.95
C GLU A 58 7.78 -9.11 -30.98
N TYR A 59 7.40 -8.79 -29.74
CA TYR A 59 8.33 -8.55 -28.65
C TYR A 59 9.42 -9.62 -28.71
N TRP A 60 9.03 -10.89 -28.62
CA TRP A 60 10.00 -11.97 -28.56
C TRP A 60 10.85 -12.04 -29.79
N GLU A 61 10.24 -11.83 -30.95
CA GLU A 61 10.98 -11.98 -32.22
C GLU A 61 12.02 -10.91 -32.30
N ARG A 62 11.64 -9.68 -31.92
CA ARG A 62 12.51 -8.52 -32.09
C ARG A 62 13.71 -8.56 -31.08
N GLU A 63 13.41 -8.80 -29.84
CA GLU A 63 14.45 -9.14 -28.84
C GLU A 63 15.35 -10.28 -29.26
N THR A 64 14.78 -11.38 -29.70
CA THR A 64 15.58 -12.43 -30.32
C THR A 64 16.52 -11.88 -31.39
N GLN A 65 16.04 -11.02 -32.29
CA GLN A 65 16.96 -10.55 -33.37
C GLN A 65 18.09 -9.67 -32.81
N LYS A 66 17.76 -8.86 -31.82
CA LYS A 66 18.72 -8.02 -31.17
C LYS A 66 19.83 -8.92 -30.46
N ALA A 67 19.38 -9.96 -29.75
CA ALA A 67 20.30 -10.95 -29.26
C ALA A 67 21.21 -11.50 -30.31
N LYS A 68 20.73 -11.73 -31.53
CA LYS A 68 21.61 -12.37 -32.53
C LYS A 68 22.65 -11.36 -32.95
N GLY A 69 22.21 -10.08 -32.98
CA GLY A 69 23.08 -8.95 -33.20
C GLY A 69 24.22 -8.88 -32.10
N GLN A 70 23.87 -9.02 -30.82
CA GLN A 70 24.78 -8.95 -29.69
C GLN A 70 25.77 -10.09 -29.77
N GLU A 71 25.28 -11.29 -30.09
CA GLU A 71 26.14 -12.43 -30.31
C GLU A 71 27.21 -12.12 -31.34
N GLN A 72 26.83 -11.52 -32.48
CA GLN A 72 27.83 -11.25 -33.49
C GLN A 72 28.81 -10.19 -32.98
N TRP A 73 28.28 -9.24 -32.19
CA TRP A 73 29.12 -8.14 -31.69
C TRP A 73 30.26 -8.72 -30.76
N PHE A 74 29.84 -9.57 -29.81
CA PHE A 74 30.72 -10.23 -28.85
C PHE A 74 31.73 -11.08 -29.54
N ARG A 75 31.29 -11.71 -30.63
CA ARG A 75 32.18 -12.58 -31.37
C ARG A 75 33.34 -11.76 -31.95
N VAL A 76 33.01 -10.66 -32.58
CA VAL A 76 34.05 -9.86 -33.17
C VAL A 76 34.99 -9.21 -32.06
N SER A 77 34.39 -8.73 -30.99
CA SER A 77 35.10 -8.03 -29.93
C SER A 77 36.13 -9.07 -29.24
N LEU A 78 35.70 -10.32 -29.10
CA LEU A 78 36.49 -11.37 -28.56
C LEU A 78 37.64 -11.48 -29.47
N ARG A 79 37.41 -11.50 -30.78
CA ARG A 79 38.56 -11.69 -31.69
C ARG A 79 39.49 -10.46 -31.66
N ASN A 80 38.92 -9.30 -31.54
CA ASN A 80 39.76 -8.13 -31.44
C ASN A 80 40.66 -8.10 -30.16
N LEU A 81 40.06 -8.47 -29.03
CA LEU A 81 40.66 -8.44 -27.69
C LEU A 81 41.85 -9.39 -27.62
N LEU A 82 41.67 -10.58 -28.21
CA LEU A 82 42.70 -11.56 -28.38
C LEU A 82 43.95 -10.92 -28.97
N GLY A 83 43.74 -10.08 -29.98
CA GLY A 83 44.86 -9.37 -30.56
C GLY A 83 45.44 -8.23 -29.71
N TYR A 84 44.58 -7.45 -29.10
CA TYR A 84 45.03 -6.37 -28.23
C TYR A 84 45.91 -6.90 -27.06
N TYR A 85 45.68 -8.11 -26.56
CA TYR A 85 46.46 -8.64 -25.47
C TYR A 85 47.51 -9.63 -25.94
N ASN A 86 47.61 -9.84 -27.23
CA ASN A 86 48.66 -10.70 -27.79
C ASN A 86 48.53 -12.05 -27.14
N GLN A 87 47.29 -12.55 -27.13
CA GLN A 87 47.02 -13.89 -26.60
C GLN A 87 47.14 -14.87 -27.74
N SER A 88 47.71 -16.02 -27.52
CA SER A 88 47.66 -16.93 -28.68
C SER A 88 46.33 -17.71 -28.82
N ALA A 89 46.26 -18.64 -29.77
CA ALA A 89 45.12 -19.53 -29.84
C ALA A 89 45.32 -20.57 -28.76
N GLY A 90 44.27 -21.28 -28.38
CA GLY A 90 44.44 -22.38 -27.44
C GLY A 90 43.98 -22.16 -26.01
N GLY A 91 43.42 -20.98 -25.70
CA GLY A 91 42.90 -20.71 -24.37
C GLY A 91 41.39 -20.49 -24.37
N SER A 92 40.87 -20.18 -23.20
CA SER A 92 39.48 -19.81 -23.04
C SER A 92 39.48 -18.35 -22.65
N HIS A 93 38.42 -17.66 -23.04
CA HIS A 93 38.32 -16.22 -22.96
C HIS A 93 36.86 -15.88 -22.71
N THR A 94 36.62 -14.75 -22.06
CA THR A 94 35.32 -14.40 -21.58
C THR A 94 35.15 -12.89 -21.80
N LEU A 95 33.97 -12.49 -22.19
CA LEU A 95 33.68 -11.08 -22.33
C LEU A 95 32.30 -10.95 -21.70
N GLN A 96 32.20 -10.01 -20.79
CA GLN A 96 30.95 -9.79 -20.11
C GLN A 96 30.55 -8.31 -20.19
N GLN A 97 29.25 -8.09 -20.06
CA GLN A 97 28.66 -6.75 -20.13
C GLN A 97 27.53 -6.67 -19.09
N MET A 98 27.51 -5.55 -18.36
CA MET A 98 26.38 -5.23 -17.53
C MET A 98 25.84 -3.88 -18.03
N SER A 99 24.50 -3.82 -18.24
CA SER A 99 23.86 -2.54 -18.69
C SER A 99 22.58 -2.33 -17.95
N GLY A 100 22.15 -1.10 -17.81
CA GLY A 100 20.78 -0.90 -17.36
C GLY A 100 20.59 0.42 -16.63
N CYS A 101 19.49 0.51 -15.89
CA CYS A 101 19.12 1.80 -15.33
C CYS A 101 18.60 1.60 -13.94
N ASP A 102 18.87 2.60 -13.07
CA ASP A 102 18.20 2.73 -11.78
C ASP A 102 17.21 3.93 -11.80
N LEU A 103 16.01 3.72 -11.27
CA LEU A 103 15.07 4.81 -11.06
C LEU A 103 14.88 5.02 -9.60
N GLY A 104 14.74 6.27 -9.19
CA GLY A 104 14.21 6.61 -7.87
C GLY A 104 12.76 6.18 -7.64
N SER A 105 12.27 6.38 -6.42
CA SER A 105 10.86 6.05 -6.11
C SER A 105 9.85 6.86 -6.95
N ASP A 106 10.25 8.03 -7.42
CA ASP A 106 9.42 8.84 -8.32
C ASP A 106 9.45 8.29 -9.77
N TRP A 107 10.12 7.16 -9.96
CA TRP A 107 10.27 6.56 -11.31
C TRP A 107 11.13 7.33 -12.32
N ARG A 108 11.81 8.40 -11.91
CA ARG A 108 12.73 9.13 -12.79
C ARG A 108 14.14 8.44 -12.76
N LEU A 109 14.87 8.46 -13.88
CA LEU A 109 16.25 7.92 -13.97
C LEU A 109 17.25 8.47 -12.92
N LEU A 110 17.72 7.62 -12.03
CA LEU A 110 18.74 8.01 -11.08
C LEU A 110 20.14 7.85 -11.69
N ARG A 111 20.31 6.82 -12.52
CA ARG A 111 21.63 6.49 -13.00
C ARG A 111 21.61 5.40 -14.08
N GLY A 112 22.42 5.58 -15.12
CA GLY A 112 22.62 4.53 -16.12
C GLY A 112 23.90 3.74 -15.92
N TYR A 113 23.94 2.49 -16.41
CA TYR A 113 25.10 1.63 -16.30
C TYR A 113 25.45 0.96 -17.59
N LEU A 114 26.76 0.95 -17.88
CA LEU A 114 27.28 0.33 -19.06
C LEU A 114 28.74 -0.05 -18.75
N GLN A 115 29.04 -1.33 -18.63
CA GLN A 115 30.34 -1.81 -18.11
C GLN A 115 30.68 -3.12 -18.79
N PHE A 116 31.96 -3.27 -19.06
CA PHE A 116 32.45 -4.47 -19.71
C PHE A 116 33.61 -5.04 -18.91
N ALA A 117 33.72 -6.36 -18.96
CA ALA A 117 34.87 -7.04 -18.42
C ALA A 117 35.42 -8.03 -19.41
N TYR A 118 36.75 -8.07 -19.47
CA TYR A 118 37.42 -9.14 -20.17
C TYR A 118 38.25 -10.08 -19.20
N GLU A 119 38.09 -11.39 -19.37
CA GLU A 119 38.72 -12.45 -18.52
C GLU A 119 38.27 -12.12 -17.08
N GLY A 120 37.06 -11.63 -16.87
CA GLY A 120 36.62 -11.38 -15.51
C GLY A 120 37.04 -10.10 -14.81
N ARG A 121 37.68 -9.25 -15.59
CA ARG A 121 38.30 -8.04 -15.09
C ARG A 121 37.82 -6.80 -15.88
N ASP A 122 37.75 -5.69 -15.21
CA ASP A 122 37.24 -4.42 -15.70
C ASP A 122 38.03 -4.08 -16.93
N TYR A 123 37.31 -3.90 -18.04
CA TYR A 123 37.95 -3.58 -19.33
C TYR A 123 37.58 -2.11 -19.63
N ILE A 124 36.29 -1.77 -19.85
CA ILE A 124 35.93 -0.33 -20.04
C ILE A 124 34.46 -0.18 -19.48
N ALA A 125 34.15 1.01 -19.03
CA ALA A 125 32.91 1.28 -18.42
C ALA A 125 32.60 2.74 -18.82
N LEU A 126 31.31 3.03 -18.93
CA LEU A 126 30.81 4.37 -19.22
C LEU A 126 30.66 5.07 -17.87
N ASN A 127 31.17 6.28 -17.74
CA ASN A 127 31.05 6.98 -16.44
C ASN A 127 29.62 7.43 -16.14
N GLU A 128 29.36 7.88 -14.92
CA GLU A 128 28.02 8.24 -14.53
C GLU A 128 27.45 9.40 -15.41
N ASP A 129 28.32 10.29 -15.85
CA ASP A 129 27.95 11.40 -16.71
C ASP A 129 27.37 10.89 -18.03
N LEU A 130 27.50 9.60 -18.28
CA LEU A 130 27.08 8.99 -19.55
C LEU A 130 27.68 9.72 -20.75
N LYS A 131 28.88 10.29 -20.54
CA LYS A 131 29.60 11.03 -21.55
C LYS A 131 31.06 10.57 -21.79
N THR A 132 31.75 10.23 -20.69
CA THR A 132 33.14 9.84 -20.76
C THR A 132 33.36 8.36 -20.33
N TRP A 133 34.50 7.79 -20.70
CA TRP A 133 34.80 6.38 -20.50
C TRP A 133 35.97 6.17 -19.49
N THR A 134 35.80 5.23 -18.57
CA THR A 134 36.93 4.67 -17.88
C THR A 134 37.40 3.35 -18.44
N ALA A 135 38.71 3.32 -18.73
CA ALA A 135 39.46 2.14 -19.17
C ALA A 135 40.89 2.15 -18.52
N ALA A 136 41.17 1.16 -17.70
CA ALA A 136 42.47 1.18 -17.00
C ALA A 136 43.57 0.68 -17.92
N ASP A 137 43.35 -0.47 -18.52
CA ASP A 137 44.42 -1.20 -19.18
C ASP A 137 45.03 -0.46 -20.36
N MET A 138 46.36 -0.55 -20.52
CA MET A 138 47.00 -0.09 -21.69
C MET A 138 46.27 -0.63 -22.98
N ALA A 139 45.99 -1.93 -23.02
CA ALA A 139 45.35 -2.56 -24.18
C ALA A 139 43.97 -1.94 -24.40
N ALA A 140 43.25 -1.64 -23.30
CA ALA A 140 41.89 -1.10 -23.34
C ALA A 140 41.79 0.32 -23.96
N GLN A 141 42.93 1.02 -24.05
CA GLN A 141 42.96 2.41 -24.57
C GLN A 141 42.62 2.47 -26.06
N ILE A 142 43.04 1.44 -26.80
CA ILE A 142 42.64 1.29 -28.20
C ILE A 142 41.08 1.34 -28.35
N THR A 143 40.35 0.58 -27.55
CA THR A 143 38.92 0.69 -27.51
C THR A 143 38.35 2.03 -27.08
N ARG A 144 38.88 2.60 -26.02
CA ARG A 144 38.41 3.90 -25.57
C ARG A 144 38.52 4.95 -26.71
N ARG A 145 39.68 5.06 -27.34
CA ARG A 145 39.87 6.01 -28.46
C ARG A 145 38.92 5.65 -29.60
N LYS A 146 38.81 4.38 -29.95
CA LYS A 146 37.89 3.95 -30.99
C LYS A 146 36.46 4.43 -30.65
N TRP A 147 35.99 4.25 -29.41
CA TRP A 147 34.64 4.60 -29.06
C TRP A 147 34.41 6.10 -28.84
N GLU A 148 35.44 6.82 -28.41
CA GLU A 148 35.44 8.28 -28.37
C GLU A 148 35.34 8.87 -29.80
N GLN A 149 36.21 8.43 -30.68
CA GLN A 149 36.09 8.74 -32.12
C GLN A 149 34.70 8.49 -32.74
N SER A 150 34.03 7.40 -32.35
CA SER A 150 32.79 7.06 -33.05
C SER A 150 31.50 7.59 -32.38
N GLY A 151 31.66 8.41 -31.36
CA GLY A 151 30.54 8.85 -30.57
C GLY A 151 29.65 7.73 -29.99
N ALA A 152 30.24 6.58 -29.72
CA ALA A 152 29.53 5.49 -28.99
C ALA A 152 28.74 5.96 -27.72
N ALA A 153 29.33 6.82 -26.89
CA ALA A 153 28.65 7.19 -25.63
C ALA A 153 27.28 7.84 -25.83
N GLU A 154 27.16 8.79 -26.76
CA GLU A 154 25.88 9.46 -26.99
C GLU A 154 24.76 8.41 -27.29
N HIS A 155 25.11 7.38 -28.06
CA HIS A 155 24.16 6.34 -28.43
C HIS A 155 23.74 5.48 -27.25
N TYR A 156 24.72 5.00 -26.46
CA TYR A 156 24.41 4.30 -25.20
C TYR A 156 23.62 5.22 -24.27
N LYS A 157 24.03 6.48 -24.19
CA LYS A 157 23.35 7.41 -23.31
C LYS A 157 21.87 7.48 -23.74
N ALA A 158 21.62 7.49 -25.07
CA ALA A 158 20.22 7.60 -25.56
C ALA A 158 19.45 6.36 -25.17
N TYR A 159 20.10 5.18 -25.33
CA TYR A 159 19.48 3.92 -24.91
C TYR A 159 19.12 3.93 -23.43
N LEU A 160 20.02 4.48 -22.60
CA LEU A 160 19.86 4.35 -21.14
C LEU A 160 18.77 5.26 -20.63
N GLU A 161 18.79 6.51 -21.13
CA GLU A 161 17.86 7.51 -20.66
C GLU A 161 16.48 7.26 -21.29
N GLY A 162 16.42 6.57 -22.41
CA GLY A 162 15.17 6.48 -23.19
C GLY A 162 14.56 5.10 -23.09
N GLU A 163 14.89 4.24 -24.04
CA GLU A 163 14.42 2.86 -24.06
C GLU A 163 14.58 2.14 -22.74
N CYS A 164 15.75 2.20 -22.11
CA CYS A 164 15.88 1.46 -20.85
C CYS A 164 14.80 1.90 -19.84
N VAL A 165 14.73 3.20 -19.59
CA VAL A 165 13.72 3.77 -18.66
C VAL A 165 12.28 3.44 -19.13
N GLU A 166 12.00 3.67 -20.38
CA GLU A 166 10.64 3.48 -20.90
C GLU A 166 10.22 2.02 -20.77
N TRP A 167 11.04 1.06 -21.19
CA TRP A 167 10.63 -0.32 -21.04
C TRP A 167 10.55 -0.77 -19.57
N LEU A 168 11.42 -0.27 -18.69
CA LEU A 168 11.29 -0.65 -17.29
C LEU A 168 9.92 -0.21 -16.74
N HIS A 169 9.52 1.01 -17.04
CA HIS A 169 8.18 1.50 -16.64
C HIS A 169 7.10 0.48 -17.05
N ARG A 170 7.10 0.09 -18.32
CA ARG A 170 6.13 -0.87 -18.83
C ARG A 170 6.19 -2.16 -18.03
N TYR A 171 7.40 -2.68 -17.79
CA TYR A 171 7.53 -3.95 -17.05
C TYR A 171 6.96 -3.80 -15.62
N LEU A 172 7.13 -2.62 -15.03
CA LEU A 172 6.83 -2.46 -13.63
C LEU A 172 5.31 -2.48 -13.52
N LYS A 173 4.65 -1.92 -14.53
CA LYS A 173 3.21 -2.00 -14.57
C LYS A 173 2.80 -3.48 -14.76
N ASN A 174 3.36 -4.16 -15.76
CA ASN A 174 2.93 -5.53 -16.13
C ASN A 174 3.07 -6.59 -15.02
N GLY A 175 3.82 -6.29 -13.99
CA GLY A 175 4.04 -7.27 -12.95
C GLY A 175 3.91 -6.69 -11.55
N ASN A 176 2.81 -6.00 -11.23
CA ASN A 176 2.84 -5.08 -10.08
C ASN A 176 2.91 -5.66 -8.65
N ALA A 177 2.36 -6.84 -8.41
CA ALA A 177 2.46 -7.45 -7.08
C ALA A 177 3.60 -8.49 -6.98
N THR A 178 4.33 -8.70 -8.08
CA THR A 178 5.44 -9.67 -8.13
C THR A 178 6.78 -9.01 -7.83
N LEU A 179 6.81 -7.67 -7.90
CA LEU A 179 8.02 -6.90 -7.66
C LEU A 179 7.84 -5.97 -6.45
N LEU A 180 6.60 -5.55 -6.22
CA LEU A 180 6.25 -4.64 -5.12
C LEU A 180 6.52 -5.26 -3.75
N ARG A 181 6.91 -6.53 -3.73
CA ARG A 181 6.93 -7.28 -2.49
C ARG A 181 8.33 -7.67 -1.98
N THR A 182 8.46 -7.65 -0.66
CA THR A 182 9.61 -8.18 0.02
C THR A 182 9.05 -9.19 0.99
N ASP A 183 9.87 -10.18 1.34
CA ASP A 183 9.57 -11.03 2.48
C ASP A 183 10.48 -10.71 3.65
N SER A 184 9.87 -10.38 4.79
CA SER A 184 10.64 -10.21 6.03
C SER A 184 11.36 -11.51 6.49
N PRO A 185 12.47 -11.36 7.19
CA PRO A 185 13.19 -12.53 7.73
C PRO A 185 12.53 -13.09 8.97
N LYS A 186 12.35 -14.42 9.03
CA LYS A 186 12.05 -15.08 10.29
C LYS A 186 13.34 -15.55 10.95
N ALA A 187 13.57 -15.11 12.18
CA ALA A 187 14.84 -15.31 12.86
C ALA A 187 14.67 -16.11 14.15
N HIS A 188 15.64 -16.98 14.41
CA HIS A 188 15.68 -17.74 15.63
C HIS A 188 17.15 -18.04 15.97
N VAL A 189 17.44 -18.26 17.26
CA VAL A 189 18.80 -18.59 17.71
C VAL A 189 18.89 -20.04 18.18
N THR A 190 19.83 -20.81 17.62
CA THR A 190 20.06 -22.19 18.06
C THR A 190 21.31 -22.29 18.94
N HIS A 191 21.42 -23.38 19.69
CA HIS A 191 22.40 -23.54 20.75
C HIS A 191 23.21 -24.78 20.46
N HIS A 192 24.53 -24.65 20.44
CA HIS A 192 25.40 -25.80 20.20
C HIS A 192 26.50 -25.92 21.24
N PRO A 193 26.65 -27.11 21.84
CA PRO A 193 27.74 -27.35 22.79
C PRO A 193 29.09 -27.03 22.17
N ARG A 194 30.11 -26.85 22.99
CA ARG A 194 31.46 -26.59 22.49
C ARG A 194 32.55 -27.00 23.52
N SER A 195 33.73 -26.39 23.39
CA SER A 195 34.83 -26.64 24.29
C SER A 195 34.35 -26.50 25.71
N LYS A 196 35.11 -27.02 26.66
CA LYS A 196 34.68 -26.97 28.04
C LYS A 196 34.17 -25.57 28.38
N GLY A 197 32.94 -25.52 28.91
CA GLY A 197 32.35 -24.30 29.44
C GLY A 197 32.05 -23.23 28.41
N GLU A 198 31.84 -23.63 27.16
CA GLU A 198 31.56 -22.69 26.09
C GLU A 198 30.54 -23.20 25.07
N VAL A 199 29.67 -22.31 24.61
CA VAL A 199 28.66 -22.71 23.66
C VAL A 199 28.62 -21.74 22.48
N THR A 200 28.31 -22.26 21.30
CA THR A 200 28.13 -21.45 20.11
C THR A 200 26.66 -21.09 19.99
N LEU A 201 26.40 -19.79 19.93
CA LEU A 201 25.08 -19.29 19.64
C LEU A 201 24.94 -18.91 18.18
N ARG A 202 23.99 -19.53 17.49
CA ARG A 202 23.79 -19.31 16.05
C ARG A 202 22.46 -18.60 15.78
N CYS A 203 22.52 -17.32 15.42
CA CYS A 203 21.34 -16.56 14.99
C CYS A 203 21.01 -16.75 13.49
N TRP A 204 19.87 -17.36 13.21
CA TRP A 204 19.46 -17.68 11.87
C TRP A 204 18.43 -16.65 11.33
N ALA A 205 18.56 -16.27 10.06
CA ALA A 205 17.50 -15.48 9.41
C ALA A 205 17.06 -16.26 8.21
N LEU A 206 15.77 -16.51 8.13
CA LEU A 206 15.28 -17.40 7.10
C LEU A 206 14.14 -16.74 6.35
N GLY A 207 13.90 -17.20 5.12
CA GLY A 207 12.70 -16.81 4.39
C GLY A 207 12.60 -15.36 3.93
N PHE A 208 13.74 -14.68 3.78
CA PHE A 208 13.71 -13.27 3.39
C PHE A 208 14.01 -13.01 1.90
N TYR A 209 13.47 -11.90 1.45
CA TYR A 209 13.74 -11.40 0.11
C TYR A 209 13.53 -9.90 0.17
N PRO A 210 14.40 -9.12 -0.47
CA PRO A 210 15.59 -9.45 -1.27
C PRO A 210 16.74 -9.95 -0.39
N ALA A 211 17.90 -10.24 -0.99
CA ALA A 211 18.93 -10.95 -0.28
C ALA A 211 19.64 -10.06 0.76
N ASP A 212 19.65 -8.74 0.55
CA ASP A 212 20.48 -7.85 1.43
C ASP A 212 19.94 -7.88 2.87
N ILE A 213 20.82 -8.12 3.82
CA ILE A 213 20.41 -8.29 5.21
C ILE A 213 21.64 -8.06 6.05
N THR A 214 21.48 -7.71 7.31
CA THR A 214 22.62 -7.56 8.20
C THR A 214 22.33 -8.23 9.56
N LEU A 215 23.26 -9.07 10.01
CA LEU A 215 23.18 -9.73 11.31
C LEU A 215 24.30 -9.25 12.22
N THR A 216 23.95 -8.99 13.47
CA THR A 216 24.89 -8.53 14.48
C THR A 216 24.64 -9.15 15.85
N TRP A 217 25.67 -9.22 16.68
CA TRP A 217 25.53 -9.68 18.05
C TRP A 217 26.08 -8.62 19.00
N GLN A 218 25.44 -8.44 20.14
CA GLN A 218 25.88 -7.43 21.10
C GLN A 218 25.98 -7.99 22.52
N LEU A 219 27.08 -7.70 23.20
CA LEU A 219 27.18 -8.02 24.61
C LEU A 219 26.65 -6.90 25.46
N ASN A 220 25.37 -6.61 25.30
CA ASN A 220 24.76 -5.41 25.81
C ASN A 220 24.94 -3.97 25.34
N GLY A 221 24.96 -3.80 24.03
CA GLY A 221 25.40 -2.58 23.40
C GLY A 221 26.61 -2.70 22.49
N GLU A 222 27.58 -3.49 22.88
CA GLU A 222 28.81 -3.55 22.12
C GLU A 222 28.73 -4.57 21.03
N GLU A 223 28.75 -4.12 19.79
CA GLU A 223 28.79 -5.01 18.65
C GLU A 223 30.09 -5.82 18.68
N LEU A 224 30.20 -6.80 17.79
CA LEU A 224 31.33 -7.72 17.80
C LEU A 224 31.92 -8.06 16.41
N THR A 225 33.02 -7.39 16.06
CA THR A 225 33.83 -7.80 14.91
C THR A 225 34.77 -8.92 15.34
N GLN A 226 34.88 -9.09 16.65
CA GLN A 226 35.75 -10.09 17.25
C GLN A 226 35.52 -11.59 17.00
N ASP A 227 36.08 -12.07 15.90
CA ASP A 227 35.84 -13.44 15.47
C ASP A 227 34.38 -13.87 15.64
N MET A 228 33.45 -13.03 15.20
CA MET A 228 32.08 -13.48 15.02
C MET A 228 32.08 -14.28 13.73
N GLU A 229 31.33 -15.38 13.69
CA GLU A 229 31.36 -16.28 12.54
C GLU A 229 30.10 -16.04 11.73
N LEU A 230 30.20 -16.07 10.42
CA LEU A 230 28.99 -16.04 9.64
C LEU A 230 29.10 -16.89 8.37
N VAL A 231 28.05 -16.87 7.56
CA VAL A 231 28.10 -17.45 6.24
C VAL A 231 27.59 -16.41 5.24
N GLU A 232 28.05 -16.52 4.00
CA GLU A 232 27.58 -15.66 2.96
C GLU A 232 26.08 -15.92 2.77
N THR A 233 25.32 -14.85 2.60
CA THR A 233 23.93 -15.00 2.19
C THR A 233 23.76 -15.93 0.98
N ARG A 234 22.82 -16.86 1.14
CA ARG A 234 22.60 -17.98 0.19
C ARG A 234 21.09 -18.16 -0.16
N PRO A 235 20.78 -18.59 -1.38
CA PRO A 235 19.40 -18.93 -1.73
C PRO A 235 18.85 -20.25 -1.12
N ALA A 236 17.68 -20.16 -0.50
CA ALA A 236 16.90 -21.33 -0.11
C ALA A 236 16.58 -22.22 -1.35
N GLY A 237 16.49 -21.58 -2.51
CA GLY A 237 16.24 -22.27 -3.76
C GLY A 237 14.75 -22.19 -4.14
N ASP A 238 13.97 -21.54 -3.25
CA ASP A 238 12.52 -21.33 -3.41
C ASP A 238 12.28 -19.82 -3.65
N GLY A 239 13.35 -19.06 -3.85
CA GLY A 239 13.30 -17.62 -4.07
C GLY A 239 13.54 -16.77 -2.83
N THR A 240 13.59 -17.35 -1.63
CA THR A 240 14.07 -16.59 -0.45
C THR A 240 15.57 -16.83 -0.23
N PHE A 241 16.10 -16.23 0.81
CA PHE A 241 17.48 -16.39 1.18
C PHE A 241 17.65 -16.77 2.66
N GLN A 242 18.84 -17.30 2.99
CA GLN A 242 19.25 -17.71 4.34
C GLN A 242 20.54 -16.98 4.68
N LYS A 243 20.76 -16.77 5.98
CA LYS A 243 22.03 -16.33 6.52
C LYS A 243 22.09 -16.62 8.01
N TRP A 244 23.27 -16.98 8.55
CA TRP A 244 23.41 -17.06 10.01
C TRP A 244 24.69 -16.35 10.47
N ALA A 245 24.67 -15.88 11.71
CA ALA A 245 25.84 -15.41 12.44
C ALA A 245 25.87 -16.10 13.80
N SER A 246 27.03 -16.60 14.19
CA SER A 246 27.22 -17.30 15.46
C SER A 246 28.33 -16.66 16.28
N VAL A 247 28.37 -16.92 17.58
CA VAL A 247 29.47 -16.45 18.41
C VAL A 247 29.72 -17.43 19.55
N VAL A 248 30.93 -17.41 20.12
CA VAL A 248 31.24 -18.23 21.29
C VAL A 248 30.99 -17.51 22.61
N VAL A 249 30.30 -18.20 23.52
CA VAL A 249 29.72 -17.60 24.71
C VAL A 249 29.91 -18.48 25.95
N PRO A 250 30.43 -17.90 27.06
CA PRO A 250 30.60 -18.63 28.32
C PRO A 250 29.31 -19.32 28.78
N LEU A 251 29.28 -20.65 28.70
CA LEU A 251 28.11 -21.43 29.11
C LEU A 251 27.59 -20.94 30.45
N GLY A 252 26.35 -20.46 30.45
CA GLY A 252 25.76 -19.88 31.64
C GLY A 252 25.90 -18.43 32.07
N LYS A 253 26.74 -17.69 31.36
CA LYS A 253 26.74 -16.27 31.06
C LYS A 253 26.33 -16.07 29.62
N GLU A 254 25.27 -16.76 29.21
CA GLU A 254 24.84 -16.74 27.81
C GLU A 254 23.74 -15.74 27.59
N GLN A 255 22.91 -15.55 28.60
CA GLN A 255 21.78 -14.63 28.50
C GLN A 255 22.16 -13.19 28.24
N ASN A 256 23.46 -12.89 28.25
CA ASN A 256 23.94 -11.52 28.11
C ASN A 256 24.13 -11.11 26.66
N TYR A 257 23.60 -11.96 25.77
CA TYR A 257 23.89 -11.90 24.34
C TYR A 257 22.61 -11.73 23.48
N THR A 258 22.51 -10.62 22.76
CA THR A 258 21.38 -10.42 21.84
C THR A 258 21.80 -10.24 20.36
N CYS A 259 21.06 -10.90 19.49
CA CYS A 259 21.17 -10.78 18.04
C CYS A 259 20.25 -9.67 17.46
N ARG A 260 20.68 -9.00 16.40
CA ARG A 260 19.79 -8.09 15.67
C ARG A 260 19.79 -8.41 14.16
N VAL A 261 18.63 -8.24 13.55
CA VAL A 261 18.44 -8.53 12.13
C VAL A 261 17.90 -7.26 11.46
N TYR A 262 18.66 -6.77 10.47
CA TYR A 262 18.33 -5.57 9.70
C TYR A 262 17.98 -5.95 8.29
N HIS A 263 16.81 -5.53 7.87
CA HIS A 263 16.31 -5.92 6.58
C HIS A 263 15.23 -4.96 6.16
N GLU A 264 15.15 -4.68 4.87
CA GLU A 264 14.22 -3.66 4.41
C GLU A 264 12.76 -4.01 4.74
N GLY A 265 12.44 -5.30 4.69
CA GLY A 265 11.08 -5.77 4.82
C GLY A 265 10.58 -5.72 6.24
N LEU A 266 11.36 -5.12 7.13
CA LEU A 266 11.06 -5.18 8.56
C LEU A 266 10.43 -3.87 8.99
N PRO A 267 9.37 -3.92 9.83
CA PRO A 267 8.86 -2.68 10.42
C PRO A 267 9.97 -1.92 11.13
N GLU A 268 10.86 -2.69 11.73
CA GLU A 268 12.07 -2.15 12.33
C GLU A 268 12.97 -3.35 12.66
N PRO A 269 14.23 -3.09 13.03
CA PRO A 269 15.16 -4.22 13.21
C PRO A 269 14.70 -5.20 14.31
N LEU A 270 15.01 -6.49 14.17
CA LEU A 270 14.64 -7.47 15.18
C LEU A 270 15.68 -7.57 16.27
N THR A 271 15.22 -7.88 17.48
CA THR A 271 16.09 -8.26 18.59
C THR A 271 15.69 -9.65 19.09
N LEU A 272 16.69 -10.52 19.21
CA LEU A 272 16.50 -11.94 19.49
C LEU A 272 17.54 -12.39 20.51
N ARG A 273 17.25 -13.48 21.23
CA ARG A 273 18.16 -14.02 22.24
C ARG A 273 17.82 -15.49 22.47
N TRP A 274 18.62 -16.25 23.22
CA TRP A 274 18.29 -17.67 23.41
C TRP A 274 16.88 -17.83 23.97
N ILE B 1 42.41 -14.43 -15.33
CA ILE B 1 42.99 -15.23 -14.17
C ILE B 1 41.91 -15.96 -13.36
N GLN B 2 42.29 -17.12 -12.83
CA GLN B 2 41.33 -18.02 -12.17
C GLN B 2 40.86 -17.50 -10.79
N LYS B 3 39.55 -17.63 -10.50
CA LYS B 3 39.05 -17.34 -9.16
C LYS B 3 38.52 -18.68 -8.59
N THR B 4 38.93 -19.06 -7.37
CA THR B 4 38.52 -20.38 -6.84
C THR B 4 37.12 -20.32 -6.19
N PRO B 5 36.30 -21.31 -6.52
CA PRO B 5 34.91 -21.50 -6.06
C PRO B 5 34.79 -21.43 -4.53
N GLN B 6 33.91 -20.61 -3.98
CA GLN B 6 33.50 -20.75 -2.60
C GLN B 6 32.30 -21.69 -2.59
N ILE B 7 32.16 -22.55 -1.58
CA ILE B 7 31.18 -23.63 -1.60
C ILE B 7 30.43 -23.64 -0.27
N GLN B 8 29.11 -23.71 -0.36
CA GLN B 8 28.24 -23.91 0.79
C GLN B 8 27.29 -25.05 0.47
N VAL B 9 27.10 -25.92 1.43
CA VAL B 9 26.27 -27.10 1.28
C VAL B 9 25.34 -26.99 2.45
N TYR B 10 24.04 -27.08 2.22
CA TYR B 10 23.02 -26.78 3.25
C TYR B 10 21.62 -27.16 2.74
N SER B 11 20.68 -27.29 3.66
CA SER B 11 19.31 -27.69 3.29
C SER B 11 18.37 -26.47 3.07
N ARG B 12 17.32 -26.66 2.29
CA ARG B 12 16.34 -25.61 2.10
C ARG B 12 15.57 -25.36 3.39
N HIS B 13 15.03 -26.42 3.97
CA HIS B 13 14.28 -26.29 5.21
C HIS B 13 15.10 -26.85 6.36
N PRO B 14 14.84 -26.37 7.60
CA PRO B 14 15.56 -26.96 8.74
C PRO B 14 15.41 -28.48 8.75
N PRO B 15 16.54 -29.20 8.88
CA PRO B 15 16.56 -30.64 8.67
C PRO B 15 15.91 -31.33 9.83
N GLU B 16 15.21 -32.42 9.52
CA GLU B 16 14.52 -33.26 10.47
C GLU B 16 14.76 -34.65 9.95
N ASN B 17 15.35 -35.49 10.76
CA ASN B 17 15.62 -36.83 10.30
C ASN B 17 14.33 -37.47 9.86
N GLY B 18 14.35 -38.02 8.66
CA GLY B 18 13.23 -38.76 8.12
C GLY B 18 12.28 -37.89 7.31
N LYS B 19 12.47 -36.57 7.40
CA LYS B 19 11.62 -35.63 6.64
C LYS B 19 12.23 -35.24 5.30
N PRO B 20 11.45 -35.44 4.24
CA PRO B 20 11.86 -34.98 2.92
C PRO B 20 12.25 -33.49 2.90
N ASN B 21 13.28 -33.20 2.13
CA ASN B 21 13.86 -31.87 2.14
C ASN B 21 14.61 -31.66 0.82
N ILE B 22 15.30 -30.53 0.69
CA ILE B 22 16.14 -30.26 -0.46
C ILE B 22 17.55 -29.85 -0.03
N LEU B 23 18.57 -30.42 -0.67
CA LEU B 23 19.98 -30.14 -0.33
C LEU B 23 20.61 -29.25 -1.43
N ASN B 24 21.03 -28.09 -1.00
CA ASN B 24 21.76 -27.18 -1.88
C ASN B 24 23.30 -27.26 -1.81
N CYS B 25 23.94 -27.15 -2.95
CA CYS B 25 25.32 -26.84 -3.08
C CYS B 25 25.49 -25.53 -3.83
N TYR B 26 25.70 -24.48 -3.07
CA TYR B 26 25.83 -23.15 -3.63
C TYR B 26 27.33 -22.84 -3.88
N VAL B 27 27.76 -22.85 -5.15
CA VAL B 27 29.09 -22.49 -5.59
C VAL B 27 29.19 -21.05 -6.20
N THR B 28 30.08 -20.27 -5.59
CA THR B 28 30.14 -18.83 -5.90
C THR B 28 31.56 -18.32 -6.19
N GLN B 29 31.65 -17.11 -6.71
CA GLN B 29 32.87 -16.39 -6.83
C GLN B 29 33.89 -17.11 -7.70
N PHE B 30 33.50 -17.88 -8.70
CA PHE B 30 34.50 -18.55 -9.51
C PHE B 30 34.64 -18.00 -10.93
N HIS B 31 35.77 -18.26 -11.55
CA HIS B 31 36.08 -17.89 -12.90
C HIS B 31 37.24 -18.70 -13.41
N PRO B 32 37.19 -19.17 -14.64
CA PRO B 32 36.22 -19.03 -15.70
C PRO B 32 34.94 -19.81 -15.35
N PRO B 33 33.85 -19.59 -16.11
CA PRO B 33 32.52 -20.12 -15.75
C PRO B 33 32.42 -21.63 -15.88
N HIS B 34 33.23 -22.26 -16.72
CA HIS B 34 33.18 -23.72 -16.81
C HIS B 34 33.42 -24.39 -15.45
N ILE B 35 32.57 -25.33 -15.03
CA ILE B 35 32.67 -25.94 -13.68
C ILE B 35 31.89 -27.25 -13.59
N GLU B 36 32.39 -28.24 -12.83
CA GLU B 36 31.64 -29.50 -12.62
C GLU B 36 31.33 -29.68 -11.15
N ILE B 37 30.06 -29.85 -10.82
CA ILE B 37 29.58 -29.98 -9.46
C ILE B 37 28.86 -31.33 -9.33
N GLN B 38 29.30 -32.18 -8.38
CA GLN B 38 28.58 -33.40 -8.06
C GLN B 38 28.05 -33.32 -6.64
N MET B 39 26.88 -33.90 -6.39
CA MET B 39 26.41 -34.13 -5.04
C MET B 39 26.48 -35.63 -4.71
N LEU B 40 26.92 -35.92 -3.48
CA LEU B 40 27.23 -37.28 -3.04
C LEU B 40 26.47 -37.64 -1.78
N LYS B 41 25.96 -38.86 -1.77
CA LYS B 41 25.34 -39.45 -0.59
C LYS B 41 26.17 -40.70 -0.24
N ASN B 42 26.76 -40.69 0.94
CA ASN B 42 27.67 -41.73 1.33
C ASN B 42 28.65 -42.08 0.25
N GLY B 43 29.13 -41.02 -0.37
CA GLY B 43 30.32 -41.07 -1.23
C GLY B 43 29.98 -41.56 -2.61
N LYS B 44 28.68 -41.75 -2.85
CA LYS B 44 28.20 -42.11 -4.18
C LYS B 44 27.44 -40.98 -4.88
N LYS B 45 27.91 -40.65 -6.08
CA LYS B 45 27.25 -39.63 -6.88
C LYS B 45 25.69 -39.81 -6.88
N ILE B 46 25.00 -38.77 -6.47
CA ILE B 46 23.56 -38.72 -6.47
C ILE B 46 23.00 -38.47 -7.93
N PRO B 47 22.10 -39.33 -8.42
CA PRO B 47 21.72 -39.37 -9.84
C PRO B 47 21.22 -38.05 -10.45
N LYS B 48 20.12 -37.53 -9.95
CA LYS B 48 19.45 -36.49 -10.73
C LYS B 48 19.53 -35.17 -9.99
N VAL B 49 20.67 -34.53 -10.15
CA VAL B 49 20.92 -33.29 -9.50
C VAL B 49 20.58 -32.16 -10.45
N GLU B 50 19.73 -31.23 -10.01
CA GLU B 50 19.42 -30.03 -10.79
C GLU B 50 20.50 -28.92 -10.63
N MET B 51 20.81 -28.28 -11.73
CA MET B 51 21.79 -27.23 -11.83
C MET B 51 21.11 -25.89 -12.31
N SER B 52 21.21 -24.78 -11.57
CA SER B 52 20.72 -23.52 -12.08
C SER B 52 21.52 -23.12 -13.36
N ASP B 53 21.00 -22.16 -14.13
CA ASP B 53 21.70 -21.65 -15.30
C ASP B 53 22.83 -20.61 -14.97
N MET B 54 23.88 -20.58 -15.78
CA MET B 54 25.00 -19.64 -15.65
C MET B 54 24.50 -18.22 -15.34
N SER B 55 24.93 -17.71 -14.18
CA SER B 55 24.78 -16.29 -13.87
C SER B 55 26.06 -15.74 -13.30
N PHE B 56 26.15 -14.42 -13.31
CA PHE B 56 27.32 -13.81 -12.69
C PHE B 56 26.95 -12.62 -11.91
N SER B 57 27.85 -12.22 -11.00
CA SER B 57 27.51 -11.13 -10.05
C SER B 57 28.12 -9.85 -10.52
N LYS B 58 27.84 -8.75 -9.82
CA LYS B 58 28.31 -7.43 -10.24
C LYS B 58 29.82 -7.30 -10.16
N ASP B 59 30.46 -8.20 -9.43
CA ASP B 59 31.94 -8.25 -9.40
C ASP B 59 32.47 -9.13 -10.54
N TRP B 60 31.56 -9.58 -11.41
CA TRP B 60 31.90 -10.31 -12.65
C TRP B 60 32.07 -11.79 -12.38
N SER B 61 32.11 -12.21 -11.09
CA SER B 61 32.32 -13.65 -10.79
C SER B 61 31.04 -14.46 -11.02
N PHE B 62 31.17 -15.70 -11.46
CA PHE B 62 30.05 -16.59 -11.71
C PHE B 62 29.63 -17.35 -10.43
N TYR B 63 28.40 -17.84 -10.49
CA TYR B 63 27.78 -18.61 -9.39
C TYR B 63 26.68 -19.57 -9.87
N ILE B 64 26.47 -20.64 -9.13
CA ILE B 64 25.63 -21.74 -9.53
C ILE B 64 25.09 -22.34 -8.25
N LEU B 65 23.82 -22.69 -8.33
CA LEU B 65 23.11 -23.44 -7.29
C LEU B 65 22.77 -24.82 -7.80
N ALA B 66 23.42 -25.86 -7.25
CA ALA B 66 22.99 -27.24 -7.48
C ALA B 66 22.16 -27.63 -6.32
N HIS B 67 21.16 -28.47 -6.55
CA HIS B 67 20.24 -28.88 -5.50
C HIS B 67 19.60 -30.25 -5.83
N THR B 68 19.04 -30.91 -4.82
CA THR B 68 18.49 -32.25 -5.03
C THR B 68 17.64 -32.69 -3.84
N GLU B 69 16.66 -33.55 -4.11
CA GLU B 69 15.79 -34.04 -3.06
C GLU B 69 16.60 -34.98 -2.21
N PHE B 70 16.43 -34.89 -0.90
CA PHE B 70 17.06 -35.83 0.03
C PHE B 70 16.29 -35.93 1.31
N THR B 71 16.45 -37.05 1.99
CA THR B 71 15.91 -37.19 3.32
C THR B 71 17.06 -37.40 4.30
N PRO B 72 17.36 -36.36 5.09
CA PRO B 72 18.37 -36.62 6.13
C PRO B 72 18.01 -37.83 7.05
N THR B 73 19.06 -38.52 7.52
CA THR B 73 19.00 -39.56 8.55
C THR B 73 20.20 -39.35 9.51
N GLU B 74 20.27 -40.14 10.58
CA GLU B 74 21.41 -40.08 11.50
C GLU B 74 22.75 -40.31 10.84
N THR B 75 22.75 -41.19 9.85
CA THR B 75 23.94 -41.94 9.50
C THR B 75 24.51 -41.59 8.12
N ASP B 76 23.63 -41.17 7.20
CA ASP B 76 23.96 -40.75 5.83
C ASP B 76 24.80 -39.51 5.83
N THR B 77 25.93 -39.51 5.12
CA THR B 77 26.68 -38.27 4.96
C THR B 77 26.44 -37.76 3.55
N TYR B 78 26.14 -36.46 3.45
CA TYR B 78 26.00 -35.76 2.20
C TYR B 78 27.21 -34.81 1.93
N ALA B 79 27.59 -34.73 0.67
CA ALA B 79 28.68 -33.82 0.32
C ALA B 79 28.57 -33.27 -1.11
N CYS B 80 29.16 -32.11 -1.32
CA CYS B 80 29.28 -31.54 -2.62
C CYS B 80 30.73 -31.59 -3.05
N ARG B 81 30.96 -32.05 -4.27
CA ARG B 81 32.29 -32.15 -4.83
C ARG B 81 32.38 -31.28 -6.10
N VAL B 82 33.27 -30.29 -6.08
CA VAL B 82 33.40 -29.34 -7.16
C VAL B 82 34.75 -29.51 -7.79
N LYS B 83 34.76 -29.77 -9.09
CA LYS B 83 35.95 -29.63 -9.95
C LYS B 83 36.00 -28.31 -10.75
N HIS B 84 37.08 -27.56 -10.63
CA HIS B 84 37.28 -26.32 -11.37
C HIS B 84 38.77 -26.13 -11.74
N ASP B 85 39.04 -25.51 -12.90
CA ASP B 85 40.41 -25.26 -13.33
C ASP B 85 41.27 -24.60 -12.23
N SER B 86 40.67 -23.82 -11.33
CA SER B 86 41.44 -23.11 -10.32
C SER B 86 42.03 -24.05 -9.28
N MET B 87 41.57 -25.29 -9.23
CA MET B 87 42.02 -26.18 -8.21
C MET B 87 42.64 -27.36 -8.85
N ALA B 88 43.76 -27.86 -8.27
CA ALA B 88 44.43 -29.05 -8.78
C ALA B 88 43.53 -30.28 -8.75
N GLU B 89 42.86 -30.50 -7.63
CA GLU B 89 42.01 -31.67 -7.47
C GLU B 89 40.65 -31.19 -7.04
N PRO B 90 39.64 -32.07 -7.15
CA PRO B 90 38.30 -31.75 -6.73
C PRO B 90 38.23 -31.41 -5.26
N LYS B 91 37.40 -30.41 -4.94
CA LYS B 91 37.13 -30.04 -3.57
C LYS B 91 35.80 -30.61 -3.09
N THR B 92 35.84 -31.35 -1.96
CA THR B 92 34.66 -31.96 -1.36
C THR B 92 34.24 -31.16 -0.16
N VAL B 93 32.98 -30.74 -0.03
CA VAL B 93 32.58 -30.25 1.30
C VAL B 93 31.30 -30.92 1.83
N TYR B 94 31.32 -31.23 3.12
CA TYR B 94 30.40 -32.17 3.71
C TYR B 94 29.33 -31.39 4.33
N TRP B 95 28.11 -31.94 4.28
CA TRP B 95 26.93 -31.27 4.80
C TRP B 95 26.98 -31.34 6.31
N ASP B 96 26.80 -30.19 6.89
CA ASP B 96 26.77 -30.02 8.32
C ASP B 96 25.38 -29.48 8.62
N ARG B 97 24.53 -30.32 9.19
CA ARG B 97 23.16 -29.94 9.55
C ARG B 97 23.01 -28.75 10.51
N ASP B 98 24.06 -28.38 11.22
CA ASP B 98 23.94 -27.21 12.06
C ASP B 98 24.32 -25.89 11.36
N MET B 99 24.59 -25.93 10.05
CA MET B 99 25.12 -24.74 9.35
C MET B 99 24.56 -24.47 7.94
N GLY C 1 11.78 2.19 2.83
CA GLY C 1 11.62 3.40 3.69
C GLY C 1 12.88 3.84 4.44
N PRO C 2 13.71 4.69 3.79
CA PRO C 2 14.91 5.32 4.36
C PRO C 2 14.57 6.50 5.27
N HIS C 3 15.47 6.82 6.19
CA HIS C 3 15.23 7.90 7.15
C HIS C 3 16.52 8.67 7.33
N SER C 4 16.43 9.80 8.02
CA SER C 4 17.59 10.64 8.25
C SER C 4 17.30 11.52 9.46
N MET C 5 18.38 12.04 10.05
CA MET C 5 18.28 13.09 11.04
C MET C 5 19.35 14.14 10.82
N ARG C 6 19.05 15.42 11.05
CA ARG C 6 20.04 16.47 10.90
C ARG C 6 19.92 17.44 12.03
N TYR C 7 21.04 18.02 12.46
CA TYR C 7 20.97 19.24 13.25
C TYR C 7 21.69 20.29 12.44
N PHE C 8 21.00 21.45 12.25
CA PHE C 8 21.46 22.66 11.53
C PHE C 8 21.65 23.77 12.55
N GLU C 9 22.89 24.23 12.76
CA GLU C 9 23.09 25.18 13.81
C GLU C 9 23.79 26.27 13.23
N THR C 10 23.63 27.46 13.84
CA THR C 10 24.14 28.68 13.27
C THR C 10 24.56 29.60 14.32
N ALA C 11 25.72 30.25 14.17
CA ALA C 11 25.90 31.43 15.02
C ALA C 11 26.13 32.63 14.20
N VAL C 12 25.61 33.75 14.65
CA VAL C 12 25.61 34.95 13.84
C VAL C 12 25.99 36.11 14.69
N SER C 13 26.96 36.88 14.23
CA SER C 13 27.31 38.09 14.92
C SER C 13 26.94 39.29 14.01
N ARG C 14 26.70 40.46 14.59
CA ARG C 14 26.39 41.68 13.85
C ARG C 14 27.10 42.83 14.53
N PRO C 15 27.50 43.87 13.76
CA PRO C 15 28.47 44.91 14.14
C PRO C 15 28.42 45.37 15.59
N GLY C 16 27.23 45.78 16.05
CA GLY C 16 27.07 46.28 17.40
C GLY C 16 26.81 45.26 18.49
N LEU C 17 25.85 44.35 18.28
CA LEU C 17 25.48 43.36 19.30
C LEU C 17 26.71 42.84 20.02
N GLU C 18 26.59 42.61 21.31
CA GLU C 18 27.77 42.25 22.07
C GLU C 18 28.22 40.78 21.82
N GLU C 19 27.31 39.82 21.91
CA GLU C 19 27.68 38.45 21.58
C GLU C 19 26.77 37.82 20.49
N PRO C 20 27.24 36.75 19.84
CA PRO C 20 26.43 36.23 18.72
C PRO C 20 25.14 35.59 19.17
N ARG C 21 24.27 35.36 18.20
CA ARG C 21 23.07 34.63 18.49
C ARG C 21 23.31 33.21 17.99
N TYR C 22 22.76 32.25 18.70
CA TYR C 22 23.02 30.87 18.37
C TYR C 22 21.71 30.17 18.23
N ILE C 23 21.56 29.44 17.13
CA ILE C 23 20.32 28.78 16.86
C ILE C 23 20.62 27.38 16.39
N SER C 24 19.83 26.44 16.84
CA SER C 24 19.99 25.11 16.41
C SER C 24 18.65 24.54 16.05
N VAL C 25 18.58 23.87 14.90
CA VAL C 25 17.36 23.18 14.53
C VAL C 25 17.62 21.70 14.23
N GLY C 26 16.71 20.86 14.74
CA GLY C 26 16.76 19.42 14.59
C GLY C 26 15.68 18.95 13.62
N TYR C 27 16.00 17.96 12.77
CA TYR C 27 15.08 17.45 11.79
C TYR C 27 15.11 15.94 11.82
N VAL C 28 13.93 15.36 11.65
CA VAL C 28 13.80 13.94 11.37
C VAL C 28 13.07 13.77 10.05
N ASP C 29 13.69 13.02 9.17
CA ASP C 29 13.22 12.94 7.79
C ASP C 29 12.83 14.30 7.24
N ASN C 30 13.68 15.30 7.45
CA ASN C 30 13.53 16.60 6.75
C ASN C 30 12.41 17.44 7.30
N LYS C 31 11.95 17.04 8.49
CA LYS C 31 10.91 17.79 9.16
C LYS C 31 11.42 18.23 10.52
N GLU C 32 11.30 19.54 10.76
CA GLU C 32 11.72 20.13 12.02
C GLU C 32 10.99 19.43 13.22
N PHE C 33 11.75 19.07 14.25
CA PHE C 33 11.16 18.43 15.42
C PHE C 33 11.67 18.99 16.74
N VAL C 34 12.80 19.70 16.71
CA VAL C 34 13.31 20.40 17.91
C VAL C 34 14.03 21.65 17.48
N ARG C 35 14.15 22.59 18.41
CA ARG C 35 14.71 23.88 18.08
C ARG C 35 15.13 24.63 19.33
N PHE C 36 16.34 25.23 19.27
CA PHE C 36 16.89 26.07 20.34
C PHE C 36 17.35 27.47 19.85
N ASP C 37 17.07 28.50 20.64
CA ASP C 37 17.42 29.85 20.21
C ASP C 37 17.79 30.71 21.39
N SER C 38 19.02 31.20 21.35
CA SER C 38 19.58 31.99 22.43
C SER C 38 18.90 33.34 22.59
N ASP C 39 18.13 33.79 21.59
CA ASP C 39 17.42 35.07 21.67
C ASP C 39 16.21 34.98 22.65
N ALA C 40 15.57 33.81 22.73
CA ALA C 40 14.48 33.51 23.65
C ALA C 40 14.69 34.06 25.04
N GLU C 41 13.59 34.39 25.73
CA GLU C 41 13.68 34.89 27.09
C GLU C 41 14.35 33.83 27.99
N ASN C 42 13.80 32.62 27.96
CA ASN C 42 14.42 31.49 28.65
C ASN C 42 14.88 30.45 27.64
N PRO C 43 16.15 30.49 27.26
CA PRO C 43 16.59 29.64 26.13
C PRO C 43 16.63 28.15 26.49
N ARG C 44 15.92 27.33 25.72
CA ARG C 44 15.80 25.92 25.96
C ARG C 44 15.47 25.27 24.64
N TYR C 45 15.80 24.01 24.49
CA TYR C 45 15.27 23.27 23.37
C TYR C 45 13.80 23.06 23.58
N GLU C 46 13.05 23.26 22.50
CA GLU C 46 11.63 23.10 22.52
C GLU C 46 11.24 22.00 21.52
N PRO C 47 10.18 21.22 21.84
CA PRO C 47 9.55 20.35 20.83
C PRO C 47 8.94 21.18 19.70
N ARG C 48 8.95 20.60 18.51
CA ARG C 48 8.49 21.29 17.33
C ARG C 48 7.59 20.36 16.56
N ALA C 49 7.37 19.19 17.14
CA ALA C 49 6.39 18.25 16.65
C ALA C 49 5.63 17.73 17.86
N PRO C 50 4.35 17.40 17.69
CA PRO C 50 3.61 16.88 18.83
C PRO C 50 4.34 15.70 19.45
N TRP C 51 4.69 14.70 18.62
CA TRP C 51 5.29 13.43 19.10
C TRP C 51 6.56 13.62 19.91
N MET C 52 7.12 14.83 19.90
CA MET C 52 8.31 15.05 20.72
C MET C 52 7.98 15.38 22.16
N GLU C 53 6.75 15.83 22.40
CA GLU C 53 6.34 16.09 23.79
C GLU C 53 6.14 14.88 24.73
N GLN C 54 6.22 13.67 24.17
CA GLN C 54 6.58 12.40 24.81
C GLN C 54 7.85 12.44 25.62
N GLU C 55 8.84 13.18 25.15
CA GLU C 55 10.11 13.20 25.87
C GLU C 55 9.94 13.86 27.24
N GLY C 56 10.67 13.30 28.22
CA GLY C 56 10.56 13.74 29.59
C GLY C 56 11.38 14.98 29.88
N PRO C 57 11.33 15.47 31.14
CA PRO C 57 12.01 16.72 31.53
C PRO C 57 13.49 16.62 31.43
N GLU C 58 14.10 15.47 31.77
CA GLU C 58 15.55 15.33 31.71
C GLU C 58 16.15 15.44 30.26
N TYR C 59 15.53 14.75 29.32
CA TYR C 59 15.78 14.98 27.91
C TYR C 59 15.97 16.47 27.64
N TRP C 60 14.91 17.27 27.88
CA TRP C 60 14.97 18.70 27.60
C TRP C 60 16.08 19.39 28.40
N GLU C 61 16.24 19.06 29.66
CA GLU C 61 17.30 19.75 30.41
C GLU C 61 18.66 19.48 29.81
N ARG C 62 18.88 18.24 29.41
CA ARG C 62 20.23 17.83 29.02
C ARG C 62 20.55 18.36 27.59
N GLU C 63 19.62 18.19 26.67
CA GLU C 63 19.77 18.81 25.36
C GLU C 63 19.99 20.32 25.51
N THR C 64 19.15 21.00 26.30
CA THR C 64 19.43 22.40 26.66
C THR C 64 20.88 22.68 27.06
N GLN C 65 21.47 21.88 27.93
CA GLN C 65 22.85 22.15 28.37
C GLN C 65 23.90 21.88 27.27
N LYS C 66 23.63 20.88 26.45
CA LYS C 66 24.48 20.61 25.32
C LYS C 66 24.45 21.89 24.44
N ALA C 67 23.25 22.46 24.26
CA ALA C 67 23.11 23.65 23.39
C ALA C 67 23.89 24.79 24.01
N LYS C 68 23.88 24.92 25.33
CA LYS C 68 24.65 26.03 25.89
C LYS C 68 26.14 25.85 25.61
N GLY C 69 26.62 24.60 25.67
CA GLY C 69 28.01 24.32 25.31
C GLY C 69 28.29 24.54 23.82
N GLN C 70 27.40 24.10 22.93
CA GLN C 70 27.54 24.46 21.49
C GLN C 70 27.62 25.97 21.32
N GLU C 71 26.70 26.72 21.95
CA GLU C 71 26.80 28.18 21.90
C GLU C 71 28.21 28.67 22.25
N GLN C 72 28.84 28.19 23.32
CA GLN C 72 30.13 28.71 23.68
C GLN C 72 31.14 28.34 22.58
N TRP C 73 31.02 27.14 22.04
CA TRP C 73 31.94 26.62 21.06
C TRP C 73 31.92 27.55 19.82
N PHE C 74 30.71 27.86 19.33
CA PHE C 74 30.50 28.73 18.17
C PHE C 74 31.01 30.11 18.45
N ARG C 75 30.75 30.61 19.64
CA ARG C 75 31.33 31.90 20.04
C ARG C 75 32.89 31.96 19.97
N VAL C 76 33.57 30.91 20.38
CA VAL C 76 35.03 30.95 20.36
C VAL C 76 35.49 30.80 18.93
N SER C 77 34.86 29.87 18.24
CA SER C 77 35.21 29.60 16.85
C SER C 77 35.09 30.89 15.98
N LEU C 78 34.02 31.62 16.19
CA LEU C 78 33.73 32.86 15.42
C LEU C 78 34.84 33.80 15.69
N ARG C 79 35.19 34.00 16.96
CA ARG C 79 36.35 34.85 17.29
C ARG C 79 37.66 34.37 16.61
N ASN C 80 37.88 33.07 16.59
CA ASN C 80 39.08 32.54 15.95
C ASN C 80 39.11 32.84 14.43
N LEU C 81 37.99 32.56 13.77
CA LEU C 81 37.87 32.65 12.26
C LEU C 81 38.11 34.07 11.84
N LEU C 82 37.67 35.01 12.68
CA LEU C 82 37.87 36.43 12.46
C LEU C 82 39.36 36.76 12.28
N GLY C 83 40.20 36.22 13.19
CA GLY C 83 41.65 36.36 13.03
C GLY C 83 42.21 35.53 11.85
N TYR C 84 41.78 34.27 11.66
CA TYR C 84 42.25 33.48 10.51
C TYR C 84 41.98 34.24 9.17
N TYR C 85 40.89 35.01 9.03
CA TYR C 85 40.68 35.75 7.77
C TYR C 85 41.07 37.19 7.86
N ASN C 86 41.71 37.56 8.94
CA ASN C 86 42.21 38.92 9.09
C ASN C 86 41.04 39.90 8.81
N GLN C 87 39.88 39.63 9.40
CA GLN C 87 38.71 40.48 9.21
C GLN C 87 38.79 41.49 10.31
N SER C 88 38.34 42.69 10.07
CA SER C 88 38.43 43.57 11.25
C SER C 88 37.11 43.59 12.02
N ALA C 89 37.05 44.35 13.10
CA ALA C 89 35.80 44.49 13.82
C ALA C 89 34.90 45.33 12.94
N GLY C 90 33.59 45.25 13.19
CA GLY C 90 32.66 46.09 12.46
C GLY C 90 31.84 45.44 11.35
N GLY C 91 31.93 44.14 11.17
CA GLY C 91 31.14 43.47 10.15
C GLY C 91 30.13 42.44 10.70
N SER C 92 29.35 41.81 9.82
CA SER C 92 28.57 40.66 10.24
C SER C 92 29.24 39.40 9.79
N HIS C 93 29.03 38.34 10.57
CA HIS C 93 29.70 37.06 10.30
C HIS C 93 28.80 35.90 10.59
N THR C 94 29.05 34.77 9.99
CA THR C 94 28.20 33.68 10.22
C THR C 94 28.97 32.34 10.31
N LEU C 95 28.54 31.46 11.21
CA LEU C 95 29.10 30.13 11.16
C LEU C 95 27.97 29.14 11.28
N GLN C 96 28.02 28.13 10.43
CA GLN C 96 26.94 27.19 10.34
C GLN C 96 27.49 25.79 10.38
N GLN C 97 26.65 24.89 10.87
CA GLN C 97 26.97 23.50 10.89
C GLN C 97 25.84 22.63 10.50
N MET C 98 26.16 21.57 9.78
CA MET C 98 25.16 20.56 9.52
C MET C 98 25.71 19.25 10.02
N SER C 99 24.91 18.50 10.75
CA SER C 99 25.32 17.17 11.23
C SER C 99 24.24 16.14 11.15
N GLY C 100 24.63 14.87 11.00
CA GLY C 100 23.70 13.82 11.27
C GLY C 100 23.87 12.57 10.47
N CYS C 101 22.79 11.82 10.34
CA CYS C 101 22.90 10.51 9.76
C CYS C 101 21.78 10.16 8.81
N ASP C 102 22.12 9.33 7.83
CA ASP C 102 21.18 8.68 6.90
C ASP C 102 21.14 7.19 7.16
N LEU C 103 19.94 6.63 7.26
CA LEU C 103 19.77 5.17 7.39
C LEU C 103 19.06 4.64 6.17
N GLY C 104 19.44 3.44 5.72
CA GLY C 104 18.68 2.77 4.69
C GLY C 104 17.32 2.25 5.22
N SER C 105 16.46 1.74 4.33
CA SER C 105 15.20 1.13 4.78
C SER C 105 15.39 0.04 5.87
N ASP C 106 16.55 -0.63 5.89
CA ASP C 106 16.86 -1.59 6.92
C ASP C 106 17.18 -0.92 8.29
N TRP C 107 17.12 0.41 8.33
CA TRP C 107 17.49 1.17 9.53
C TRP C 107 19.02 1.18 9.91
N ARG C 108 19.89 0.69 9.03
CA ARG C 108 21.34 0.67 9.33
C ARG C 108 21.93 1.94 8.77
N LEU C 109 22.96 2.44 9.41
CA LEU C 109 23.62 3.66 8.93
C LEU C 109 24.07 3.56 7.45
N LEU C 110 23.55 4.45 6.58
CA LEU C 110 24.09 4.59 5.23
C LEU C 110 25.29 5.55 5.20
N ARG C 111 25.26 6.61 6.02
CA ARG C 111 26.21 7.69 5.87
C ARG C 111 26.03 8.75 6.96
N GLY C 112 27.15 9.23 7.49
CA GLY C 112 27.15 10.32 8.45
C GLY C 112 27.58 11.64 7.81
N TYR C 113 27.15 12.77 8.40
CA TYR C 113 27.46 14.09 7.88
C TYR C 113 27.93 14.96 9.00
N LEU C 114 29.01 15.66 8.72
CA LEU C 114 29.47 16.76 9.56
C LEU C 114 30.14 17.84 8.67
N GLN C 115 29.58 19.06 8.61
CA GLN C 115 30.03 20.07 7.65
C GLN C 115 29.90 21.41 8.32
N PHE C 116 30.79 22.32 8.00
CA PHE C 116 30.70 23.62 8.51
C PHE C 116 30.84 24.62 7.37
N ALA C 117 30.29 25.79 7.56
CA ALA C 117 30.47 26.85 6.64
C ALA C 117 30.72 28.13 7.44
N TYR C 118 31.59 28.95 6.89
CA TYR C 118 31.79 30.27 7.37
C TYR C 118 31.42 31.31 6.26
N GLU C 119 30.71 32.37 6.65
CA GLU C 119 30.18 33.41 5.72
C GLU C 119 29.36 32.71 4.62
N GLY C 120 28.60 31.68 4.93
CA GLY C 120 27.85 30.96 3.92
C GLY C 120 28.59 30.14 2.91
N ARG C 121 29.88 29.94 3.15
CA ARG C 121 30.72 29.16 2.25
C ARG C 121 31.39 27.97 3.01
N ASP C 122 31.66 26.92 2.27
CA ASP C 122 32.27 25.67 2.76
C ASP C 122 33.61 25.98 3.44
N TYR C 123 33.70 25.56 4.68
CA TYR C 123 34.85 25.85 5.53
C TYR C 123 35.64 24.55 5.78
N ILE C 124 35.02 23.60 6.49
CA ILE C 124 35.55 22.23 6.59
C ILE C 124 34.40 21.25 6.69
N ALA C 125 34.67 20.09 6.17
CA ALA C 125 33.68 19.04 6.24
C ALA C 125 34.44 17.72 6.54
N LEU C 126 33.75 16.78 7.12
CA LEU C 126 34.26 15.47 7.35
C LEU C 126 33.94 14.64 6.16
N ASN C 127 34.91 13.94 5.59
CA ASN C 127 34.61 13.07 4.44
C ASN C 127 33.70 11.87 4.78
N GLU C 128 33.18 11.18 3.77
CA GLU C 128 32.29 10.06 4.01
C GLU C 128 32.95 8.87 4.79
N ASP C 129 34.26 8.70 4.63
CA ASP C 129 34.98 7.70 5.41
C ASP C 129 34.89 8.01 6.93
N LEU C 130 34.40 9.20 7.29
CA LEU C 130 34.32 9.65 8.68
C LEU C 130 35.69 9.58 9.38
N LYS C 131 36.78 9.72 8.58
CA LYS C 131 38.16 9.66 9.04
C LYS C 131 39.00 10.87 8.62
N THR C 132 38.81 11.37 7.42
CA THR C 132 39.61 12.48 6.90
C THR C 132 38.76 13.76 6.61
N TRP C 133 39.41 14.87 6.46
CA TRP C 133 38.75 16.14 6.38
C TRP C 133 38.97 16.81 5.02
N THR C 134 37.93 17.44 4.50
CA THR C 134 38.10 18.42 3.42
C THR C 134 37.99 19.86 3.94
N ALA C 135 39.00 20.66 3.57
CA ALA C 135 39.05 22.10 3.85
C ALA C 135 39.76 22.78 2.68
N ALA C 136 39.09 23.68 1.99
CA ALA C 136 39.63 24.20 0.73
C ALA C 136 40.56 25.32 1.09
N ASP C 137 40.09 26.23 1.94
CA ASP C 137 40.66 27.54 2.09
C ASP C 137 42.02 27.47 2.77
N MET C 138 42.92 28.32 2.35
CA MET C 138 44.19 28.41 2.98
C MET C 138 43.96 28.66 4.50
N ALA C 139 43.10 29.60 4.86
CA ALA C 139 42.82 29.91 6.26
C ALA C 139 42.29 28.71 7.01
N ALA C 140 41.63 27.78 6.31
CA ALA C 140 40.92 26.66 6.90
C ALA C 140 41.89 25.53 7.30
N GLN C 141 43.12 25.65 6.80
CA GLN C 141 44.12 24.58 6.93
C GLN C 141 44.53 24.47 8.40
N ILE C 142 44.66 25.62 9.05
CA ILE C 142 44.88 25.73 10.47
C ILE C 142 43.91 24.84 11.23
N THR C 143 42.63 24.96 10.91
CA THR C 143 41.64 24.16 11.58
C THR C 143 41.78 22.66 11.27
N ARG C 144 41.98 22.36 9.99
CA ARG C 144 42.11 20.95 9.61
C ARG C 144 43.27 20.29 10.43
N ARG C 145 44.43 20.96 10.48
CA ARG C 145 45.64 20.43 11.17
C ARG C 145 45.30 20.28 12.68
N LYS C 146 44.75 21.33 13.28
CA LYS C 146 44.33 21.33 14.67
C LYS C 146 43.36 20.12 14.89
N TRP C 147 42.38 19.91 14.01
CA TRP C 147 41.49 18.80 14.16
C TRP C 147 42.09 17.40 13.93
N GLU C 148 42.96 17.29 12.94
CA GLU C 148 43.76 16.08 12.75
C GLU C 148 44.65 15.75 13.99
N GLN C 149 45.44 16.72 14.47
CA GLN C 149 46.25 16.58 15.71
C GLN C 149 45.40 16.12 16.90
N SER C 150 44.15 16.54 17.00
CA SER C 150 43.40 16.31 18.22
C SER C 150 42.53 15.06 18.11
N GLY C 151 42.64 14.33 17.00
CA GLY C 151 41.74 13.21 16.80
C GLY C 151 40.23 13.58 16.75
N ALA C 152 39.89 14.84 16.43
CA ALA C 152 38.45 15.25 16.28
C ALA C 152 37.55 14.28 15.51
N ALA C 153 38.09 13.70 14.44
CA ALA C 153 37.28 12.83 13.54
C ALA C 153 36.69 11.57 14.19
N GLU C 154 37.52 10.92 15.03
CA GLU C 154 37.12 9.70 15.73
C GLU C 154 35.95 9.98 16.67
N HIS C 155 36.00 11.13 17.32
CA HIS C 155 34.97 11.52 18.22
C HIS C 155 33.64 11.81 17.46
N TYR C 156 33.73 12.56 16.38
CA TYR C 156 32.52 12.82 15.59
C TYR C 156 32.02 11.47 14.99
N LYS C 157 32.96 10.65 14.57
CA LYS C 157 32.62 9.32 14.02
C LYS C 157 31.82 8.51 15.05
N ALA C 158 32.25 8.58 16.29
CA ALA C 158 31.56 7.85 17.36
C ALA C 158 30.15 8.44 17.56
N TYR C 159 30.01 9.77 17.60
CA TYR C 159 28.66 10.39 17.67
C TYR C 159 27.74 9.98 16.50
N LEU C 160 28.27 9.90 15.31
CA LEU C 160 27.51 9.65 14.10
C LEU C 160 27.05 8.20 13.98
N GLU C 161 27.98 7.29 14.27
CA GLU C 161 27.71 5.85 14.19
C GLU C 161 26.90 5.38 15.38
N GLY C 162 27.04 6.09 16.50
CA GLY C 162 26.41 5.67 17.73
C GLY C 162 25.15 6.47 18.08
N GLU C 163 25.31 7.52 18.89
CA GLU C 163 24.21 8.30 19.39
C GLU C 163 23.25 8.76 18.29
N CYS C 164 23.79 9.22 17.18
CA CYS C 164 22.93 9.77 16.13
C CYS C 164 22.01 8.68 15.69
N VAL C 165 22.57 7.53 15.35
CA VAL C 165 21.77 6.40 14.86
C VAL C 165 20.77 5.92 15.93
N GLU C 166 21.25 5.81 17.16
CA GLU C 166 20.44 5.25 18.24
C GLU C 166 19.26 6.16 18.55
N TRP C 167 19.49 7.45 18.71
CA TRP C 167 18.38 8.37 18.94
C TRP C 167 17.40 8.55 17.76
N LEU C 168 17.88 8.39 16.52
CA LEU C 168 16.95 8.44 15.39
C LEU C 168 16.01 7.23 15.47
N HIS C 169 16.55 6.06 15.76
CA HIS C 169 15.69 4.88 15.93
C HIS C 169 14.54 5.19 16.89
N ARG C 170 14.93 5.71 18.06
CA ARG C 170 14.00 6.07 19.09
C ARG C 170 12.93 7.04 18.62
N TYR C 171 13.35 8.06 17.91
CA TYR C 171 12.42 9.04 17.37
C TYR C 171 11.47 8.40 16.41
N LEU C 172 11.97 7.45 15.64
CA LEU C 172 11.20 6.92 14.53
C LEU C 172 10.08 6.06 15.09
N LYS C 173 10.38 5.38 16.19
CA LYS C 173 9.35 4.68 16.92
C LYS C 173 8.33 5.72 17.48
N ASN C 174 8.83 6.74 18.19
CA ASN C 174 7.95 7.70 18.88
C ASN C 174 6.96 8.50 18.02
N GLY C 175 7.10 8.46 16.70
CA GLY C 175 6.25 9.26 15.85
C GLY C 175 5.93 8.54 14.58
N ASN C 176 5.65 7.25 14.68
CA ASN C 176 5.40 6.43 13.50
C ASN C 176 4.09 6.79 12.78
N ALA C 177 3.18 7.49 13.47
CA ALA C 177 1.83 7.76 12.97
C ALA C 177 1.63 9.22 12.56
N THR C 178 2.72 9.99 12.49
CA THR C 178 2.67 11.37 12.03
C THR C 178 3.72 11.66 10.93
N LEU C 179 4.64 10.72 10.70
CA LEU C 179 5.64 10.88 9.62
C LEU C 179 5.90 9.60 8.78
N LEU C 180 5.00 8.62 8.86
CA LEU C 180 5.03 7.48 7.96
C LEU C 180 4.21 7.80 6.70
N ARG C 181 4.00 9.09 6.44
CA ARG C 181 3.05 9.52 5.39
C ARG C 181 3.60 10.57 4.40
N THR C 182 3.56 10.24 3.12
CA THR C 182 3.72 11.20 2.05
C THR C 182 2.33 11.56 1.55
N ASP C 183 2.18 12.77 1.04
CA ASP C 183 0.95 13.16 0.34
C ASP C 183 1.23 13.26 -1.15
N SER C 184 0.53 12.47 -1.97
CA SER C 184 0.62 12.56 -3.43
C SER C 184 0.13 13.92 -3.92
N PRO C 185 0.67 14.36 -5.06
CA PRO C 185 0.31 15.62 -5.72
C PRO C 185 -1.02 15.59 -6.48
N LYS C 186 -1.91 16.54 -6.23
CA LYS C 186 -3.08 16.73 -7.06
C LYS C 186 -2.71 17.71 -8.15
N ALA C 187 -2.88 17.29 -9.41
CA ALA C 187 -2.43 18.07 -10.55
C ALA C 187 -3.59 18.46 -11.46
N HIS C 188 -3.51 19.67 -12.01
CA HIS C 188 -4.51 20.16 -12.95
C HIS C 188 -3.81 21.16 -13.90
N VAL C 189 -4.33 21.32 -15.12
CA VAL C 189 -3.73 22.28 -16.06
C VAL C 189 -4.66 23.48 -16.27
N THR C 190 -4.19 24.70 -16.06
CA THR C 190 -5.00 25.90 -16.35
C THR C 190 -4.58 26.56 -17.67
N HIS C 191 -5.48 27.37 -18.20
CA HIS C 191 -5.38 27.91 -19.56
C HIS C 191 -5.37 29.44 -19.51
N HIS C 192 -4.32 30.06 -20.07
CA HIS C 192 -4.22 31.52 -20.13
C HIS C 192 -3.99 32.02 -21.55
N PRO C 193 -4.82 32.96 -22.00
CA PRO C 193 -4.65 33.63 -23.30
C PRO C 193 -3.26 34.23 -23.42
N ARG C 194 -2.79 34.53 -24.64
CA ARG C 194 -1.48 35.16 -24.81
C ARG C 194 -1.40 35.97 -26.11
N SER C 195 -0.17 36.17 -26.60
CA SER C 195 0.06 36.84 -27.86
C SER C 195 -0.86 36.23 -28.91
N LYS C 196 -1.07 36.94 -30.02
CA LYS C 196 -1.99 36.45 -31.03
C LYS C 196 -1.72 34.98 -31.36
N GLY C 197 -2.78 34.16 -31.28
CA GLY C 197 -2.74 32.76 -31.66
C GLY C 197 -1.88 31.86 -30.76
N GLU C 198 -1.72 32.26 -29.50
CA GLU C 198 -0.89 31.51 -28.58
C GLU C 198 -1.43 31.52 -27.15
N VAL C 199 -1.31 30.38 -26.48
CA VAL C 199 -1.80 30.23 -25.12
C VAL C 199 -0.73 29.61 -24.22
N THR C 200 -0.69 30.05 -22.98
CA THR C 200 0.18 29.45 -21.98
C THR C 200 -0.60 28.36 -21.26
N LEU C 201 -0.03 27.15 -21.28
CA LEU C 201 -0.57 26.05 -20.50
C LEU C 201 0.24 25.94 -19.22
N ARG C 202 -0.44 26.04 -18.08
CA ARG C 202 0.19 25.92 -16.78
C ARG C 202 -0.24 24.61 -16.08
N CYS C 203 0.67 23.64 -15.98
CA CYS C 203 0.47 22.43 -15.15
C CYS C 203 0.82 22.63 -13.65
N TRP C 204 -0.21 22.60 -12.80
CA TRP C 204 -0.06 22.78 -11.36
C TRP C 204 0.07 21.45 -10.57
N ALA C 205 0.88 21.47 -9.53
CA ALA C 205 0.94 20.33 -8.65
C ALA C 205 0.74 20.85 -7.26
N LEU C 206 -0.25 20.31 -6.60
CA LEU C 206 -0.63 20.89 -5.33
C LEU C 206 -0.83 19.80 -4.34
N GLY C 207 -0.76 20.17 -3.07
CA GLY C 207 -0.98 19.30 -1.95
C GLY C 207 -0.03 18.14 -1.75
N PHE C 208 1.24 18.28 -2.18
CA PHE C 208 2.21 17.19 -2.09
C PHE C 208 3.25 17.38 -0.97
N TYR C 209 3.72 16.24 -0.45
CA TYR C 209 4.79 16.17 0.54
C TYR C 209 5.42 14.82 0.36
N PRO C 210 6.75 14.75 0.42
CA PRO C 210 7.77 15.81 0.60
C PRO C 210 7.89 16.73 -0.59
N ALA C 211 8.83 17.65 -0.53
CA ALA C 211 8.85 18.70 -1.52
C ALA C 211 9.37 18.21 -2.87
N ASP C 212 10.22 17.17 -2.87
CA ASP C 212 10.87 16.79 -4.14
C ASP C 212 9.78 16.38 -5.19
N ILE C 213 9.83 16.95 -6.38
CA ILE C 213 8.84 16.64 -7.40
C ILE C 213 9.45 16.98 -8.72
N THR C 214 8.92 16.43 -9.81
CA THR C 214 9.39 16.77 -11.13
C THR C 214 8.20 16.94 -12.08
N LEU C 215 8.16 18.09 -12.77
CA LEU C 215 7.16 18.39 -13.75
C LEU C 215 7.79 18.51 -15.15
N THR C 216 7.12 17.93 -16.14
CA THR C 216 7.60 17.95 -17.52
C THR C 216 6.45 18.07 -18.50
N TRP C 217 6.73 18.62 -19.69
CA TRP C 217 5.74 18.71 -20.77
C TRP C 217 6.27 17.99 -22.02
N GLN C 218 5.42 17.27 -22.71
CA GLN C 218 5.88 16.57 -23.91
C GLN C 218 4.98 16.88 -25.09
N LEU C 219 5.60 17.17 -26.25
CA LEU C 219 4.85 17.27 -27.49
C LEU C 219 4.80 15.87 -28.11
N ASN C 220 4.03 15.01 -27.49
CA ASN C 220 4.04 13.60 -27.85
C ASN C 220 5.26 12.70 -27.80
N GLY C 221 5.88 12.64 -26.63
CA GLY C 221 7.16 11.95 -26.45
C GLY C 221 8.46 12.67 -26.77
N GLU C 222 8.41 13.99 -26.90
CA GLU C 222 9.56 14.86 -26.76
C GLU C 222 9.44 15.81 -25.59
N GLU C 223 10.30 15.62 -24.59
CA GLU C 223 10.38 16.55 -23.47
C GLU C 223 10.80 17.92 -23.97
N LEU C 224 10.71 18.93 -23.10
CA LEU C 224 11.00 20.32 -23.47
C LEU C 224 11.85 21.14 -22.48
N THR C 225 13.15 21.22 -22.76
CA THR C 225 14.05 22.16 -22.08
C THR C 225 13.88 23.55 -22.72
N GLN C 226 13.23 23.56 -23.88
CA GLN C 226 13.03 24.79 -24.63
C GLN C 226 12.15 25.87 -24.02
N ASP C 227 12.78 26.78 -23.28
CA ASP C 227 12.07 27.84 -22.58
C ASP C 227 10.74 27.38 -22.01
N MET C 228 10.74 26.22 -21.35
CA MET C 228 9.63 25.85 -20.49
C MET C 228 9.76 26.71 -19.24
N GLU C 229 8.63 27.19 -18.73
CA GLU C 229 8.63 28.10 -17.60
C GLU C 229 8.21 27.37 -16.33
N LEU C 230 8.86 27.63 -15.22
CA LEU C 230 8.41 27.02 -13.97
C LEU C 230 8.58 27.98 -12.79
N VAL C 231 8.22 27.54 -11.59
CA VAL C 231 8.60 28.22 -10.34
C VAL C 231 9.30 27.24 -9.39
N GLU C 232 10.22 27.75 -8.58
CA GLU C 232 10.84 26.93 -7.56
C GLU C 232 9.72 26.41 -6.63
N THR C 233 9.86 25.18 -6.19
CA THR C 233 8.90 24.54 -5.32
C THR C 233 8.78 25.31 -4.04
N ARG C 234 7.55 25.47 -3.57
CA ARG C 234 7.28 26.44 -2.51
C ARG C 234 6.26 25.85 -1.57
N PRO C 235 6.33 26.23 -0.29
CA PRO C 235 5.37 25.73 0.71
C PRO C 235 3.98 26.43 0.67
N ALA C 236 2.91 25.64 0.65
CA ALA C 236 1.55 26.12 0.84
C ALA C 236 1.41 26.75 2.21
N GLY C 237 2.22 26.32 3.18
CA GLY C 237 2.24 26.93 4.50
C GLY C 237 1.41 26.13 5.53
N ASP C 238 0.85 25.04 5.04
CA ASP C 238 0.04 24.10 5.76
C ASP C 238 0.79 22.77 5.79
N GLY C 239 2.07 22.80 5.42
CA GLY C 239 2.86 21.59 5.38
C GLY C 239 2.91 20.83 4.07
N THR C 240 2.05 21.15 3.11
CA THR C 240 2.26 20.70 1.71
C THR C 240 3.02 21.72 0.81
N PHE C 241 3.27 21.31 -0.43
CA PHE C 241 4.07 22.09 -1.37
C PHE C 241 3.35 22.29 -2.68
N GLN C 242 3.78 23.32 -3.41
CA GLN C 242 3.23 23.71 -4.68
C GLN C 242 4.36 23.84 -5.69
N LYS C 243 4.00 23.66 -6.94
CA LYS C 243 4.88 23.91 -8.07
C LYS C 243 4.02 23.93 -9.33
N TRP C 244 4.40 24.78 -10.27
CA TRP C 244 3.82 24.72 -11.59
C TRP C 244 4.85 24.81 -12.73
N ALA C 245 4.50 24.18 -13.85
CA ALA C 245 5.28 24.31 -15.08
C ALA C 245 4.34 24.73 -16.21
N SER C 246 4.71 25.76 -16.96
CA SER C 246 3.88 26.24 -18.07
C SER C 246 4.67 26.21 -19.40
N VAL C 247 3.95 26.27 -20.52
CA VAL C 247 4.61 26.36 -21.82
C VAL C 247 3.72 27.10 -22.81
N VAL C 248 4.32 27.67 -23.88
CA VAL C 248 3.56 28.34 -24.93
C VAL C 248 3.18 27.43 -26.08
N VAL C 249 1.91 27.48 -26.45
CA VAL C 249 1.29 26.49 -27.30
C VAL C 249 0.37 27.14 -28.34
N PRO C 250 0.55 26.79 -29.63
CA PRO C 250 -0.33 27.29 -30.71
C PRO C 250 -1.82 27.09 -30.44
N LEU C 251 -2.54 28.17 -30.13
CA LEU C 251 -3.98 28.12 -29.84
C LEU C 251 -4.70 27.24 -30.85
N GLY C 252 -5.31 26.16 -30.38
CA GLY C 252 -5.92 25.18 -31.24
C GLY C 252 -5.21 24.03 -31.95
N LYS C 253 -3.89 23.96 -31.80
CA LYS C 253 -2.95 22.85 -31.73
C LYS C 253 -2.47 22.67 -30.30
N GLU C 254 -3.40 22.71 -29.34
CA GLU C 254 -3.06 22.65 -27.93
C GLU C 254 -3.20 21.25 -27.39
N GLN C 255 -4.14 20.49 -27.94
CA GLN C 255 -4.39 19.13 -27.50
C GLN C 255 -3.19 18.17 -27.67
N ASN C 256 -2.12 18.64 -28.30
CA ASN C 256 -0.95 17.81 -28.57
C ASN C 256 0.06 17.81 -27.43
N TYR C 257 -0.37 18.34 -26.29
CA TYR C 257 0.51 18.68 -25.18
C TYR C 257 0.12 17.97 -23.87
N THR C 258 0.98 17.07 -23.39
CA THR C 258 0.75 16.41 -22.08
C THR C 258 1.81 16.72 -20.99
N CYS C 259 1.29 16.92 -19.78
CA CYS C 259 2.08 17.17 -18.59
C CYS C 259 2.34 15.84 -17.86
N ARG C 260 3.50 15.69 -17.21
CA ARG C 260 3.73 14.56 -16.32
C ARG C 260 4.26 15.03 -14.95
N VAL C 261 3.79 14.38 -13.90
CA VAL C 261 4.17 14.69 -12.55
C VAL C 261 4.84 13.42 -11.94
N TYR C 262 6.10 13.56 -11.51
CA TYR C 262 6.88 12.52 -10.85
C TYR C 262 7.01 12.83 -9.38
N HIS C 263 6.60 11.89 -8.54
CA HIS C 263 6.63 12.09 -7.10
C HIS C 263 6.60 10.74 -6.38
N GLU C 264 7.31 10.65 -5.28
CA GLU C 264 7.45 9.38 -4.60
C GLU C 264 6.11 8.81 -4.15
N GLY C 265 5.22 9.70 -3.72
CA GLY C 265 3.94 9.29 -3.18
C GLY C 265 2.94 8.85 -4.22
N LEU C 266 3.40 8.72 -5.46
CA LEU C 266 2.53 8.35 -6.55
C LEU C 266 2.62 6.87 -6.85
N PRO C 267 1.47 6.21 -7.12
CA PRO C 267 1.52 4.81 -7.57
C PRO C 267 2.35 4.71 -8.82
N GLU C 268 2.31 5.75 -9.63
CA GLU C 268 3.18 5.86 -10.78
C GLU C 268 2.97 7.25 -11.31
N PRO C 269 3.80 7.70 -12.25
CA PRO C 269 3.76 9.11 -12.65
C PRO C 269 2.41 9.50 -13.24
N LEU C 270 2.00 10.75 -13.06
CA LEU C 270 0.73 11.24 -13.61
C LEU C 270 0.88 11.70 -15.05
N THR C 271 -0.18 11.58 -15.85
CA THR C 271 -0.26 12.21 -17.17
C THR C 271 -1.52 13.03 -17.25
N LEU C 272 -1.39 14.29 -17.66
CA LEU C 272 -2.45 15.28 -17.58
C LEU C 272 -2.43 16.08 -18.85
N ARG C 273 -3.55 16.72 -19.20
CA ARG C 273 -3.66 17.52 -20.43
C ARG C 273 -4.85 18.51 -20.25
N TRP C 274 -5.05 19.46 -21.16
CA TRP C 274 -6.15 20.41 -20.97
C TRP C 274 -7.48 19.68 -20.78
N ILE D 1 29.99 36.54 1.84
CA ILE D 1 29.53 37.43 0.75
C ILE D 1 28.01 37.30 0.67
N GLN D 2 27.39 38.39 0.25
CA GLN D 2 25.96 38.54 0.26
C GLN D 2 25.27 37.75 -0.89
N LYS D 3 24.10 37.18 -0.62
CA LYS D 3 23.32 36.39 -1.57
C LYS D 3 21.93 37.05 -1.57
N THR D 4 21.46 37.47 -2.75
CA THR D 4 20.21 38.27 -2.79
C THR D 4 18.95 37.39 -2.73
N PRO D 5 18.02 37.79 -1.89
CA PRO D 5 16.72 37.07 -1.70
C PRO D 5 15.96 36.79 -3.01
N GLN D 6 15.49 35.56 -3.24
CA GLN D 6 14.53 35.26 -4.26
C GLN D 6 13.13 35.28 -3.60
N ILE D 7 12.17 35.87 -4.28
CA ILE D 7 10.89 36.14 -3.65
C ILE D 7 9.77 35.57 -4.52
N GLN D 8 8.84 34.87 -3.89
CA GLN D 8 7.61 34.43 -4.54
C GLN D 8 6.45 34.88 -3.67
N VAL D 9 5.44 35.49 -4.29
CA VAL D 9 4.28 35.96 -3.55
C VAL D 9 3.07 35.18 -4.07
N TYR D 10 2.27 34.50 -3.23
CA TYR D 10 1.24 33.58 -3.78
C TYR D 10 0.27 33.12 -2.70
N SER D 11 -0.90 32.61 -3.12
CA SER D 11 -1.91 32.24 -2.16
C SER D 11 -1.80 30.73 -1.82
N ARG D 12 -2.24 30.40 -0.62
CA ARG D 12 -2.28 29.00 -0.20
C ARG D 12 -3.26 28.29 -1.10
N HIS D 13 -4.51 28.77 -1.11
CA HIS D 13 -5.56 28.10 -1.89
C HIS D 13 -5.73 28.84 -3.20
N PRO D 14 -6.20 28.14 -4.24
CA PRO D 14 -6.58 28.86 -5.46
C PRO D 14 -7.53 30.06 -5.17
N PRO D 15 -7.25 31.25 -5.74
CA PRO D 15 -7.91 32.46 -5.27
C PRO D 15 -9.30 32.57 -5.87
N GLU D 16 -10.24 33.06 -5.05
CA GLU D 16 -11.63 33.28 -5.42
C GLU D 16 -11.94 34.59 -4.80
N ASN D 17 -12.28 35.57 -5.63
CA ASN D 17 -12.65 36.88 -5.10
C ASN D 17 -13.73 36.77 -4.07
N GLY D 18 -13.55 37.45 -2.96
CA GLY D 18 -14.47 37.34 -1.85
C GLY D 18 -14.33 36.15 -0.93
N LYS D 19 -13.50 35.17 -1.30
CA LYS D 19 -13.25 34.01 -0.44
C LYS D 19 -12.00 34.17 0.39
N PRO D 20 -12.11 34.12 1.74
CA PRO D 20 -10.95 34.16 2.62
C PRO D 20 -9.85 33.14 2.19
N ASN D 21 -8.60 33.56 2.37
CA ASN D 21 -7.45 32.78 1.91
C ASN D 21 -6.16 33.23 2.62
N ILE D 22 -5.04 32.60 2.31
CA ILE D 22 -3.78 32.97 2.96
C ILE D 22 -2.83 33.46 1.93
N LEU D 23 -2.21 34.62 2.15
CA LEU D 23 -1.15 35.06 1.21
C LEU D 23 0.25 34.78 1.74
N ASN D 24 1.07 34.15 0.92
CA ASN D 24 2.44 33.81 1.26
C ASN D 24 3.47 34.67 0.56
N CYS D 25 4.48 35.11 1.31
CA CYS D 25 5.68 35.66 0.72
C CYS D 25 6.84 34.74 1.10
N TYR D 26 7.29 33.96 0.13
CA TYR D 26 8.32 32.99 0.31
C TYR D 26 9.64 33.57 -0.17
N VAL D 27 10.57 33.80 0.76
CA VAL D 27 11.85 34.44 0.47
C VAL D 27 12.96 33.44 0.77
N THR D 28 13.78 33.19 -0.23
CA THR D 28 14.75 32.12 -0.13
C THR D 28 16.13 32.58 -0.61
N GLN D 29 17.12 31.71 -0.41
CA GLN D 29 18.44 31.84 -1.04
C GLN D 29 19.22 33.09 -0.64
N PHE D 30 19.03 33.54 0.59
CA PHE D 30 19.63 34.83 0.95
C PHE D 30 20.74 34.63 2.06
N HIS D 31 21.63 35.60 2.12
CA HIS D 31 22.73 35.57 3.10
C HIS D 31 23.29 36.95 3.21
N PRO D 32 23.53 37.47 4.44
CA PRO D 32 23.37 36.90 5.78
C PRO D 32 21.92 36.81 6.17
N PRO D 33 21.64 36.10 7.27
CA PRO D 33 20.25 35.76 7.54
C PRO D 33 19.41 36.95 7.93
N HIS D 34 20.03 38.04 8.34
CA HIS D 34 19.27 39.19 8.77
C HIS D 34 18.42 39.76 7.62
N ILE D 35 17.11 39.93 7.79
CA ILE D 35 16.22 40.36 6.70
C ILE D 35 14.93 40.97 7.24
N GLU D 36 14.37 41.97 6.52
CA GLU D 36 13.04 42.56 6.86
C GLU D 36 12.04 42.33 5.72
N ILE D 37 10.95 41.66 6.04
CA ILE D 37 9.89 41.36 5.09
C ILE D 37 8.57 42.02 5.53
N GLN D 38 7.98 42.80 4.61
CA GLN D 38 6.67 43.40 4.87
C GLN D 38 5.69 42.91 3.81
N MET D 39 4.44 42.73 4.18
CA MET D 39 3.37 42.46 3.21
C MET D 39 2.42 43.65 3.17
N LEU D 40 2.05 44.05 1.95
CA LEU D 40 1.30 45.27 1.63
C LEU D 40 -0.05 44.99 0.97
N LYS D 41 -1.03 45.81 1.32
CA LYS D 41 -2.36 45.73 0.73
C LYS D 41 -2.59 47.12 0.29
N ASN D 42 -2.74 47.31 -1.03
CA ASN D 42 -2.75 48.67 -1.64
C ASN D 42 -1.70 49.64 -1.11
N GLY D 43 -0.48 49.13 -1.06
CA GLY D 43 0.69 49.94 -0.73
C GLY D 43 0.84 50.23 0.76
N LYS D 44 -0.06 49.71 1.58
CA LYS D 44 -0.04 49.97 3.02
C LYS D 44 0.33 48.72 3.77
N LYS D 45 1.30 48.85 4.65
CA LYS D 45 1.79 47.71 5.45
C LYS D 45 0.64 46.98 6.16
N ILE D 46 0.59 45.65 5.99
CA ILE D 46 -0.45 44.80 6.60
C ILE D 46 -0.04 44.51 8.02
N PRO D 47 -0.93 44.76 8.99
CA PRO D 47 -0.62 44.70 10.43
C PRO D 47 0.03 43.40 10.95
N LYS D 48 -0.71 42.29 10.98
CA LYS D 48 -0.21 41.19 11.77
C LYS D 48 0.26 40.05 10.90
N VAL D 49 1.53 40.12 10.52
CA VAL D 49 2.02 39.24 9.48
C VAL D 49 2.83 38.23 10.21
N GLU D 50 2.47 36.95 10.08
CA GLU D 50 3.26 35.87 10.68
C GLU D 50 4.52 35.52 9.86
N MET D 51 5.63 35.30 10.58
CA MET D 51 6.94 35.03 10.02
C MET D 51 7.47 33.63 10.51
N SER D 52 7.90 32.75 9.61
CA SER D 52 8.45 31.45 10.06
C SER D 52 9.78 31.71 10.77
N ASP D 53 10.29 30.71 11.47
CA ASP D 53 11.59 30.85 12.17
C ASP D 53 12.78 30.60 11.23
N MET D 54 13.89 31.31 11.47
CA MET D 54 15.16 31.12 10.73
C MET D 54 15.47 29.64 10.41
N SER D 55 15.64 29.35 9.13
CA SER D 55 16.07 28.02 8.75
C SER D 55 16.98 28.18 7.58
N PHE D 56 17.81 27.18 7.32
CA PHE D 56 18.69 27.30 6.18
C PHE D 56 18.69 26.01 5.43
N SER D 57 19.08 26.07 4.15
CA SER D 57 19.05 24.87 3.27
C SER D 57 20.44 24.24 3.18
N LYS D 58 20.52 23.09 2.50
CA LYS D 58 21.77 22.30 2.47
C LYS D 58 22.88 23.04 1.73
N ASP D 59 22.52 24.08 0.97
CA ASP D 59 23.51 24.91 0.23
C ASP D 59 23.95 26.05 1.11
N TRP D 60 23.44 26.01 2.35
CA TRP D 60 23.73 26.98 3.42
C TRP D 60 22.92 28.27 3.37
N SER D 61 22.11 28.48 2.34
CA SER D 61 21.38 29.76 2.26
C SER D 61 20.11 29.78 3.12
N PHE D 62 19.71 30.97 3.53
CA PHE D 62 18.59 31.11 4.40
C PHE D 62 17.25 31.21 3.68
N TYR D 63 16.17 30.92 4.40
CA TYR D 63 14.80 31.10 3.83
C TYR D 63 13.75 31.32 4.92
N ILE D 64 12.68 32.01 4.50
CA ILE D 64 11.64 32.43 5.37
C ILE D 64 10.30 32.45 4.57
N LEU D 65 9.23 32.10 5.28
CA LEU D 65 7.84 32.15 4.80
C LEU D 65 7.06 33.08 5.69
N ALA D 66 6.73 34.25 5.12
CA ALA D 66 5.76 35.16 5.74
C ALA D 66 4.42 34.89 5.11
N HIS D 67 3.38 35.09 5.90
CA HIS D 67 2.07 34.82 5.38
C HIS D 67 1.09 35.62 6.17
N THR D 68 -0.12 35.80 5.63
CA THR D 68 -1.16 36.63 6.25
C THR D 68 -2.54 36.33 5.69
N GLU D 69 -3.55 36.56 6.50
CA GLU D 69 -4.93 36.24 6.07
C GLU D 69 -5.28 37.30 5.07
N PHE D 70 -5.98 36.94 4.01
CA PHE D 70 -6.48 37.98 3.10
C PHE D 70 -7.70 37.55 2.32
N THR D 71 -8.45 38.52 1.81
CA THR D 71 -9.54 38.16 0.90
C THR D 71 -9.37 38.86 -0.46
N PRO D 72 -9.02 38.07 -1.49
CA PRO D 72 -8.78 38.71 -2.77
C PRO D 72 -10.07 39.43 -3.29
N THR D 73 -9.90 40.57 -3.93
CA THR D 73 -10.96 41.25 -4.61
C THR D 73 -10.43 41.60 -5.99
N GLU D 74 -11.30 42.19 -6.82
CA GLU D 74 -10.91 42.61 -8.17
C GLU D 74 -9.75 43.60 -8.15
N THR D 75 -9.78 44.44 -7.14
CA THR D 75 -9.12 45.72 -7.21
C THR D 75 -7.95 45.86 -6.23
N ASP D 76 -8.04 45.14 -5.12
CA ASP D 76 -6.97 45.21 -4.12
C ASP D 76 -5.59 44.70 -4.63
N THR D 77 -4.52 45.48 -4.51
CA THR D 77 -3.28 44.93 -4.93
C THR D 77 -2.53 44.44 -3.66
N TYR D 78 -1.91 43.29 -3.79
CA TYR D 78 -1.12 42.75 -2.69
C TYR D 78 0.32 42.62 -3.16
N ALA D 79 1.23 42.92 -2.26
CA ALA D 79 2.67 42.88 -2.53
C ALA D 79 3.52 42.45 -1.30
N CYS D 80 4.71 41.94 -1.59
CA CYS D 80 5.72 41.65 -0.59
C CYS D 80 6.90 42.57 -0.81
N ARG D 81 7.36 43.21 0.26
CA ARG D 81 8.49 44.13 0.20
C ARG D 81 9.63 43.63 1.10
N VAL D 82 10.79 43.42 0.51
CA VAL D 82 11.90 42.72 1.21
C VAL D 82 13.06 43.65 1.24
N LYS D 83 13.53 43.98 2.45
CA LYS D 83 14.77 44.74 2.65
C LYS D 83 15.95 43.81 3.17
N HIS D 84 17.08 43.86 2.47
CA HIS D 84 18.19 42.98 2.76
C HIS D 84 19.48 43.72 2.41
N ASP D 85 20.52 43.47 3.18
CA ASP D 85 21.83 44.06 2.92
C ASP D 85 22.35 43.84 1.51
N SER D 86 21.93 42.74 0.86
CA SER D 86 22.31 42.48 -0.53
C SER D 86 21.76 43.52 -1.49
N MET D 87 20.82 44.32 -1.06
CA MET D 87 20.16 45.18 -2.06
C MET D 87 20.19 46.63 -1.61
N ALA D 88 20.41 47.53 -2.56
CA ALA D 88 20.51 48.95 -2.22
C ALA D 88 19.23 49.45 -1.62
N GLU D 89 18.12 49.14 -2.29
CA GLU D 89 16.80 49.54 -1.83
C GLU D 89 15.90 48.32 -1.67
N PRO D 90 14.83 48.47 -0.88
CA PRO D 90 13.78 47.44 -0.77
C PRO D 90 13.21 47.00 -2.11
N LYS D 91 13.04 45.67 -2.27
CA LYS D 91 12.43 45.08 -3.44
C LYS D 91 10.93 44.75 -3.20
N THR D 92 10.06 45.22 -4.05
CA THR D 92 8.62 44.90 -3.91
C THR D 92 8.18 43.89 -4.97
N VAL D 93 7.54 42.79 -4.62
CA VAL D 93 6.96 41.99 -5.68
C VAL D 93 5.45 41.83 -5.47
N TYR D 94 4.74 42.01 -6.57
CA TYR D 94 3.27 42.11 -6.54
C TYR D 94 2.72 40.73 -6.68
N TRP D 95 1.66 40.46 -5.93
CA TRP D 95 0.87 39.25 -6.12
C TRP D 95 0.19 39.22 -7.51
N ASP D 96 0.50 38.15 -8.23
CA ASP D 96 -0.14 37.82 -9.49
C ASP D 96 -0.98 36.53 -9.28
N ARG D 97 -2.29 36.65 -9.25
CA ARG D 97 -3.21 35.54 -8.94
C ARG D 97 -3.15 34.35 -9.92
N ASP D 98 -2.47 34.48 -11.05
CA ASP D 98 -2.29 33.37 -11.98
C ASP D 98 -0.97 32.61 -11.77
N MET D 99 -0.23 32.91 -10.70
CA MET D 99 1.08 32.32 -10.51
C MET D 99 1.44 31.91 -9.04
N GLY E 1 -9.78 -5.08 2.71
CA GLY E 1 -9.44 -6.39 2.10
C GLY E 1 -10.08 -7.58 2.81
N PRO E 2 -11.33 -7.93 2.44
CA PRO E 2 -12.07 -9.09 2.97
C PRO E 2 -11.62 -10.37 2.30
N HIS E 3 -11.88 -11.51 2.93
CA HIS E 3 -11.46 -12.81 2.39
C HIS E 3 -12.52 -13.84 2.68
N SER E 4 -12.36 -15.02 2.09
CA SER E 4 -13.35 -16.07 2.22
C SER E 4 -12.67 -17.35 1.85
N MET E 5 -13.32 -18.43 2.22
CA MET E 5 -12.94 -19.76 1.82
C MET E 5 -14.22 -20.59 1.60
N ARG E 6 -14.20 -21.46 0.61
CA ARG E 6 -15.31 -22.39 0.39
C ARG E 6 -14.84 -23.75 -0.02
N TYR E 7 -15.57 -24.78 0.49
CA TYR E 7 -15.49 -26.13 -0.04
C TYR E 7 -16.87 -26.42 -0.72
N PHE E 8 -16.73 -26.75 -2.01
CA PHE E 8 -17.80 -27.23 -2.91
C PHE E 8 -17.60 -28.69 -3.23
N GLU E 9 -18.52 -29.51 -2.78
CA GLU E 9 -18.37 -30.95 -2.84
C GLU E 9 -19.62 -31.52 -3.47
N THR E 10 -19.40 -32.54 -4.29
CA THR E 10 -20.44 -33.18 -5.11
C THR E 10 -20.33 -34.67 -5.09
N ALA E 11 -21.46 -35.33 -4.88
CA ALA E 11 -21.50 -36.75 -5.16
C ALA E 11 -22.57 -37.02 -6.21
N VAL E 12 -22.17 -37.71 -7.23
CA VAL E 12 -23.09 -38.03 -8.29
C VAL E 12 -23.19 -39.54 -8.44
N SER E 13 -24.41 -40.05 -8.44
CA SER E 13 -24.66 -41.42 -8.88
C SER E 13 -25.31 -41.44 -10.30
N ARG E 14 -25.03 -42.49 -11.10
CA ARG E 14 -25.55 -42.66 -12.48
C ARG E 14 -26.06 -44.10 -12.65
N PRO E 15 -27.12 -44.31 -13.46
CA PRO E 15 -27.90 -45.56 -13.51
C PRO E 15 -27.10 -46.84 -13.30
N GLY E 16 -26.07 -47.03 -14.10
CA GLY E 16 -25.31 -48.26 -14.07
C GLY E 16 -24.19 -48.27 -13.05
N LEU E 17 -23.30 -47.28 -13.10
CA LEU E 17 -22.12 -47.25 -12.23
C LEU E 17 -22.47 -47.80 -10.85
N GLU E 18 -21.53 -48.50 -10.23
CA GLU E 18 -21.88 -49.16 -8.97
C GLU E 18 -21.87 -48.21 -7.74
N GLU E 19 -20.78 -47.45 -7.49
CA GLU E 19 -20.85 -46.42 -6.42
C GLU E 19 -20.50 -44.96 -6.83
N PRO E 20 -20.95 -43.96 -6.05
CA PRO E 20 -20.95 -42.60 -6.59
C PRO E 20 -19.56 -42.06 -6.83
N ARG E 21 -19.45 -41.06 -7.71
CA ARG E 21 -18.23 -40.28 -7.79
C ARG E 21 -18.27 -39.04 -6.87
N TYR E 22 -17.16 -38.83 -6.15
CA TYR E 22 -17.14 -37.80 -5.13
C TYR E 22 -16.05 -36.82 -5.46
N ILE E 23 -16.42 -35.55 -5.52
CA ILE E 23 -15.45 -34.50 -5.89
C ILE E 23 -15.53 -33.37 -4.89
N SER E 24 -14.37 -32.89 -4.48
CA SER E 24 -14.35 -31.78 -3.60
C SER E 24 -13.42 -30.75 -4.12
N VAL E 25 -13.92 -29.50 -4.15
CA VAL E 25 -13.07 -28.37 -4.51
C VAL E 25 -13.00 -27.32 -3.36
N GLY E 26 -11.79 -26.91 -3.05
CA GLY E 26 -11.57 -25.82 -2.12
C GLY E 26 -11.12 -24.52 -2.77
N TYR E 27 -11.61 -23.42 -2.23
CA TYR E 27 -11.39 -22.11 -2.76
C TYR E 27 -10.92 -21.16 -1.67
N VAL E 28 -9.96 -20.32 -2.01
CA VAL E 28 -9.62 -19.19 -1.15
C VAL E 28 -9.79 -17.96 -1.99
N ASP E 29 -10.65 -17.07 -1.49
CA ASP E 29 -11.07 -15.85 -2.20
C ASP E 29 -11.56 -16.13 -3.62
N ASN E 30 -12.32 -17.20 -3.76
CA ASN E 30 -12.98 -17.57 -5.01
C ASN E 30 -12.03 -18.15 -6.05
N LYS E 31 -10.86 -18.59 -5.60
CA LYS E 31 -9.92 -19.20 -6.51
C LYS E 31 -9.60 -20.59 -5.98
N GLU E 32 -9.75 -21.57 -6.86
CA GLU E 32 -9.49 -22.96 -6.53
C GLU E 32 -8.03 -23.12 -6.05
N PHE E 33 -7.83 -23.80 -4.91
CA PHE E 33 -6.48 -24.04 -4.37
C PHE E 33 -6.24 -25.50 -3.96
N VAL E 34 -7.32 -26.27 -3.77
CA VAL E 34 -7.16 -27.73 -3.53
C VAL E 34 -8.31 -28.45 -4.21
N ARG E 35 -8.08 -29.73 -4.48
CA ARG E 35 -9.09 -30.54 -5.16
C ARG E 35 -8.87 -32.04 -4.96
N PHE E 36 -9.98 -32.75 -4.78
CA PHE E 36 -9.99 -34.20 -4.59
C PHE E 36 -11.05 -34.82 -5.52
N ASP E 37 -10.69 -35.95 -6.16
CA ASP E 37 -11.60 -36.67 -7.04
C ASP E 37 -11.42 -38.17 -6.98
N SER E 38 -12.49 -38.85 -6.60
CA SER E 38 -12.50 -40.30 -6.41
C SER E 38 -12.24 -41.03 -7.74
N ASP E 39 -12.38 -40.34 -8.87
CA ASP E 39 -12.19 -41.00 -10.18
C ASP E 39 -10.70 -41.24 -10.48
N ALA E 40 -9.85 -40.35 -9.98
CA ALA E 40 -8.39 -40.47 -10.02
C ALA E 40 -7.85 -41.88 -9.72
N GLU E 41 -6.73 -42.23 -10.34
CA GLU E 41 -6.15 -43.54 -10.13
C GLU E 41 -5.86 -43.70 -8.62
N ASN E 42 -5.16 -42.71 -8.07
CA ASN E 42 -4.81 -42.70 -6.65
C ASN E 42 -5.46 -41.47 -6.06
N PRO E 43 -6.63 -41.64 -5.43
CA PRO E 43 -7.39 -40.45 -5.00
C PRO E 43 -6.76 -39.73 -3.79
N ARG E 44 -6.55 -38.42 -3.92
CA ARG E 44 -5.89 -37.66 -2.89
C ARG E 44 -6.22 -36.23 -3.12
N TYR E 45 -6.16 -35.44 -2.07
CA TYR E 45 -6.22 -34.01 -2.30
C TYR E 45 -4.91 -33.55 -2.95
N GLU E 46 -5.08 -32.69 -3.95
CA GLU E 46 -3.96 -32.17 -4.70
C GLU E 46 -3.95 -30.66 -4.56
N PRO E 47 -2.75 -30.05 -4.48
CA PRO E 47 -2.60 -28.58 -4.59
C PRO E 47 -3.01 -28.08 -5.99
N ARG E 48 -3.60 -26.90 -6.04
CA ARG E 48 -4.17 -26.39 -7.26
C ARG E 48 -3.69 -24.96 -7.45
N ALA E 49 -2.94 -24.50 -6.47
CA ALA E 49 -2.20 -23.25 -6.58
C ALA E 49 -0.77 -23.55 -6.14
N PRO E 50 0.22 -22.83 -6.72
CA PRO E 50 1.61 -23.08 -6.34
C PRO E 50 1.81 -22.99 -4.82
N TRP E 51 1.33 -21.89 -4.23
CA TRP E 51 1.53 -21.59 -2.81
C TRP E 51 0.98 -22.64 -1.86
N MET E 52 0.22 -23.59 -2.38
CA MET E 52 -0.21 -24.70 -1.52
C MET E 52 0.83 -25.81 -1.41
N GLU E 53 1.84 -25.83 -2.28
CA GLU E 53 2.87 -26.89 -2.25
C GLU E 53 3.99 -26.67 -1.23
N GLN E 54 3.90 -25.59 -0.47
CA GLN E 54 4.32 -25.37 0.88
C GLN E 54 3.89 -26.44 1.86
N GLU E 55 2.61 -26.84 1.81
CA GLU E 55 2.07 -27.74 2.81
C GLU E 55 2.81 -29.04 2.76
N GLY E 56 3.08 -29.60 3.94
CA GLY E 56 3.79 -30.86 4.08
C GLY E 56 2.97 -32.09 3.78
N PRO E 57 3.60 -33.27 3.86
CA PRO E 57 2.97 -34.54 3.54
C PRO E 57 1.83 -34.93 4.49
N GLU E 58 1.89 -34.56 5.76
CA GLU E 58 0.82 -34.92 6.69
C GLU E 58 -0.51 -34.19 6.37
N TYR E 59 -0.41 -32.90 6.07
CA TYR E 59 -1.50 -32.09 5.63
C TYR E 59 -2.25 -32.91 4.56
N TRP E 60 -1.56 -33.31 3.50
CA TRP E 60 -2.17 -34.01 2.40
C TRP E 60 -2.75 -35.33 2.82
N GLU E 61 -2.07 -36.04 3.69
CA GLU E 61 -2.54 -37.35 4.10
C GLU E 61 -3.83 -37.24 4.88
N ARG E 62 -3.93 -36.23 5.72
CA ARG E 62 -5.04 -36.11 6.67
C ARG E 62 -6.28 -35.50 5.95
N GLU E 63 -6.06 -34.45 5.21
CA GLU E 63 -7.07 -34.02 4.26
C GLU E 63 -7.56 -35.16 3.38
N THR E 64 -6.64 -35.97 2.85
CA THR E 64 -7.11 -37.10 2.05
C THR E 64 -8.03 -38.02 2.82
N GLN E 65 -7.66 -38.38 4.04
CA GLN E 65 -8.53 -39.23 4.89
C GLN E 65 -9.92 -38.56 5.20
N LYS E 66 -9.91 -37.27 5.48
CA LYS E 66 -11.20 -36.57 5.67
C LYS E 66 -12.08 -36.64 4.35
N ALA E 67 -11.47 -36.43 3.19
CA ALA E 67 -12.21 -36.70 1.95
C ALA E 67 -12.81 -38.11 1.87
N LYS E 68 -12.07 -39.16 2.21
CA LYS E 68 -12.62 -40.50 2.08
C LYS E 68 -13.81 -40.66 3.05
N GLY E 69 -13.74 -40.01 4.22
CA GLY E 69 -14.88 -39.99 5.15
C GLY E 69 -16.06 -39.18 4.50
N GLN E 70 -15.76 -38.08 3.81
CA GLN E 70 -16.81 -37.31 3.14
C GLN E 70 -17.47 -38.17 2.12
N GLU E 71 -16.65 -38.95 1.42
CA GLU E 71 -17.17 -39.80 0.36
C GLU E 71 -18.14 -40.80 0.92
N GLN E 72 -17.77 -41.44 2.03
CA GLN E 72 -18.67 -42.41 2.65
C GLN E 72 -19.97 -41.70 3.11
N TRP E 73 -19.85 -40.50 3.65
CA TRP E 73 -20.96 -39.76 4.19
C TRP E 73 -21.94 -39.43 3.03
N PHE E 74 -21.40 -38.98 1.89
CA PHE E 74 -22.22 -38.67 0.70
C PHE E 74 -22.93 -39.90 0.10
N ARG E 75 -22.23 -41.02 0.17
CA ARG E 75 -22.76 -42.27 -0.30
C ARG E 75 -23.99 -42.70 0.53
N VAL E 76 -23.90 -42.61 1.83
CA VAL E 76 -25.03 -43.04 2.69
C VAL E 76 -26.19 -42.06 2.51
N SER E 77 -25.86 -40.77 2.43
CA SER E 77 -26.89 -39.73 2.28
C SER E 77 -27.66 -39.85 0.96
N LEU E 78 -26.94 -40.18 -0.10
CA LEU E 78 -27.56 -40.38 -1.40
C LEU E 78 -28.52 -41.52 -1.35
N ARG E 79 -28.12 -42.59 -0.68
CA ARG E 79 -29.02 -43.72 -0.43
C ARG E 79 -30.25 -43.38 0.42
N ASN E 80 -30.07 -42.51 1.40
CA ASN E 80 -31.17 -42.21 2.27
C ASN E 80 -32.19 -41.32 1.51
N LEU E 81 -31.66 -40.39 0.70
CA LEU E 81 -32.48 -39.39 0.01
C LEU E 81 -33.34 -40.12 -0.98
N LEU E 82 -32.74 -41.05 -1.69
CA LEU E 82 -33.46 -41.91 -2.63
C LEU E 82 -34.75 -42.46 -2.01
N GLY E 83 -34.69 -42.94 -0.78
CA GLY E 83 -35.86 -43.38 -0.06
C GLY E 83 -36.77 -42.28 0.45
N TYR E 84 -36.23 -41.14 0.87
CA TYR E 84 -37.06 -40.03 1.33
C TYR E 84 -37.96 -39.53 0.19
N TYR E 85 -37.47 -39.50 -1.04
CA TYR E 85 -38.19 -39.00 -2.19
C TYR E 85 -38.91 -40.14 -2.94
N ASN E 86 -38.79 -41.39 -2.44
CA ASN E 86 -39.46 -42.52 -3.05
C ASN E 86 -39.04 -42.61 -4.55
N GLN E 87 -37.75 -42.53 -4.80
CA GLN E 87 -37.21 -42.54 -6.18
C GLN E 87 -36.94 -43.98 -6.47
N SER E 88 -37.02 -44.40 -7.70
CA SER E 88 -36.64 -45.83 -7.80
C SER E 88 -35.16 -46.00 -8.19
N ALA E 89 -34.70 -47.22 -8.39
CA ALA E 89 -33.41 -47.41 -9.03
C ALA E 89 -33.54 -47.05 -10.48
N GLY E 90 -32.41 -46.73 -11.12
CA GLY E 90 -32.43 -46.47 -12.55
C GLY E 90 -32.22 -45.04 -13.01
N GLY E 91 -32.06 -44.10 -12.09
CA GLY E 91 -31.86 -42.69 -12.44
C GLY E 91 -30.47 -42.19 -12.03
N SER E 92 -30.20 -40.92 -12.29
CA SER E 92 -29.01 -40.25 -11.85
C SER E 92 -29.40 -39.33 -10.74
N HIS E 93 -28.48 -39.12 -9.80
CA HIS E 93 -28.73 -38.33 -8.59
C HIS E 93 -27.52 -37.57 -8.15
N THR E 94 -27.76 -36.43 -7.54
CA THR E 94 -26.67 -35.54 -7.24
C THR E 94 -26.86 -34.99 -5.83
N LEU E 95 -25.74 -34.81 -5.11
CA LEU E 95 -25.79 -34.20 -3.77
C LEU E 95 -24.66 -33.26 -3.72
N GLN E 96 -24.98 -32.05 -3.37
CA GLN E 96 -23.94 -31.07 -3.38
C GLN E 96 -23.89 -30.42 -2.01
N GLN E 97 -22.72 -29.87 -1.68
CA GLN E 97 -22.55 -29.13 -0.44
C GLN E 97 -21.68 -27.93 -0.72
N MET E 98 -22.06 -26.84 -0.05
CA MET E 98 -21.15 -25.69 0.05
C MET E 98 -20.87 -25.36 1.52
N SER E 99 -19.58 -25.12 1.84
CA SER E 99 -19.24 -24.72 3.22
C SER E 99 -18.20 -23.68 3.26
N GLY E 100 -18.15 -22.94 4.36
CA GLY E 100 -16.99 -22.13 4.56
C GLY E 100 -17.28 -20.84 5.25
N CYS E 101 -16.38 -19.87 5.11
CA CYS E 101 -16.41 -18.70 5.97
C CYS E 101 -16.01 -17.43 5.22
N ASP E 102 -16.63 -16.34 5.64
CA ASP E 102 -16.28 -15.01 5.19
C ASP E 102 -15.64 -14.25 6.37
N LEU E 103 -14.53 -13.55 6.09
CA LEU E 103 -13.91 -12.67 7.07
C LEU E 103 -13.94 -11.26 6.55
N GLY E 104 -14.20 -10.30 7.44
CA GLY E 104 -14.03 -8.90 7.08
C GLY E 104 -12.56 -8.50 6.91
N SER E 105 -12.28 -7.26 6.48
CA SER E 105 -10.88 -6.83 6.28
C SER E 105 -10.03 -6.92 7.56
N ASP E 106 -10.68 -6.83 8.72
CA ASP E 106 -10.00 -7.05 10.01
C ASP E 106 -9.69 -8.55 10.31
N TRP E 107 -10.00 -9.42 9.35
CA TRP E 107 -9.76 -10.87 9.44
C TRP E 107 -10.61 -11.61 10.45
N ARG E 108 -11.59 -10.94 11.03
CA ARG E 108 -12.54 -11.60 11.95
C ARG E 108 -13.73 -12.21 11.17
N LEU E 109 -14.27 -13.34 11.63
CA LEU E 109 -15.38 -14.02 10.96
C LEU E 109 -16.63 -13.10 10.70
N LEU E 110 -16.98 -12.87 9.43
CA LEU E 110 -18.23 -12.16 9.12
C LEU E 110 -19.45 -13.13 9.15
N ARG E 111 -19.25 -14.34 8.67
CA ARG E 111 -20.34 -15.24 8.45
C ARG E 111 -19.85 -16.64 8.04
N GLY E 112 -20.59 -17.64 8.52
CA GLY E 112 -20.36 -19.01 8.13
C GLY E 112 -21.42 -19.56 7.21
N TYR E 113 -21.04 -20.51 6.36
CA TYR E 113 -21.93 -21.12 5.37
C TYR E 113 -21.88 -22.62 5.46
N LEU E 114 -23.07 -23.21 5.41
CA LEU E 114 -23.21 -24.64 5.30
C LEU E 114 -24.56 -24.88 4.55
N GLN E 115 -24.53 -25.34 3.30
CA GLN E 115 -25.74 -25.54 2.51
C GLN E 115 -25.62 -26.82 1.70
N PHE E 116 -26.76 -27.49 1.53
CA PHE E 116 -26.87 -28.72 0.80
C PHE E 116 -27.93 -28.63 -0.27
N ALA E 117 -27.66 -29.33 -1.35
CA ALA E 117 -28.61 -29.36 -2.42
C ALA E 117 -28.75 -30.81 -2.91
N TYR E 118 -30.00 -31.14 -3.22
CA TYR E 118 -30.29 -32.41 -3.81
C TYR E 118 -30.93 -32.26 -5.19
N GLU E 119 -30.40 -33.00 -6.15
CA GLU E 119 -30.82 -32.80 -7.56
C GLU E 119 -30.66 -31.32 -7.98
N GLY E 120 -29.67 -30.63 -7.47
CA GLY E 120 -29.47 -29.26 -7.90
C GLY E 120 -30.31 -28.22 -7.28
N ARG E 121 -31.17 -28.68 -6.35
CA ARG E 121 -32.09 -27.83 -5.63
C ARG E 121 -31.87 -27.79 -4.13
N ASP E 122 -32.12 -26.63 -3.54
CA ASP E 122 -31.98 -26.42 -2.08
C ASP E 122 -32.64 -27.53 -1.29
N TYR E 123 -31.84 -28.20 -0.45
CA TYR E 123 -32.31 -29.29 0.41
C TYR E 123 -32.32 -28.85 1.89
N ILE E 124 -31.12 -28.59 2.46
CA ILE E 124 -31.05 -27.99 3.83
C ILE E 124 -29.86 -27.05 3.91
N ALA E 125 -30.01 -26.05 4.75
CA ALA E 125 -29.00 -25.03 4.89
C ALA E 125 -29.00 -24.66 6.38
N LEU E 126 -27.82 -24.37 6.93
CA LEU E 126 -27.68 -23.82 8.26
C LEU E 126 -27.96 -22.33 8.19
N ASN E 127 -28.78 -21.80 9.07
CA ASN E 127 -29.01 -20.34 9.02
C ASN E 127 -27.79 -19.52 9.52
N GLU E 128 -27.81 -18.20 9.32
CA GLU E 128 -26.67 -17.36 9.67
C GLU E 128 -26.38 -17.43 11.18
N ASP E 129 -27.40 -17.62 11.98
CA ASP E 129 -27.19 -17.73 13.41
C ASP E 129 -26.29 -18.95 13.74
N LEU E 130 -25.92 -19.76 12.71
CA LEU E 130 -25.21 -21.03 12.91
C LEU E 130 -25.85 -21.88 14.05
N LYS E 131 -27.17 -21.78 14.21
CA LYS E 131 -27.90 -22.47 15.25
C LYS E 131 -29.16 -23.25 14.73
N THR E 132 -29.91 -22.67 13.79
CA THR E 132 -31.12 -23.29 13.29
C THR E 132 -31.02 -23.63 11.81
N TRP E 133 -31.97 -24.45 11.37
CA TRP E 133 -31.90 -25.00 10.02
C TRP E 133 -33.05 -24.55 9.13
N THR E 134 -32.77 -24.23 7.88
CA THR E 134 -33.83 -24.10 6.88
C THR E 134 -33.84 -25.30 5.93
N ALA E 135 -35.04 -25.88 5.86
CA ALA E 135 -35.35 -27.01 4.97
C ALA E 135 -36.76 -26.80 4.41
N ALA E 136 -36.89 -26.68 3.11
CA ALA E 136 -38.21 -26.34 2.52
C ALA E 136 -39.01 -27.63 2.36
N ASP E 137 -38.43 -28.60 1.63
CA ASP E 137 -39.13 -29.78 1.21
C ASP E 137 -39.74 -30.59 2.35
N MET E 138 -40.89 -31.18 2.09
CA MET E 138 -41.47 -32.07 3.09
C MET E 138 -40.39 -33.19 3.41
N ALA E 139 -39.85 -33.82 2.38
CA ALA E 139 -38.91 -34.91 2.53
C ALA E 139 -37.71 -34.44 3.41
N ALA E 140 -37.31 -33.18 3.28
CA ALA E 140 -36.17 -32.63 3.95
C ALA E 140 -36.35 -32.54 5.47
N GLN E 141 -37.59 -32.56 5.95
CA GLN E 141 -37.86 -32.31 7.34
C GLN E 141 -37.33 -33.48 8.17
N ILE E 142 -37.32 -34.66 7.59
CA ILE E 142 -36.77 -35.82 8.24
C ILE E 142 -35.30 -35.54 8.61
N THR E 143 -34.51 -35.04 7.68
CA THR E 143 -33.16 -34.61 7.96
C THR E 143 -33.06 -33.46 8.97
N ARG E 144 -33.92 -32.44 8.87
CA ARG E 144 -33.83 -31.35 9.83
C ARG E 144 -34.04 -31.88 11.26
N ARG E 145 -35.07 -32.68 11.45
CA ARG E 145 -35.37 -33.24 12.78
C ARG E 145 -34.21 -34.12 13.24
N LYS E 146 -33.73 -34.99 12.36
CA LYS E 146 -32.61 -35.84 12.68
C LYS E 146 -31.42 -34.97 13.11
N TRP E 147 -31.12 -33.88 12.38
CA TRP E 147 -29.97 -33.04 12.71
C TRP E 147 -30.21 -32.19 13.97
N GLU E 148 -31.46 -31.78 14.18
CA GLU E 148 -31.80 -31.06 15.42
C GLU E 148 -31.67 -31.96 16.63
N GLN E 149 -32.15 -33.20 16.50
CA GLN E 149 -31.96 -34.17 17.60
C GLN E 149 -30.47 -34.46 17.93
N SER E 150 -29.61 -34.47 16.91
CA SER E 150 -28.22 -34.87 17.16
C SER E 150 -27.29 -33.70 17.46
N GLY E 151 -27.83 -32.50 17.58
CA GLY E 151 -26.99 -31.30 17.67
C GLY E 151 -25.93 -31.12 16.63
N ALA E 152 -26.17 -31.61 15.42
CA ALA E 152 -25.28 -31.31 14.27
C ALA E 152 -24.84 -29.82 14.23
N ALA E 153 -25.78 -28.88 14.42
CA ALA E 153 -25.46 -27.45 14.21
C ALA E 153 -24.26 -26.93 15.06
N GLU E 154 -24.17 -27.36 16.30
CA GLU E 154 -23.16 -26.93 17.24
C GLU E 154 -21.78 -27.38 16.72
N HIS E 155 -21.74 -28.58 16.20
CA HIS E 155 -20.53 -29.10 15.60
C HIS E 155 -20.12 -28.35 14.36
N TYR E 156 -21.04 -28.14 13.40
CA TYR E 156 -20.69 -27.34 12.22
C TYR E 156 -20.31 -25.91 12.64
N LYS E 157 -21.07 -25.34 13.57
CA LYS E 157 -20.78 -24.02 14.13
C LYS E 157 -19.28 -23.99 14.61
N ALA E 158 -18.86 -25.04 15.30
CA ALA E 158 -17.47 -25.08 15.84
C ALA E 158 -16.41 -25.15 14.70
N TYR E 159 -16.63 -26.05 13.75
CA TYR E 159 -15.86 -26.04 12.53
C TYR E 159 -15.75 -24.66 11.88
N LEU E 160 -16.88 -23.93 11.77
CA LEU E 160 -16.94 -22.70 10.97
C LEU E 160 -16.29 -21.53 11.66
N GLU E 161 -16.51 -21.45 12.98
CA GLU E 161 -15.92 -20.41 13.80
C GLU E 161 -14.45 -20.64 14.06
N GLY E 162 -14.07 -21.91 14.13
CA GLY E 162 -12.74 -22.29 14.58
C GLY E 162 -11.89 -22.68 13.41
N GLU E 163 -11.89 -23.96 13.06
CA GLU E 163 -10.98 -24.48 12.03
C GLU E 163 -11.05 -23.72 10.73
N CYS E 164 -12.25 -23.50 10.22
CA CYS E 164 -12.41 -22.74 9.00
C CYS E 164 -11.65 -21.40 9.03
N VAL E 165 -11.93 -20.60 10.07
CA VAL E 165 -11.29 -19.32 10.24
C VAL E 165 -9.75 -19.47 10.41
N GLU E 166 -9.35 -20.37 11.28
CA GLU E 166 -7.93 -20.57 11.56
C GLU E 166 -7.12 -20.97 10.32
N TRP E 167 -7.56 -21.97 9.59
CA TRP E 167 -6.83 -22.35 8.37
C TRP E 167 -6.91 -21.36 7.22
N LEU E 168 -7.95 -20.54 7.17
CA LEU E 168 -7.95 -19.52 6.17
C LEU E 168 -6.84 -18.49 6.44
N HIS E 169 -6.73 -18.05 7.69
CA HIS E 169 -5.66 -17.18 8.12
C HIS E 169 -4.31 -17.73 7.60
N ARG E 170 -4.02 -18.98 7.96
CA ARG E 170 -2.75 -19.61 7.55
C ARG E 170 -2.57 -19.53 6.05
N TYR E 171 -3.60 -19.86 5.29
CA TYR E 171 -3.56 -19.81 3.84
C TYR E 171 -3.23 -18.42 3.34
N LEU E 172 -3.75 -17.42 4.03
CA LEU E 172 -3.71 -16.07 3.49
C LEU E 172 -2.29 -15.57 3.63
N LYS E 173 -1.67 -15.98 4.72
CA LYS E 173 -0.26 -15.75 4.92
C LYS E 173 0.53 -16.47 3.80
N ASN E 174 0.30 -17.77 3.62
CA ASN E 174 1.13 -18.61 2.74
C ASN E 174 1.11 -18.20 1.27
N GLY E 175 0.17 -17.34 0.88
CA GLY E 175 0.04 -16.99 -0.51
C GLY E 175 -0.17 -15.52 -0.67
N ASN E 176 0.53 -14.75 0.15
CA ASN E 176 0.31 -13.32 0.26
C ASN E 176 0.46 -12.63 -1.08
N ALA E 177 1.40 -13.12 -1.88
CA ALA E 177 1.66 -12.55 -3.22
C ALA E 177 0.44 -12.65 -4.15
N THR E 178 0.11 -13.87 -4.57
CA THR E 178 -0.90 -14.10 -5.62
C THR E 178 -2.31 -13.63 -5.23
N ARG E 181 -4.03 -9.55 -5.18
CA ARG E 181 -3.88 -8.71 -6.36
C ARG E 181 -5.04 -8.90 -7.39
N THR E 182 -5.79 -7.83 -7.62
CA THR E 182 -6.80 -7.78 -8.67
C THR E 182 -6.16 -7.27 -9.98
N ASP E 183 -6.75 -7.61 -11.12
CA ASP E 183 -6.40 -7.00 -12.39
C ASP E 183 -7.50 -6.08 -12.91
N SER E 184 -7.15 -4.81 -13.17
CA SER E 184 -8.09 -3.84 -13.73
C SER E 184 -8.51 -4.22 -15.15
N PRO E 185 -9.74 -3.86 -15.53
CA PRO E 185 -10.21 -4.09 -16.91
C PRO E 185 -9.59 -3.11 -17.93
N LYS E 186 -9.19 -3.62 -19.08
CA LYS E 186 -8.81 -2.76 -20.19
C LYS E 186 -9.97 -2.74 -21.14
N ALA E 187 -10.46 -1.55 -21.42
CA ALA E 187 -11.72 -1.40 -22.11
C ALA E 187 -11.57 -0.61 -23.40
N HIS E 188 -12.31 -1.03 -24.42
CA HIS E 188 -12.30 -0.35 -25.70
C HIS E 188 -13.67 -0.53 -26.39
N VAL E 189 -14.06 0.40 -27.25
CA VAL E 189 -15.35 0.27 -27.93
C VAL E 189 -15.11 -0.04 -29.39
N THR E 190 -15.71 -1.13 -29.90
CA THR E 190 -15.69 -1.43 -31.36
C THR E 190 -16.98 -1.04 -32.09
N HIS E 191 -16.83 -0.88 -33.41
CA HIS E 191 -17.87 -0.34 -34.26
C HIS E 191 -18.30 -1.36 -35.31
N HIS E 192 -19.59 -1.68 -35.36
CA HIS E 192 -20.10 -2.61 -36.36
C HIS E 192 -21.28 -2.03 -37.14
N PRO E 193 -21.20 -2.06 -38.48
CA PRO E 193 -22.31 -1.63 -39.35
C PRO E 193 -23.58 -2.38 -39.02
N ARG E 194 -24.72 -1.87 -39.45
CA ARG E 194 -25.99 -2.55 -39.18
C ARG E 194 -27.07 -2.17 -40.21
N SER E 195 -28.34 -2.34 -39.82
CA SER E 195 -29.47 -1.93 -40.65
C SER E 195 -29.25 -0.51 -41.15
N LYS E 196 -29.97 -0.12 -42.20
CA LYS E 196 -29.76 1.21 -42.76
C LYS E 196 -29.69 2.31 -41.68
N GLY E 197 -28.62 3.10 -41.72
CA GLY E 197 -28.48 4.25 -40.84
C GLY E 197 -28.34 3.91 -39.37
N GLU E 198 -27.82 2.72 -39.06
CA GLU E 198 -27.63 2.29 -37.66
C GLU E 198 -26.36 1.47 -37.45
N VAL E 199 -25.72 1.69 -36.31
CA VAL E 199 -24.51 0.95 -35.96
C VAL E 199 -24.57 0.40 -34.53
N THR E 200 -23.98 -0.78 -34.35
CA THR E 200 -23.85 -1.38 -33.03
C THR E 200 -22.53 -0.93 -32.42
N LEU E 201 -22.62 -0.28 -31.27
CA LEU E 201 -21.42 0.02 -30.48
C LEU E 201 -21.22 -1.05 -29.43
N ARG E 202 -20.05 -1.70 -29.48
CA ARG E 202 -19.74 -2.79 -28.54
C ARG E 202 -18.60 -2.36 -27.58
N CYS E 203 -18.93 -2.10 -26.31
CA CYS E 203 -17.92 -1.80 -25.26
C CYS E 203 -17.38 -3.08 -24.65
N TRP E 204 -16.10 -3.31 -24.90
CA TRP E 204 -15.38 -4.46 -24.38
C TRP E 204 -14.60 -4.21 -23.10
N ALA E 205 -14.63 -5.17 -22.18
CA ALA E 205 -13.75 -5.16 -21.01
C ALA E 205 -12.91 -6.44 -21.02
N LEU E 206 -11.61 -6.25 -21.03
CA LEU E 206 -10.74 -7.39 -21.11
C LEU E 206 -9.70 -7.39 -20.01
N GLY E 207 -9.20 -8.59 -19.73
CA GLY E 207 -8.10 -8.82 -18.79
C GLY E 207 -8.35 -8.48 -17.32
N PHE E 208 -9.58 -8.58 -16.82
CA PHE E 208 -9.87 -8.19 -15.44
C PHE E 208 -10.01 -9.42 -14.53
N TYR E 209 -9.69 -9.23 -13.25
CA TYR E 209 -9.91 -10.23 -12.21
C TYR E 209 -10.11 -9.46 -10.95
N PRO E 210 -11.08 -9.84 -10.08
CA PRO E 210 -12.06 -10.95 -10.15
C PRO E 210 -13.13 -10.72 -11.23
N ALA E 211 -14.05 -11.66 -11.37
CA ALA E 211 -15.00 -11.61 -12.48
C ALA E 211 -16.02 -10.47 -12.32
N ASP E 212 -16.34 -10.09 -11.09
CA ASP E 212 -17.47 -9.14 -10.89
C ASP E 212 -17.14 -7.82 -11.58
N ILE E 213 -18.07 -7.31 -12.36
CA ILE E 213 -17.86 -6.11 -13.18
C ILE E 213 -19.22 -5.62 -13.61
N THR E 214 -19.32 -4.34 -13.91
CA THR E 214 -20.54 -3.77 -14.40
C THR E 214 -20.23 -2.89 -15.60
N LEU E 215 -20.95 -3.11 -16.69
CA LEU E 215 -20.90 -2.26 -17.87
C LEU E 215 -22.23 -1.53 -18.10
N THR E 216 -22.14 -0.28 -18.51
CA THR E 216 -23.33 0.53 -18.73
C THR E 216 -23.08 1.48 -19.90
N TRP E 217 -24.18 1.90 -20.55
CA TRP E 217 -24.12 2.90 -21.62
C TRP E 217 -25.07 4.06 -21.26
N GLN E 218 -24.67 5.29 -21.58
CA GLN E 218 -25.52 6.43 -21.26
C GLN E 218 -25.67 7.32 -22.48
N LEU E 219 -26.89 7.77 -22.74
CA LEU E 219 -27.10 8.80 -23.75
C LEU E 219 -27.02 10.13 -22.99
N ASN E 220 -25.82 10.47 -22.59
CA ASN E 220 -25.64 11.64 -21.76
C ASN E 220 -26.24 11.81 -20.34
N GLY E 221 -26.03 10.80 -19.50
CA GLY E 221 -26.67 10.75 -18.21
C GLY E 221 -27.85 9.82 -17.99
N GLU E 222 -28.45 9.34 -19.08
CA GLU E 222 -29.50 8.35 -18.95
C GLU E 222 -28.98 6.96 -19.28
N GLU E 223 -28.91 6.11 -18.26
CA GLU E 223 -28.58 4.70 -18.47
C GLU E 223 -29.61 4.04 -19.39
N LEU E 224 -29.32 2.81 -19.80
CA LEU E 224 -30.19 2.10 -20.75
C LEU E 224 -30.47 0.63 -20.44
N THR E 225 -31.64 0.35 -19.85
CA THR E 225 -32.16 -1.01 -19.75
C THR E 225 -32.80 -1.39 -21.07
N GLN E 226 -33.04 -0.38 -21.90
CA GLN E 226 -33.68 -0.57 -23.20
C GLN E 226 -33.05 -1.39 -24.30
N ASP E 227 -33.29 -2.70 -24.26
CA ASP E 227 -32.64 -3.65 -25.16
C ASP E 227 -31.18 -3.32 -25.37
N MET E 228 -30.46 -3.08 -24.27
CA MET E 228 -29.01 -3.07 -24.34
C MET E 228 -28.60 -4.52 -24.39
N GLU E 229 -27.62 -4.85 -25.22
CA GLU E 229 -27.20 -6.24 -25.40
C GLU E 229 -25.90 -6.52 -24.60
N LEU E 230 -25.83 -7.66 -23.95
CA LEU E 230 -24.56 -8.01 -23.33
C LEU E 230 -24.28 -9.50 -23.44
N VAL E 231 -23.14 -9.92 -22.89
CA VAL E 231 -22.86 -11.34 -22.69
C VAL E 231 -22.58 -11.58 -21.21
N GLU E 232 -22.86 -12.79 -20.73
CA GLU E 232 -22.44 -13.16 -19.38
C GLU E 232 -20.92 -13.12 -19.28
N THR E 233 -20.44 -12.65 -18.15
CA THR E 233 -19.01 -12.68 -17.90
C THR E 233 -18.42 -14.08 -18.04
N ARG E 234 -17.24 -14.16 -18.66
CA ARG E 234 -16.67 -15.41 -19.16
C ARG E 234 -15.19 -15.36 -19.04
N PRO E 235 -14.58 -16.51 -18.80
CA PRO E 235 -13.13 -16.58 -18.58
C PRO E 235 -12.30 -16.57 -19.89
N ALA E 236 -11.33 -15.67 -19.97
CA ALA E 236 -10.32 -15.76 -21.04
C ALA E 236 -9.64 -17.12 -21.06
N GLY E 237 -9.58 -17.79 -19.90
CA GLY E 237 -8.94 -19.10 -19.77
C GLY E 237 -7.47 -19.02 -19.30
N ASP E 238 -6.95 -17.79 -19.19
CA ASP E 238 -5.64 -17.45 -18.63
C ASP E 238 -5.75 -17.00 -17.14
N GLY E 239 -6.93 -17.15 -16.55
CA GLY E 239 -7.19 -16.53 -15.25
C GLY E 239 -7.81 -15.14 -15.24
N THR E 240 -7.94 -14.43 -16.37
CA THR E 240 -8.75 -13.19 -16.41
C THR E 240 -10.14 -13.45 -17.00
N PHE E 241 -10.93 -12.38 -17.08
CA PHE E 241 -12.32 -12.44 -17.57
C PHE E 241 -12.59 -11.45 -18.66
N GLN E 242 -13.60 -11.75 -19.49
CA GLN E 242 -14.08 -10.84 -20.52
C GLN E 242 -15.56 -10.56 -20.30
N LYS E 243 -16.02 -9.41 -20.80
CA LYS E 243 -17.42 -9.11 -20.89
C LYS E 243 -17.57 -7.98 -21.92
N TRP E 244 -18.66 -7.96 -22.69
CA TRP E 244 -19.00 -6.80 -23.51
C TRP E 244 -20.47 -6.38 -23.33
N ALA E 245 -20.74 -5.10 -23.60
CA ALA E 245 -22.11 -4.59 -23.71
C ALA E 245 -22.17 -3.73 -24.96
N SER E 246 -23.20 -3.94 -25.77
CA SER E 246 -23.40 -3.20 -27.01
C SER E 246 -24.74 -2.45 -27.03
N VAL E 247 -24.89 -1.52 -27.97
CA VAL E 247 -26.17 -0.86 -28.17
C VAL E 247 -26.32 -0.36 -29.61
N VAL E 248 -27.56 -0.20 -30.08
CA VAL E 248 -27.81 0.32 -31.43
C VAL E 248 -27.96 1.83 -31.44
N VAL E 249 -27.24 2.46 -32.37
CA VAL E 249 -27.00 3.90 -32.34
C VAL E 249 -27.14 4.51 -33.75
N PRO E 250 -27.96 5.58 -33.89
CA PRO E 250 -28.10 6.28 -35.18
C PRO E 250 -26.75 6.65 -35.79
N LEU E 251 -26.36 5.99 -36.87
CA LEU E 251 -25.10 6.30 -37.54
C LEU E 251 -24.92 7.79 -37.71
N GLY E 252 -23.85 8.32 -37.12
CA GLY E 252 -23.62 9.75 -37.14
C GLY E 252 -24.20 10.76 -36.16
N LYS E 253 -25.11 10.29 -35.30
CA LYS E 253 -25.44 10.67 -33.93
C LYS E 253 -24.89 9.64 -32.98
N GLU E 254 -23.64 9.24 -33.18
CA GLU E 254 -23.05 8.17 -32.39
C GLU E 254 -22.21 8.73 -31.26
N GLN E 255 -21.62 9.89 -31.49
CA GLN E 255 -20.77 10.53 -30.47
C GLN E 255 -21.48 10.88 -29.16
N ASN E 256 -22.79 10.69 -29.10
CA ASN E 256 -23.59 11.06 -27.92
C ASN E 256 -23.65 9.94 -26.89
N TYR E 257 -22.81 8.93 -27.09
CA TYR E 257 -22.89 7.65 -26.38
C TYR E 257 -21.59 7.32 -25.59
N THR E 258 -21.68 7.26 -24.27
CA THR E 258 -20.54 6.84 -23.47
C THR E 258 -20.77 5.57 -22.63
N CYS E 259 -19.76 4.70 -22.68
CA CYS E 259 -19.69 3.48 -21.86
C CYS E 259 -19.00 3.71 -20.47
N ARG E 260 -19.44 2.98 -19.45
CA ARG E 260 -18.73 3.03 -18.17
C ARG E 260 -18.43 1.61 -17.70
N VAL E 261 -17.25 1.43 -17.14
CA VAL E 261 -16.83 0.18 -16.54
C VAL E 261 -16.57 0.30 -15.03
N TYR E 262 -17.31 -0.45 -14.23
CA TYR E 262 -17.18 -0.49 -12.79
C TYR E 262 -16.52 -1.80 -12.41
N HIS E 263 -15.49 -1.67 -11.58
CA HIS E 263 -14.67 -2.82 -11.21
C HIS E 263 -13.78 -2.48 -10.01
N GLU E 264 -13.66 -3.42 -9.07
CA GLU E 264 -13.00 -3.13 -7.83
C GLU E 264 -11.56 -2.66 -8.04
N GLY E 265 -10.92 -3.22 -9.06
CA GLY E 265 -9.53 -2.95 -9.32
C GLY E 265 -9.27 -1.61 -9.95
N LEU E 266 -10.29 -0.78 -10.04
CA LEU E 266 -10.17 0.53 -10.71
C LEU E 266 -9.96 1.66 -9.69
N PRO E 267 -9.11 2.64 -10.02
CA PRO E 267 -9.00 3.84 -9.17
C PRO E 267 -10.37 4.49 -9.05
N GLU E 268 -11.11 4.41 -10.15
CA GLU E 268 -12.48 4.87 -10.18
C GLU E 268 -13.06 4.41 -11.51
N PRO E 269 -14.39 4.51 -11.69
CA PRO E 269 -15.02 3.91 -12.87
C PRO E 269 -14.44 4.49 -14.16
N LEU E 270 -14.39 3.71 -15.24
CA LEU E 270 -13.93 4.22 -16.55
C LEU E 270 -15.04 4.87 -17.36
N THR E 271 -14.69 5.88 -18.16
CA THR E 271 -15.61 6.41 -19.14
C THR E 271 -14.94 6.28 -20.50
N LEU E 272 -15.68 5.72 -21.46
CA LEU E 272 -15.18 5.36 -22.79
C LEU E 272 -16.19 5.77 -23.88
N ARG E 273 -15.71 5.96 -25.11
CA ARG E 273 -16.58 6.34 -26.23
C ARG E 273 -15.89 5.91 -27.55
N TRP E 274 -16.56 6.05 -28.69
CA TRP E 274 -15.90 5.65 -29.94
C TRP E 274 -14.60 6.42 -30.12
N GLU E 275 -13.69 5.87 -30.93
CA GLU E 275 -12.48 6.58 -31.33
C GLU E 275 -11.89 5.97 -32.60
N PRO E 276 -11.63 6.80 -33.62
CA PRO E 276 -11.05 6.32 -34.88
C PRO E 276 -9.65 5.78 -34.72
N ILE F 1 -34.40 -31.69 -11.43
CA ILE F 1 -34.99 -31.24 -12.74
C ILE F 1 -33.86 -30.65 -13.61
N GLN F 2 -33.99 -30.81 -14.92
CA GLN F 2 -32.97 -30.40 -15.84
C GLN F 2 -32.83 -28.87 -16.01
N LYS F 3 -31.60 -28.39 -16.14
CA LYS F 3 -31.36 -26.99 -16.45
C LYS F 3 -30.57 -27.01 -17.76
N THR F 4 -31.04 -26.27 -18.78
CA THR F 4 -30.37 -26.34 -20.08
C THR F 4 -29.12 -25.40 -20.16
N PRO F 5 -28.05 -25.90 -20.75
CA PRO F 5 -26.73 -25.24 -20.92
C PRO F 5 -26.81 -23.88 -21.65
N GLN F 6 -26.27 -22.83 -21.08
CA GLN F 6 -25.99 -21.61 -21.82
C GLN F 6 -24.57 -21.74 -22.41
N ILE F 7 -24.38 -21.29 -23.64
CA ILE F 7 -23.15 -21.53 -24.39
C ILE F 7 -22.67 -20.19 -24.93
N GLN F 8 -21.40 -19.92 -24.71
CA GLN F 8 -20.67 -18.86 -25.45
C GLN F 8 -19.46 -19.45 -26.10
N VAL F 9 -19.16 -18.96 -27.28
CA VAL F 9 -18.03 -19.48 -28.02
C VAL F 9 -17.22 -18.28 -28.39
N TYR F 10 -15.92 -18.25 -28.05
CA TYR F 10 -15.19 -16.99 -28.25
C TYR F 10 -13.70 -17.23 -28.11
N SER F 11 -12.91 -16.26 -28.55
CA SER F 11 -11.48 -16.48 -28.52
C SER F 11 -10.86 -15.86 -27.25
N ARG F 12 -9.68 -16.38 -26.87
CA ARG F 12 -8.98 -15.82 -25.70
C ARG F 12 -8.46 -14.44 -26.04
N HIS F 13 -7.72 -14.31 -27.14
CA HIS F 13 -7.20 -13.02 -27.54
C HIS F 13 -8.00 -12.49 -28.68
N PRO F 14 -7.98 -11.17 -28.88
CA PRO F 14 -8.68 -10.60 -30.06
C PRO F 14 -8.23 -11.28 -31.32
N PRO F 15 -9.18 -11.72 -32.15
CA PRO F 15 -8.83 -12.54 -33.32
C PRO F 15 -8.15 -11.72 -34.40
N GLU F 16 -7.17 -12.36 -35.05
CA GLU F 16 -6.37 -11.78 -36.13
C GLU F 16 -6.20 -12.91 -37.12
N ASN F 17 -6.70 -12.74 -38.34
CA ASN F 17 -6.57 -13.83 -39.29
C ASN F 17 -5.12 -14.18 -39.44
N GLY F 18 -4.84 -15.48 -39.43
CA GLY F 18 -3.51 -16.03 -39.53
C GLY F 18 -2.71 -16.10 -38.22
N LYS F 19 -3.20 -15.46 -37.15
CA LYS F 19 -2.51 -15.43 -35.88
C LYS F 19 -3.03 -16.52 -34.92
N PRO F 20 -2.14 -17.41 -34.47
CA PRO F 20 -2.46 -18.43 -33.45
C PRO F 20 -3.18 -17.84 -32.24
N ASN F 21 -4.04 -18.64 -31.63
CA ASN F 21 -4.98 -18.11 -30.63
C ASN F 21 -5.66 -19.32 -29.96
N ILE F 22 -6.56 -19.05 -29.03
CA ILE F 22 -7.32 -20.08 -28.35
C ILE F 22 -8.81 -19.84 -28.45
N LEU F 23 -9.56 -20.87 -28.83
CA LEU F 23 -11.00 -20.77 -28.90
C LEU F 23 -11.61 -21.45 -27.70
N ASN F 24 -12.43 -20.70 -26.96
CA ASN F 24 -13.27 -21.20 -25.86
C ASN F 24 -14.72 -21.53 -26.15
N CYS F 25 -15.19 -22.59 -25.51
CA CYS F 25 -16.61 -22.89 -25.51
C CYS F 25 -17.00 -22.99 -24.03
N TYR F 26 -17.62 -21.93 -23.56
CA TYR F 26 -17.92 -21.82 -22.17
C TYR F 26 -19.37 -22.26 -22.00
N VAL F 27 -19.59 -23.39 -21.35
CA VAL F 27 -20.95 -23.92 -21.06
C VAL F 27 -21.31 -23.81 -19.57
N THR F 28 -22.44 -23.18 -19.30
CA THR F 28 -22.75 -22.84 -17.93
C THR F 28 -24.22 -23.15 -17.60
N GLN F 29 -24.55 -22.99 -16.34
CA GLN F 29 -25.96 -23.07 -15.88
C GLN F 29 -26.69 -24.39 -16.20
N PHE F 30 -25.98 -25.53 -16.31
CA PHE F 30 -26.62 -26.80 -16.58
C PHE F 30 -26.73 -27.75 -15.39
N HIS F 31 -27.63 -28.70 -15.54
CA HIS F 31 -27.88 -29.75 -14.58
C HIS F 31 -28.75 -30.85 -15.22
N PRO F 32 -28.43 -32.13 -14.98
CA PRO F 32 -27.34 -32.71 -14.20
C PRO F 32 -25.94 -32.51 -14.85
N PRO F 33 -24.85 -32.81 -14.09
CA PRO F 33 -23.49 -32.41 -14.49
C PRO F 33 -22.97 -33.18 -15.73
N HIS F 34 -23.47 -34.38 -15.98
CA HIS F 34 -23.12 -35.08 -17.21
C HIS F 34 -23.45 -34.28 -18.50
N ILE F 35 -22.43 -34.08 -19.36
CA ILE F 35 -22.52 -33.26 -20.58
C ILE F 35 -21.46 -33.64 -21.62
N GLU F 36 -21.79 -33.54 -22.91
CA GLU F 36 -20.82 -33.79 -24.01
C GLU F 36 -20.60 -32.54 -24.84
N ILE F 37 -19.37 -32.07 -24.87
CA ILE F 37 -19.07 -30.84 -25.59
C ILE F 37 -18.10 -31.16 -26.75
N GLN F 38 -18.46 -30.78 -27.97
CA GLN F 38 -17.55 -30.93 -29.12
C GLN F 38 -17.22 -29.56 -29.74
N MET F 39 -16.01 -29.38 -30.24
CA MET F 39 -15.66 -28.17 -30.96
C MET F 39 -15.40 -28.55 -32.42
N LEU F 40 -16.03 -27.80 -33.33
CA LEU F 40 -15.96 -28.09 -34.78
C LEU F 40 -15.29 -26.99 -35.58
N LYS F 41 -14.51 -27.43 -36.55
CA LYS F 41 -13.93 -26.57 -37.56
C LYS F 41 -14.53 -27.04 -38.90
N ASN F 42 -15.20 -26.14 -39.59
CA ASN F 42 -15.94 -26.49 -40.83
C ASN F 42 -16.74 -27.77 -40.75
N GLY F 43 -17.49 -27.89 -39.67
CA GLY F 43 -18.39 -29.01 -39.43
C GLY F 43 -17.71 -30.30 -38.94
N LYS F 44 -16.38 -30.31 -38.90
CA LYS F 44 -15.63 -31.52 -38.48
C LYS F 44 -15.13 -31.43 -37.01
N LYS F 45 -15.45 -32.44 -36.19
CA LYS F 45 -14.94 -32.50 -34.80
C LYS F 45 -13.44 -32.23 -34.74
N ILE F 46 -13.06 -31.32 -33.84
CA ILE F 46 -11.65 -30.94 -33.67
C ILE F 46 -11.01 -31.91 -32.68
N PRO F 47 -9.84 -32.49 -33.05
CA PRO F 47 -9.25 -33.60 -32.30
C PRO F 47 -9.06 -33.38 -30.82
N LYS F 48 -8.15 -32.50 -30.45
CA LYS F 48 -7.65 -32.58 -29.05
C LYS F 48 -8.14 -31.37 -28.26
N VAL F 49 -9.39 -31.48 -27.83
CA VAL F 49 -10.03 -30.38 -27.14
C VAL F 49 -9.89 -30.55 -25.65
N GLU F 50 -9.29 -29.56 -25.00
CA GLU F 50 -9.15 -29.60 -23.52
C GLU F 50 -10.44 -29.22 -22.80
N MET F 51 -10.78 -29.97 -21.77
CA MET F 51 -11.97 -29.75 -20.95
C MET F 51 -11.53 -29.38 -19.51
N SER F 52 -12.06 -28.27 -18.95
CA SER F 52 -11.82 -28.00 -17.51
C SER F 52 -12.48 -29.10 -16.66
N ASP F 53 -12.10 -29.19 -15.40
CA ASP F 53 -12.80 -30.12 -14.47
C ASP F 53 -14.16 -29.62 -13.95
N MET F 54 -15.11 -30.56 -13.72
CA MET F 54 -16.47 -30.29 -13.19
C MET F 54 -16.35 -29.25 -12.06
N SER F 55 -17.04 -28.13 -12.22
CA SER F 55 -17.23 -27.22 -11.10
C SER F 55 -18.67 -26.75 -11.05
N PHE F 56 -19.08 -26.25 -9.90
CA PHE F 56 -20.47 -25.70 -9.84
C PHE F 56 -20.50 -24.37 -9.17
N SER F 57 -21.53 -23.59 -9.50
CA SER F 57 -21.67 -22.19 -9.01
C SER F 57 -22.57 -22.10 -7.79
N LYS F 58 -22.60 -20.94 -7.14
CA LYS F 58 -23.29 -20.84 -5.83
C LYS F 58 -24.82 -21.11 -5.93
N ASP F 59 -25.36 -21.04 -7.12
CA ASP F 59 -26.76 -21.38 -7.41
C ASP F 59 -26.91 -22.87 -7.68
N TRP F 60 -25.80 -23.60 -7.55
CA TRP F 60 -25.73 -25.06 -7.66
C TRP F 60 -25.67 -25.57 -9.08
N SER F 61 -25.58 -24.68 -10.04
CA SER F 61 -25.52 -25.15 -11.43
C SER F 61 -24.05 -25.39 -11.84
N PHE F 62 -23.86 -26.35 -12.73
CA PHE F 62 -22.55 -26.69 -13.22
C PHE F 62 -22.10 -25.82 -14.43
N TYR F 63 -20.80 -25.79 -14.66
CA TYR F 63 -20.18 -25.06 -15.76
C TYR F 63 -18.83 -25.66 -16.18
N ILE F 64 -18.54 -25.60 -17.47
CA ILE F 64 -17.32 -26.15 -18.03
C ILE F 64 -16.79 -25.21 -19.06
N LEU F 65 -15.49 -25.17 -19.15
CA LEU F 65 -14.81 -24.42 -20.14
C LEU F 65 -14.06 -25.36 -21.00
N ALA F 66 -14.51 -25.55 -22.26
CA ALA F 66 -13.73 -26.30 -23.24
C ALA F 66 -12.88 -25.29 -24.05
N HIS F 67 -11.72 -25.69 -24.53
CA HIS F 67 -10.92 -24.74 -25.33
C HIS F 67 -9.94 -25.50 -26.20
N THR F 68 -9.43 -24.83 -27.23
CA THR F 68 -8.51 -25.49 -28.14
C THR F 68 -7.74 -24.45 -28.92
N GLU F 69 -6.56 -24.86 -29.42
CA GLU F 69 -5.75 -23.98 -30.26
C GLU F 69 -6.40 -23.85 -31.60
N PHE F 70 -6.39 -22.65 -32.14
CA PHE F 70 -6.87 -22.45 -33.47
C PHE F 70 -6.20 -21.22 -34.14
N THR F 71 -6.22 -21.19 -35.47
CA THR F 71 -5.84 -19.98 -36.16
C THR F 71 -7.03 -19.51 -36.99
N PRO F 72 -7.62 -18.35 -36.62
CA PRO F 72 -8.70 -17.83 -37.47
C PRO F 72 -8.22 -17.57 -38.88
N THR F 73 -9.11 -17.78 -39.83
CA THR F 73 -8.96 -17.38 -41.23
C THR F 73 -10.26 -16.68 -41.66
N GLU F 74 -10.30 -16.19 -42.90
CA GLU F 74 -11.53 -15.60 -43.48
C GLU F 74 -12.68 -16.60 -43.56
N THR F 75 -12.32 -17.84 -43.82
CA THR F 75 -13.22 -18.75 -44.47
C THR F 75 -13.69 -19.90 -43.60
N ASP F 76 -12.84 -20.29 -42.66
CA ASP F 76 -13.14 -21.34 -41.68
C ASP F 76 -14.23 -20.91 -40.74
N THR F 77 -15.21 -21.76 -40.51
CA THR F 77 -16.16 -21.47 -39.44
C THR F 77 -15.92 -22.40 -38.34
N TYR F 78 -15.91 -21.84 -37.13
CA TYR F 78 -15.84 -22.67 -35.94
C TYR F 78 -17.16 -22.64 -35.16
N ALA F 79 -17.40 -23.74 -34.42
CA ALA F 79 -18.60 -23.96 -33.62
C ALA F 79 -18.42 -24.87 -32.44
N CYS F 80 -19.26 -24.65 -31.47
CA CYS F 80 -19.31 -25.54 -30.33
C CYS F 80 -20.63 -26.29 -30.40
N ARG F 81 -20.60 -27.61 -30.21
CA ARG F 81 -21.83 -28.43 -30.19
C ARG F 81 -21.92 -29.16 -28.88
N VAL F 82 -23.04 -28.94 -28.17
CA VAL F 82 -23.24 -29.41 -26.79
C VAL F 82 -24.44 -30.35 -26.75
N LYS F 83 -24.24 -31.57 -26.28
CA LYS F 83 -25.28 -32.56 -26.06
C LYS F 83 -25.50 -32.71 -24.57
N HIS F 84 -26.75 -32.55 -24.11
CA HIS F 84 -27.12 -32.65 -22.68
C HIS F 84 -28.54 -33.20 -22.58
N ASP F 85 -28.82 -33.90 -21.50
CA ASP F 85 -30.14 -34.46 -21.29
C ASP F 85 -31.25 -33.42 -21.40
N SER F 86 -30.97 -32.16 -21.12
CA SER F 86 -32.01 -31.15 -21.10
C SER F 86 -32.53 -30.84 -22.47
N MET F 87 -31.83 -31.30 -23.51
CA MET F 87 -32.19 -30.96 -24.88
C MET F 87 -32.37 -32.24 -25.67
N ALA F 88 -33.42 -32.25 -26.50
CA ALA F 88 -33.70 -33.38 -27.37
C ALA F 88 -32.53 -33.70 -28.31
N GLU F 89 -31.98 -32.65 -28.97
CA GLU F 89 -30.91 -32.81 -29.96
C GLU F 89 -29.79 -31.89 -29.58
N PRO F 90 -28.59 -32.16 -30.07
CA PRO F 90 -27.42 -31.35 -29.78
C PRO F 90 -27.64 -29.89 -30.17
N LYS F 91 -27.16 -28.96 -29.37
CA LYS F 91 -27.18 -27.56 -29.70
C LYS F 91 -25.83 -27.09 -30.24
N THR F 92 -25.82 -26.41 -31.41
CA THR F 92 -24.59 -25.93 -32.07
C THR F 92 -24.54 -24.43 -31.91
N VAL F 93 -23.46 -23.83 -31.42
CA VAL F 93 -23.39 -22.39 -31.64
C VAL F 93 -22.06 -21.98 -32.31
N TYR F 94 -22.18 -21.02 -33.22
CA TYR F 94 -21.12 -20.75 -34.15
C TYR F 94 -20.28 -19.60 -33.61
N TRP F 95 -18.97 -19.73 -33.75
CA TRP F 95 -18.07 -18.62 -33.45
C TRP F 95 -18.30 -17.33 -34.28
N ASP F 96 -18.45 -16.23 -33.58
CA ASP F 96 -18.68 -14.94 -34.19
C ASP F 96 -17.57 -14.07 -33.64
N ARG F 97 -16.67 -13.66 -34.52
CA ARG F 97 -15.45 -12.98 -34.13
C ARG F 97 -15.71 -11.57 -33.57
N ASP F 98 -16.91 -11.06 -33.68
CA ASP F 98 -17.20 -9.76 -33.12
C ASP F 98 -17.87 -9.88 -31.74
N MET F 99 -17.86 -11.07 -31.14
CA MET F 99 -18.56 -11.28 -29.84
C MET F 99 -17.94 -12.28 -28.83
N GLY G 1 -11.79 -1.09 -1.73
CA GLY G 1 -12.04 0.25 -1.14
C GLY G 1 -13.48 0.73 -1.36
N PRO G 2 -14.40 0.34 -0.47
CA PRO G 2 -15.80 0.80 -0.46
C PRO G 2 -15.90 2.25 0.03
N HIS G 3 -16.97 2.96 -0.30
CA HIS G 3 -17.20 4.31 0.24
C HIS G 3 -18.68 4.55 0.60
N SER G 4 -18.96 5.68 1.24
CA SER G 4 -20.29 5.96 1.66
C SER G 4 -20.46 7.47 1.77
N MET G 5 -21.69 7.91 1.73
CA MET G 5 -22.03 9.25 2.18
C MET G 5 -23.30 9.25 3.04
N ARG G 6 -23.37 10.13 4.04
CA ARG G 6 -24.58 10.25 4.78
C ARG G 6 -24.90 11.70 5.02
N TYR G 7 -26.18 12.04 5.08
CA TYR G 7 -26.61 13.23 5.79
C TYR G 7 -27.46 12.85 7.05
N PHE G 8 -27.14 13.52 8.17
CA PHE G 8 -27.74 13.27 9.45
C PHE G 8 -28.38 14.61 9.77
N GLU G 9 -29.70 14.66 9.91
CA GLU G 9 -30.37 15.94 10.13
C GLU G 9 -31.32 15.75 11.28
N THR G 10 -31.50 16.84 12.01
CA THR G 10 -32.16 16.83 13.28
C THR G 10 -32.96 18.09 13.39
N ALA G 11 -34.19 18.01 13.85
CA ALA G 11 -34.83 19.23 14.35
C ALA G 11 -35.27 19.03 15.76
N VAL G 12 -35.06 20.04 16.60
CA VAL G 12 -35.31 19.87 18.01
C VAL G 12 -36.15 21.01 18.46
N SER G 13 -37.25 20.72 19.15
CA SER G 13 -38.06 21.74 19.81
C SER G 13 -37.92 21.60 21.36
N ARG G 14 -38.02 22.74 22.04
CA ARG G 14 -37.91 22.82 23.52
C ARG G 14 -39.02 23.73 24.09
N PRO G 15 -39.54 23.43 25.30
CA PRO G 15 -40.78 24.01 25.83
C PRO G 15 -41.07 25.49 25.47
N GLY G 16 -40.10 26.36 25.75
CA GLY G 16 -40.29 27.79 25.54
C GLY G 16 -39.94 28.29 24.16
N LEU G 17 -38.73 28.00 23.67
CA LEU G 17 -38.29 28.45 22.35
C LEU G 17 -39.43 28.46 21.35
N GLU G 18 -39.49 29.48 20.50
CA GLU G 18 -40.63 29.58 19.62
C GLU G 18 -40.54 28.54 18.46
N GLU G 19 -39.46 28.52 17.66
CA GLU G 19 -39.38 27.50 16.60
C GLU G 19 -38.14 26.56 16.69
N PRO G 20 -38.23 25.39 16.05
CA PRO G 20 -37.18 24.39 16.29
C PRO G 20 -35.84 24.81 15.78
N ARG G 21 -34.79 24.18 16.28
CA ARG G 21 -33.50 24.37 15.73
C ARG G 21 -33.27 23.23 14.80
N TYR G 22 -32.66 23.52 13.64
CA TYR G 22 -32.45 22.50 12.65
C TYR G 22 -30.98 22.41 12.31
N ILE G 23 -30.45 21.19 12.33
CA ILE G 23 -29.02 20.96 12.10
C ILE G 23 -28.85 19.82 11.12
N SER G 24 -27.96 20.05 10.17
CA SER G 24 -27.65 19.01 9.21
C SER G 24 -26.12 18.79 9.07
N VAL G 25 -25.71 17.54 9.11
CA VAL G 25 -24.32 17.21 8.98
C VAL G 25 -24.24 16.14 7.92
N GLY G 26 -23.26 16.34 7.04
CA GLY G 26 -22.95 15.42 5.96
C GLY G 26 -21.60 14.80 6.14
N TYR G 27 -21.48 13.54 5.73
CA TYR G 27 -20.26 12.79 5.94
C TYR G 27 -19.88 12.09 4.66
N VAL G 28 -18.59 12.05 4.42
CA VAL G 28 -18.06 11.13 3.43
C VAL G 28 -17.10 10.12 4.05
N ASP G 29 -17.35 8.85 3.80
CA ASP G 29 -16.72 7.79 4.54
C ASP G 29 -16.65 8.02 6.06
N ASN G 30 -17.77 8.44 6.66
CA ASN G 30 -17.88 8.51 8.12
C ASN G 30 -17.11 9.66 8.70
N LYS G 31 -16.72 10.57 7.81
CA LYS G 31 -16.05 11.78 8.24
C LYS G 31 -16.85 13.01 7.88
N GLU G 32 -17.07 13.87 8.87
CA GLU G 32 -17.85 15.09 8.65
C GLU G 32 -17.20 15.96 7.57
N PHE G 33 -17.96 16.36 6.57
CA PHE G 33 -17.41 17.27 5.53
C PHE G 33 -18.22 18.58 5.27
N VAL G 34 -19.47 18.61 5.73
CA VAL G 34 -20.30 19.83 5.62
C VAL G 34 -21.28 19.85 6.76
N ARG G 35 -21.83 21.03 7.03
CA ARG G 35 -22.61 21.21 8.24
C ARG G 35 -23.39 22.50 8.14
N PHE G 36 -24.67 22.41 8.50
CA PHE G 36 -25.58 23.55 8.57
C PHE G 36 -26.31 23.65 9.93
N ASP G 37 -26.43 24.87 10.46
CA ASP G 37 -27.05 25.06 11.75
C ASP G 37 -27.85 26.32 11.81
N SER G 38 -29.15 26.19 12.06
CA SER G 38 -30.05 27.35 12.10
C SER G 38 -29.80 28.26 13.30
N ASP G 39 -28.99 27.82 14.26
CA ASP G 39 -28.66 28.67 15.43
C ASP G 39 -27.50 29.65 15.24
N ALA G 40 -26.71 29.42 14.20
CA ALA G 40 -25.77 30.36 13.60
C ALA G 40 -26.35 31.75 13.28
N GLU G 41 -25.51 32.78 13.40
CA GLU G 41 -25.91 34.14 13.07
C GLU G 41 -26.39 34.26 11.60
N ASN G 42 -25.56 33.78 10.68
CA ASN G 42 -25.92 33.68 9.27
C ASN G 42 -25.93 32.22 8.84
N PRO G 43 -27.10 31.60 8.79
CA PRO G 43 -27.11 30.14 8.62
C PRO G 43 -26.81 29.74 7.19
N ARG G 44 -25.84 28.85 7.04
CA ARG G 44 -25.34 28.45 5.74
C ARG G 44 -24.63 27.14 5.89
N TYR G 45 -24.65 26.31 4.85
CA TYR G 45 -23.76 25.17 4.85
C TYR G 45 -22.32 25.66 4.84
N GLU G 46 -21.52 25.05 5.69
CA GLU G 46 -20.12 25.38 5.80
C GLU G 46 -19.31 24.13 5.46
N PRO G 47 -18.13 24.30 4.80
CA PRO G 47 -17.19 23.17 4.65
C PRO G 47 -16.66 22.75 6.02
N ARG G 48 -16.33 21.48 6.14
CA ARG G 48 -15.89 20.92 7.39
C ARG G 48 -14.66 20.07 7.17
N ALA G 49 -14.25 20.00 5.90
CA ALA G 49 -12.98 19.44 5.52
C ALA G 49 -12.28 20.41 4.58
N PRO G 50 -10.95 20.43 4.59
CA PRO G 50 -10.27 21.36 3.69
C PRO G 50 -10.66 21.15 2.23
N TRP G 51 -10.68 19.90 1.78
CA TRP G 51 -10.96 19.58 0.37
C TRP G 51 -12.35 20.02 -0.09
N MET G 52 -13.19 20.49 0.82
CA MET G 52 -14.51 20.98 0.38
C MET G 52 -14.47 22.42 -0.02
N GLU G 53 -13.43 23.13 0.38
CA GLU G 53 -13.32 24.54 0.02
C GLU G 53 -13.24 24.73 -1.50
N GLN G 54 -12.65 23.75 -2.17
CA GLN G 54 -12.77 23.63 -3.62
C GLN G 54 -14.11 24.07 -4.16
N GLU G 55 -15.20 23.70 -3.49
CA GLU G 55 -16.52 23.98 -4.05
C GLU G 55 -16.70 25.46 -4.16
N GLY G 56 -17.34 25.88 -5.25
CA GLY G 56 -17.60 27.28 -5.54
C GLY G 56 -18.81 27.87 -4.82
N PRO G 57 -19.08 29.15 -5.04
CA PRO G 57 -20.11 29.88 -4.29
C PRO G 57 -21.51 29.41 -4.55
N GLU G 58 -21.83 29.00 -5.79
CA GLU G 58 -23.13 28.46 -6.07
C GLU G 58 -23.48 27.15 -5.31
N TYR G 59 -22.56 26.18 -5.31
CA TYR G 59 -22.65 25.00 -4.46
C TYR G 59 -23.18 25.41 -3.08
N TRP G 60 -22.48 26.33 -2.42
CA TRP G 60 -22.87 26.80 -1.09
C TRP G 60 -24.23 27.47 -1.00
N GLU G 61 -24.55 28.29 -1.99
CA GLU G 61 -25.83 28.99 -1.98
C GLU G 61 -26.95 28.00 -2.12
N ARG G 62 -26.78 27.02 -3.01
CA ARG G 62 -27.87 26.14 -3.39
C ARG G 62 -28.12 25.14 -2.27
N GLU G 63 -27.05 24.55 -1.75
CA GLU G 63 -27.16 23.69 -0.60
C GLU G 63 -27.80 24.47 0.54
N THR G 64 -27.32 25.66 0.80
CA THR G 64 -27.97 26.48 1.83
C THR G 64 -29.49 26.63 1.62
N GLN G 65 -29.93 26.91 0.39
CA GLN G 65 -31.40 26.97 0.17
C GLN G 65 -32.15 25.62 0.42
N LYS G 66 -31.55 24.51 -0.01
CA LYS G 66 -32.10 23.18 0.29
C LYS G 66 -32.22 23.02 1.83
N ALA G 67 -31.20 23.45 2.57
CA ALA G 67 -31.30 23.35 4.01
C ALA G 67 -32.49 24.15 4.51
N LYS G 68 -32.70 25.36 3.99
CA LYS G 68 -33.82 26.13 4.49
C LYS G 68 -35.13 25.45 4.16
N GLY G 69 -35.16 24.75 3.03
CA GLY G 69 -36.34 23.93 2.69
C GLY G 69 -36.54 22.73 3.64
N GLN G 70 -35.44 22.00 3.94
CA GLN G 70 -35.47 20.97 4.95
C GLN G 70 -36.04 21.51 6.26
N GLU G 71 -35.61 22.70 6.65
CA GLU G 71 -35.91 23.22 7.98
C GLU G 71 -37.40 23.41 8.05
N GLN G 72 -37.97 23.98 6.99
CA GLN G 72 -39.40 24.08 7.01
C GLN G 72 -40.08 22.70 7.06
N TRP G 73 -39.53 21.72 6.37
CA TRP G 73 -40.12 20.39 6.27
C TRP G 73 -40.20 19.82 7.69
N PHE G 74 -39.07 19.89 8.39
CA PHE G 74 -38.97 19.36 9.73
C PHE G 74 -39.96 20.03 10.68
N ARG G 75 -40.10 21.33 10.50
CA ARG G 75 -40.95 22.13 11.32
C ARG G 75 -42.39 21.65 11.16
N VAL G 76 -42.80 21.45 9.93
CA VAL G 76 -44.17 21.06 9.72
C VAL G 76 -44.38 19.61 10.25
N SER G 77 -43.42 18.74 9.97
CA SER G 77 -43.47 17.36 10.46
C SER G 77 -43.57 17.23 12.03
N LEU G 78 -42.79 18.05 12.70
CA LEU G 78 -42.76 18.06 14.16
C LEU G 78 -44.15 18.39 14.60
N ARG G 79 -44.72 19.40 13.95
CA ARG G 79 -46.06 19.84 14.36
C ARG G 79 -47.06 18.71 14.11
N ASN G 80 -46.96 18.03 12.98
CA ASN G 80 -47.88 16.94 12.68
C ASN G 80 -47.70 15.75 13.75
N LEU G 81 -46.46 15.37 14.00
CA LEU G 81 -46.14 14.27 14.94
C LEU G 81 -46.74 14.44 16.33
N LEU G 82 -46.66 15.68 16.79
CA LEU G 82 -47.22 16.07 18.07
C LEU G 82 -48.73 15.71 18.13
N GLY G 83 -49.46 15.96 17.05
CA GLY G 83 -50.83 15.51 17.04
C GLY G 83 -50.93 13.99 16.91
N TYR G 84 -50.07 13.36 16.11
CA TYR G 84 -50.27 11.93 15.91
C TYR G 84 -50.07 11.23 17.22
N TYR G 85 -49.25 11.78 18.13
CA TYR G 85 -49.03 11.11 19.39
C TYR G 85 -49.84 11.70 20.54
N ASN G 86 -50.65 12.68 20.24
CA ASN G 86 -51.48 13.28 21.26
C ASN G 86 -50.57 13.79 22.38
N GLN G 87 -49.56 14.54 22.00
CA GLN G 87 -48.65 15.10 22.98
C GLN G 87 -49.13 16.49 23.23
N SER G 88 -49.05 17.00 24.42
CA SER G 88 -49.57 18.37 24.50
C SER G 88 -48.46 19.38 24.19
N ALA G 89 -48.73 20.66 24.33
CA ALA G 89 -47.64 21.64 24.36
C ALA G 89 -46.87 21.51 25.70
N GLY G 90 -45.64 21.98 25.72
CA GLY G 90 -44.89 22.08 26.97
C GLY G 90 -43.78 21.06 27.18
N GLY G 91 -43.41 20.32 26.12
CA GLY G 91 -42.35 19.33 26.25
C GLY G 91 -41.26 19.58 25.23
N SER G 92 -40.28 18.67 25.18
CA SER G 92 -39.24 18.68 24.14
C SER G 92 -39.40 17.53 23.19
N HIS G 93 -39.04 17.76 21.92
CA HIS G 93 -39.30 16.81 20.86
C HIS G 93 -38.20 16.82 19.90
N THR G 94 -37.97 15.70 19.25
CA THR G 94 -36.84 15.60 18.36
C THR G 94 -37.26 14.81 17.10
N LEU G 95 -36.75 15.20 15.96
CA LEU G 95 -37.01 14.48 14.70
C LEU G 95 -35.70 14.40 13.99
N GLN G 96 -35.32 13.19 13.60
CA GLN G 96 -34.00 12.95 13.08
C GLN G 96 -34.20 12.12 11.80
N GLN G 97 -33.25 12.29 10.89
CA GLN G 97 -33.22 11.62 9.61
C GLN G 97 -31.80 11.24 9.26
N MET G 98 -31.66 10.05 8.69
CA MET G 98 -30.36 9.67 8.13
C MET G 98 -30.63 9.27 6.69
N SER G 99 -29.82 9.77 5.76
CA SER G 99 -29.95 9.43 4.33
C SER G 99 -28.62 9.18 3.75
N GLY G 100 -28.56 8.29 2.76
CA GLY G 100 -27.39 8.36 1.90
C GLY G 100 -27.20 7.09 1.16
N CYS G 101 -25.99 6.95 0.61
CA CYS G 101 -25.61 5.77 -0.17
C CYS G 101 -24.27 5.14 0.18
N ASP G 102 -24.23 3.80 0.03
CA ASP G 102 -23.04 2.97 0.11
C ASP G 102 -22.67 2.51 -1.26
N LEU G 103 -21.39 2.62 -1.60
CA LEU G 103 -20.84 2.07 -2.87
C LEU G 103 -19.84 0.98 -2.56
N GLY G 104 -19.76 -0.04 -3.42
CA GLY G 104 -18.73 -1.05 -3.30
C GLY G 104 -17.40 -0.47 -3.77
N SER G 105 -16.34 -1.26 -3.68
CA SER G 105 -15.03 -0.83 -4.21
C SER G 105 -15.06 -0.46 -5.69
N ASP G 106 -15.98 -1.07 -6.44
CA ASP G 106 -16.21 -0.73 -7.84
C ASP G 106 -16.89 0.63 -8.06
N TRP G 107 -17.19 1.31 -6.96
CA TRP G 107 -17.91 2.60 -7.02
C TRP G 107 -19.37 2.51 -7.50
N ARG G 108 -19.92 1.29 -7.64
CA ARG G 108 -21.37 1.15 -7.92
C ARG G 108 -22.20 1.11 -6.62
N LEU G 109 -23.38 1.73 -6.62
CA LEU G 109 -24.30 1.70 -5.49
C LEU G 109 -24.50 0.29 -4.91
N LEU G 110 -24.26 0.15 -3.61
CA LEU G 110 -24.52 -1.11 -2.90
C LEU G 110 -25.89 -1.03 -2.26
N ARG G 111 -26.22 0.14 -1.75
CA ARG G 111 -27.39 0.27 -0.93
C ARG G 111 -27.68 1.76 -0.63
N GLY G 112 -28.96 2.13 -0.67
CA GLY G 112 -29.38 3.45 -0.22
C GLY G 112 -29.98 3.41 1.18
N TYR G 113 -30.09 4.59 1.85
CA TYR G 113 -30.61 4.67 3.20
C TYR G 113 -31.53 5.84 3.34
N LEU G 114 -32.63 5.64 4.04
CA LEU G 114 -33.49 6.74 4.32
C LEU G 114 -34.28 6.31 5.56
N GLN G 115 -33.99 6.90 6.74
CA GLN G 115 -34.62 6.48 7.99
C GLN G 115 -34.96 7.70 8.78
N PHE G 116 -36.01 7.59 9.59
CA PHE G 116 -36.38 8.69 10.45
C PHE G 116 -36.58 8.20 11.83
N ALA G 117 -36.35 9.09 12.79
CA ALA G 117 -36.63 8.77 14.14
C ALA G 117 -37.35 9.91 14.79
N TYR G 118 -38.33 9.56 15.60
CA TYR G 118 -39.01 10.53 16.42
C TYR G 118 -38.75 10.21 17.97
N GLU G 119 -38.44 11.24 18.72
CA GLU G 119 -38.05 11.13 20.13
C GLU G 119 -36.85 10.12 20.23
N GLY G 120 -36.00 10.02 19.24
CA GLY G 120 -34.89 9.09 19.36
C GLY G 120 -35.18 7.66 19.03
N ARG G 121 -36.41 7.41 18.53
CA ARG G 121 -36.90 6.03 18.27
C ARG G 121 -37.40 5.89 16.81
N ASP G 122 -37.07 4.76 16.23
CA ASP G 122 -37.47 4.42 14.85
C ASP G 122 -38.92 4.78 14.60
N TYR G 123 -39.13 5.58 13.56
CA TYR G 123 -40.46 6.09 13.21
C TYR G 123 -40.84 5.42 11.84
N ILE G 124 -40.08 5.71 10.80
CA ILE G 124 -40.35 5.08 9.50
C ILE G 124 -38.97 5.00 8.78
N ALA G 125 -38.81 4.00 7.95
CA ALA G 125 -37.59 3.88 7.18
C ALA G 125 -37.96 3.30 5.82
N LEU G 126 -37.14 3.57 4.83
CA LEU G 126 -37.28 3.02 3.50
C LEU G 126 -36.57 1.71 3.44
N ASN G 127 -37.21 0.66 2.94
CA ASN G 127 -36.58 -0.65 2.99
C ASN G 127 -35.47 -0.63 1.97
N GLU G 128 -34.65 -1.68 2.00
CA GLU G 128 -33.54 -1.77 1.06
C GLU G 128 -34.01 -1.84 -0.43
N ASP G 129 -35.19 -2.39 -0.69
CA ASP G 129 -35.74 -2.39 -2.08
C ASP G 129 -35.98 -0.95 -2.58
N LEU G 130 -35.86 0.06 -1.72
CA LEU G 130 -36.12 1.44 -2.09
C LEU G 130 -37.49 1.59 -2.77
N LYS G 131 -38.43 0.73 -2.36
CA LYS G 131 -39.79 0.67 -2.85
C LYS G 131 -40.86 0.64 -1.70
N THR G 132 -40.60 -0.09 -0.64
CA THR G 132 -41.59 -0.22 0.43
C THR G 132 -41.07 0.34 1.78
N TRP G 133 -41.98 0.51 2.75
CA TRP G 133 -41.67 1.27 3.93
C TRP G 133 -41.84 0.39 5.11
N THR G 134 -40.96 0.55 6.08
CA THR G 134 -41.21 0.03 7.46
C THR G 134 -41.55 1.11 8.51
N ALA G 135 -42.60 0.84 9.26
CA ALA G 135 -43.12 1.78 10.25
C ALA G 135 -43.78 0.89 11.27
N ALA G 136 -43.27 0.94 12.50
CA ALA G 136 -43.77 0.03 13.48
C ALA G 136 -45.00 0.62 14.16
N ASP G 137 -44.92 1.87 14.59
CA ASP G 137 -45.89 2.44 15.49
C ASP G 137 -47.29 2.57 14.86
N MET G 138 -48.31 2.38 15.66
CA MET G 138 -49.66 2.69 15.20
C MET G 138 -49.67 4.11 14.62
N ALA G 139 -49.07 5.08 15.34
CA ALA G 139 -49.15 6.51 14.98
C ALA G 139 -48.48 6.66 13.66
N ALA G 140 -47.40 5.89 13.47
CA ALA G 140 -46.59 5.97 12.24
C ALA G 140 -47.30 5.46 10.96
N GLN G 141 -48.44 4.79 11.10
CA GLN G 141 -49.10 4.23 9.92
C GLN G 141 -49.73 5.31 9.04
N ILE G 142 -50.18 6.39 9.68
CA ILE G 142 -50.71 7.56 9.03
C ILE G 142 -49.70 8.03 8.03
N THR G 143 -48.44 8.20 8.49
CA THR G 143 -47.39 8.60 7.60
C THR G 143 -47.14 7.61 6.50
N ARG G 144 -47.13 6.31 6.86
CA ARG G 144 -46.72 5.33 5.85
C ARG G 144 -47.74 5.35 4.68
N ARG G 145 -49.02 5.38 5.05
CA ARG G 145 -50.11 5.48 4.06
C ARG G 145 -49.95 6.76 3.23
N LYS G 146 -49.84 7.93 3.89
CA LYS G 146 -49.65 9.23 3.21
C LYS G 146 -48.50 9.09 2.19
N TRP G 147 -47.37 8.48 2.59
CA TRP G 147 -46.18 8.40 1.69
C TRP G 147 -46.27 7.36 0.60
N GLU G 148 -46.99 6.27 0.87
CA GLU G 148 -47.39 5.36 -0.18
C GLU G 148 -48.32 6.00 -1.21
N GLN G 149 -49.38 6.65 -0.78
CA GLN G 149 -50.32 7.37 -1.66
C GLN G 149 -49.59 8.38 -2.54
N SER G 150 -48.54 9.02 -2.00
CA SER G 150 -47.91 10.15 -2.69
C SER G 150 -46.78 9.74 -3.59
N GLY G 151 -46.50 8.44 -3.64
CA GLY G 151 -45.28 7.97 -4.31
C GLY G 151 -43.91 8.46 -3.73
N ALA G 152 -43.82 8.85 -2.46
CA ALA G 152 -42.57 9.35 -1.88
C ALA G 152 -41.40 8.45 -2.18
N ALA G 153 -41.62 7.13 -2.17
CA ALA G 153 -40.47 6.24 -2.28
C ALA G 153 -39.73 6.36 -3.61
N GLU G 154 -40.44 6.57 -4.72
CA GLU G 154 -39.80 6.65 -6.02
C GLU G 154 -38.87 7.91 -6.08
N HIS G 155 -39.33 8.98 -5.47
CA HIS G 155 -38.60 10.21 -5.46
C HIS G 155 -37.34 10.08 -4.60
N TYR G 156 -37.46 9.52 -3.40
CA TYR G 156 -36.25 9.23 -2.60
C TYR G 156 -35.36 8.27 -3.40
N LYS G 157 -35.96 7.29 -4.04
CA LYS G 157 -35.20 6.25 -4.73
C LYS G 157 -34.38 6.90 -5.85
N ALA G 158 -34.96 7.90 -6.52
CA ALA G 158 -34.25 8.63 -7.57
C ALA G 158 -33.06 9.45 -6.99
N TYR G 159 -33.27 10.13 -5.85
CA TYR G 159 -32.19 10.85 -5.16
C TYR G 159 -31.06 9.89 -4.76
N LEU G 160 -31.41 8.72 -4.22
CA LEU G 160 -30.41 7.79 -3.70
C LEU G 160 -29.56 7.17 -4.80
N GLU G 161 -30.20 6.81 -5.91
CA GLU G 161 -29.54 6.11 -7.00
C GLU G 161 -28.79 7.11 -7.88
N GLY G 162 -29.25 8.35 -7.84
CA GLY G 162 -28.78 9.34 -8.80
C GLY G 162 -27.84 10.38 -8.22
N GLU G 163 -28.41 11.50 -7.76
CA GLU G 163 -27.67 12.59 -7.16
C GLU G 163 -26.75 12.13 -6.05
N CYS G 164 -27.25 11.28 -5.13
CA CYS G 164 -26.44 10.81 -4.02
C CYS G 164 -25.15 10.18 -4.55
N VAL G 165 -25.32 9.17 -5.38
CA VAL G 165 -24.18 8.45 -5.97
C VAL G 165 -23.29 9.43 -6.76
N GLU G 166 -23.91 10.28 -7.56
CA GLU G 166 -23.13 11.14 -8.45
C GLU G 166 -22.30 12.11 -7.66
N TRP G 167 -22.87 12.76 -6.65
CA TRP G 167 -22.04 13.66 -5.88
C TRP G 167 -20.97 12.97 -4.98
N LEU G 168 -21.22 11.76 -4.51
CA LEU G 168 -20.21 11.08 -3.75
C LEU G 168 -19.01 10.87 -4.67
N HIS G 169 -19.26 10.50 -5.92
CA HIS G 169 -18.17 10.28 -6.87
C HIS G 169 -17.27 11.53 -6.96
N ARG G 170 -17.92 12.65 -7.20
CA ARG G 170 -17.25 13.92 -7.26
C ARG G 170 -16.46 14.23 -6.00
N TYR G 171 -17.07 14.06 -4.84
CA TYR G 171 -16.38 14.31 -3.60
C TYR G 171 -15.15 13.41 -3.46
N LEU G 172 -15.25 12.16 -3.95
CA LEU G 172 -14.22 11.13 -3.71
C LEU G 172 -12.99 11.53 -4.51
N LYS G 173 -13.24 12.05 -5.69
CA LYS G 173 -12.18 12.61 -6.48
C LYS G 173 -11.56 13.82 -5.74
N ASN G 174 -12.38 14.77 -5.31
CA ASN G 174 -11.88 16.04 -4.78
C ASN G 174 -11.04 15.93 -3.51
N GLY G 175 -11.07 14.78 -2.86
CA GLY G 175 -10.43 14.64 -1.57
C GLY G 175 -9.56 13.41 -1.48
N ASN G 176 -8.64 13.24 -2.43
CA ASN G 176 -7.66 12.18 -2.31
C ASN G 176 -6.34 12.66 -1.71
N ALA G 177 -6.38 13.78 -0.99
CA ALA G 177 -5.23 14.21 -0.18
C ALA G 177 -5.51 14.32 1.33
N ARG G 181 -7.51 6.81 3.25
CA ARG G 181 -6.53 6.19 4.14
C ARG G 181 -7.05 5.73 5.52
N THR G 182 -6.20 4.97 6.19
CA THR G 182 -6.44 4.51 7.55
C THR G 182 -5.14 4.63 8.32
N ASP G 183 -5.25 4.80 9.65
CA ASP G 183 -4.08 4.73 10.51
C ASP G 183 -4.19 3.45 11.30
N SER G 184 -3.18 2.58 11.19
CA SER G 184 -3.00 1.37 12.01
C SER G 184 -2.89 1.71 13.51
N PRO G 185 -3.32 0.77 14.37
CA PRO G 185 -3.26 0.93 15.82
C PRO G 185 -1.87 0.60 16.41
N LYS G 186 -1.31 1.52 17.20
CA LYS G 186 -0.11 1.18 17.96
C LYS G 186 -0.56 0.61 19.30
N ALA G 187 -0.11 -0.61 19.60
CA ALA G 187 -0.55 -1.32 20.80
C ALA G 187 0.58 -1.63 21.77
N HIS G 188 0.28 -1.51 23.07
CA HIS G 188 1.24 -1.85 24.11
C HIS G 188 0.43 -2.37 25.29
N VAL G 189 1.06 -3.16 26.15
CA VAL G 189 0.37 -3.67 27.34
C VAL G 189 0.99 -3.09 28.63
N THR G 190 0.18 -2.44 29.48
CA THR G 190 0.66 -1.93 30.78
C THR G 190 0.26 -2.87 31.90
N HIS G 191 0.99 -2.74 33.02
CA HIS G 191 0.91 -3.64 34.16
C HIS G 191 0.49 -2.88 35.42
N HIS G 192 -0.58 -3.34 36.06
CA HIS G 192 -1.05 -2.72 37.30
C HIS G 192 -1.19 -3.74 38.42
N PRO G 193 -0.59 -3.46 39.59
CA PRO G 193 -0.75 -4.29 40.78
C PRO G 193 -2.22 -4.47 41.14
N ARG G 194 -2.57 -5.47 41.96
CA ARG G 194 -3.96 -5.67 42.36
C ARG G 194 -4.07 -6.40 43.69
N SER G 195 -5.21 -7.04 43.90
CA SER G 195 -5.43 -7.89 45.08
C SER G 195 -4.23 -8.82 45.27
N LYS G 196 -4.08 -9.38 46.47
CA LYS G 196 -2.93 -10.24 46.74
C LYS G 196 -2.71 -11.27 45.63
N GLY G 197 -1.51 -11.27 45.07
CA GLY G 197 -1.11 -12.24 44.05
C GLY G 197 -1.81 -12.14 42.71
N GLU G 198 -2.27 -10.94 42.36
CA GLU G 198 -2.98 -10.72 41.11
C GLU G 198 -2.67 -9.36 40.47
N VAL G 199 -2.62 -9.35 39.14
CA VAL G 199 -2.29 -8.13 38.42
C VAL G 199 -3.24 -7.94 37.23
N THR G 200 -3.60 -6.70 36.97
CA THR G 200 -4.39 -6.36 35.82
C THR G 200 -3.46 -6.09 34.67
N LEU G 201 -3.68 -6.80 33.57
CA LEU G 201 -3.02 -6.51 32.30
C LEU G 201 -3.95 -5.68 31.41
N ARG G 202 -3.49 -4.49 31.03
CA ARG G 202 -4.26 -3.62 30.19
C ARG G 202 -3.59 -3.54 28.82
N CYS G 203 -4.23 -4.15 27.81
CA CYS G 203 -3.84 -3.96 26.39
C CYS G 203 -4.46 -2.68 25.75
N TRP G 204 -3.58 -1.71 25.44
CA TRP G 204 -3.94 -0.45 24.78
C TRP G 204 -3.79 -0.48 23.26
N ALA G 205 -4.75 0.12 22.56
CA ALA G 205 -4.60 0.38 21.15
C ALA G 205 -4.74 1.88 21.01
N LEU G 206 -3.78 2.50 20.35
CA LEU G 206 -3.81 3.94 20.23
C LEU G 206 -3.59 4.33 18.80
N GLY G 207 -3.98 5.57 18.46
CA GLY G 207 -3.62 6.17 17.20
C GLY G 207 -4.22 5.56 15.95
N PHE G 208 -5.32 4.83 16.10
CA PHE G 208 -5.97 4.18 14.96
C PHE G 208 -7.19 4.92 14.39
N TYR G 209 -7.44 4.71 13.09
CA TYR G 209 -8.56 5.26 12.36
C TYR G 209 -8.79 4.31 11.20
N PRO G 210 -10.05 3.98 10.91
CA PRO G 210 -11.30 4.35 11.55
C PRO G 210 -11.48 3.72 12.94
N ALA G 211 -12.63 3.98 13.54
CA ALA G 211 -12.78 3.65 14.96
C ALA G 211 -13.02 2.17 15.19
N ASP G 212 -13.55 1.46 14.21
CA ASP G 212 -13.83 0.03 14.40
C ASP G 212 -12.57 -0.80 14.70
N ILE G 213 -12.63 -1.56 15.78
CA ILE G 213 -11.45 -2.29 16.19
C ILE G 213 -11.90 -3.42 17.06
N THR G 214 -11.08 -4.46 17.22
CA THR G 214 -11.42 -5.55 18.12
C THR G 214 -10.22 -6.00 18.95
N LEU G 215 -10.39 -5.97 20.28
CA LEU G 215 -9.37 -6.38 21.20
C LEU G 215 -9.77 -7.70 21.89
N THR G 216 -8.83 -8.63 22.02
CA THR G 216 -9.07 -9.93 22.67
C THR G 216 -7.84 -10.40 23.46
N TRP G 217 -8.07 -11.24 24.48
CA TRP G 217 -6.99 -11.84 25.28
C TRP G 217 -7.10 -13.36 25.24
N GLN G 218 -5.99 -14.06 25.11
CA GLN G 218 -6.06 -15.50 25.04
C GLN G 218 -5.13 -16.13 26.05
N GLU G 223 -9.93 -17.65 23.88
CA GLU G 223 -10.42 -16.29 24.07
C GLU G 223 -11.14 -16.20 25.42
N LEU G 224 -11.47 -14.97 25.85
CA LEU G 224 -12.07 -14.73 27.17
C LEU G 224 -13.24 -13.75 27.21
N THR G 225 -14.46 -14.27 27.21
CA THR G 225 -15.64 -13.48 27.51
C THR G 225 -15.75 -13.31 29.01
N GLN G 226 -15.00 -14.14 29.74
CA GLN G 226 -15.02 -14.16 31.19
C GLN G 226 -14.58 -12.90 31.90
N ASP G 227 -15.52 -12.03 32.23
CA ASP G 227 -15.22 -10.75 32.89
C ASP G 227 -13.90 -10.14 32.41
N MET G 228 -13.70 -10.11 31.11
CA MET G 228 -12.64 -9.28 30.54
C MET G 228 -13.19 -7.86 30.60
N GLU G 229 -12.35 -6.91 30.99
CA GLU G 229 -12.77 -5.52 31.14
C GLU G 229 -12.35 -4.68 29.92
N LEU G 230 -13.21 -3.78 29.47
CA LEU G 230 -12.79 -2.90 28.39
C LEU G 230 -13.34 -1.49 28.61
N VAL G 231 -13.04 -0.58 27.70
CA VAL G 231 -13.81 0.67 27.56
C VAL G 231 -14.33 0.81 26.15
N GLU G 232 -15.43 1.54 25.98
CA GLU G 232 -15.94 1.86 24.66
C GLU G 232 -14.88 2.65 23.88
N THR G 233 -14.73 2.33 22.61
CA THR G 233 -13.86 3.13 21.72
C THR G 233 -14.17 4.62 21.82
N ARG G 234 -13.10 5.41 21.90
CA ARG G 234 -13.22 6.83 22.21
C ARG G 234 -12.23 7.63 21.36
N PRO G 235 -12.60 8.84 20.99
CA PRO G 235 -11.67 9.67 20.20
C PRO G 235 -10.51 10.23 21.11
N ALA G 236 -9.30 10.21 20.55
CA ALA G 236 -8.17 10.99 21.10
C ALA G 236 -8.40 12.50 21.02
N GLY G 237 -9.19 12.93 20.05
CA GLY G 237 -9.52 14.33 19.86
C GLY G 237 -8.71 14.99 18.77
N ASP G 238 -7.80 14.21 18.17
CA ASP G 238 -6.91 14.59 17.09
C ASP G 238 -7.24 13.79 15.83
N GLY G 239 -8.39 13.14 15.83
CA GLY G 239 -8.82 12.40 14.66
C GLY G 239 -8.53 10.92 14.74
N THR G 240 -7.73 10.48 15.73
CA THR G 240 -7.57 9.03 16.01
C THR G 240 -8.41 8.57 17.20
N PHE G 241 -8.40 7.25 17.44
CA PHE G 241 -9.21 6.63 18.49
C PHE G 241 -8.35 5.79 19.44
N GLN G 242 -8.87 5.60 20.65
CA GLN G 242 -8.27 4.77 21.67
C GLN G 242 -9.25 3.67 22.08
N LYS G 243 -8.67 2.59 22.57
CA LYS G 243 -9.42 1.54 23.24
C LYS G 243 -8.46 0.69 24.10
N TRP G 244 -8.95 0.20 25.22
CA TRP G 244 -8.16 -0.79 25.95
C TRP G 244 -9.01 -1.95 26.42
N ALA G 245 -8.34 -3.10 26.56
CA ALA G 245 -8.95 -4.27 27.19
C ALA G 245 -7.95 -4.81 28.26
N SER G 246 -8.48 -5.07 29.44
CA SER G 246 -7.67 -5.56 30.53
C SER G 246 -8.20 -6.91 31.05
N VAL G 247 -7.38 -7.62 31.81
CA VAL G 247 -7.83 -8.86 32.44
C VAL G 247 -7.04 -9.10 33.72
N VAL G 248 -7.60 -9.90 34.63
CA VAL G 248 -6.90 -10.26 35.89
C VAL G 248 -6.13 -11.58 35.78
N VAL G 249 -4.87 -11.54 36.22
CA VAL G 249 -3.89 -12.56 35.89
C VAL G 249 -3.03 -12.89 37.11
N PRO G 250 -2.92 -14.20 37.47
CA PRO G 250 -2.09 -14.64 38.59
C PRO G 250 -0.64 -14.12 38.53
N LEU G 251 -0.29 -13.16 39.39
CA LEU G 251 1.06 -12.57 39.40
C LEU G 251 2.13 -13.66 39.30
N GLY G 252 2.96 -13.59 38.25
CA GLY G 252 3.93 -14.65 37.97
C GLY G 252 3.65 -15.95 37.25
N LYS G 253 2.40 -16.19 36.89
CA LYS G 253 1.78 -16.88 35.76
C LYS G 253 1.15 -15.87 34.78
N GLU G 254 1.89 -14.81 34.48
CA GLU G 254 1.33 -13.74 33.67
C GLU G 254 1.77 -13.93 32.23
N GLN G 255 2.96 -14.51 32.03
CA GLN G 255 3.51 -14.70 30.70
C GLN G 255 2.68 -15.60 29.80
N ASN G 256 1.58 -16.14 30.31
CA ASN G 256 0.74 -17.08 29.58
C ASN G 256 -0.40 -16.38 28.85
N TYR G 257 -0.28 -15.06 28.78
CA TYR G 257 -1.37 -14.18 28.33
C TYR G 257 -0.99 -13.31 27.11
N THR G 258 -1.67 -13.52 25.98
CA THR G 258 -1.46 -12.66 24.80
C THR G 258 -2.70 -11.89 24.31
N CYS G 259 -2.46 -10.65 23.90
CA CYS G 259 -3.48 -9.75 23.38
C CYS G 259 -3.47 -9.84 21.86
N ARG G 260 -4.63 -9.65 21.22
CA ARG G 260 -4.66 -9.47 19.77
C ARG G 260 -5.50 -8.22 19.39
N VAL G 261 -5.04 -7.52 18.35
CA VAL G 261 -5.69 -6.32 17.89
C VAL G 261 -6.06 -6.56 16.42
N TYR G 262 -7.36 -6.47 16.14
CA TYR G 262 -7.97 -6.60 14.79
C TYR G 262 -8.41 -5.25 14.23
N HIS G 263 -7.90 -4.88 13.07
CA HIS G 263 -8.20 -3.57 12.50
C HIS G 263 -7.83 -3.60 11.04
N GLU G 264 -8.68 -2.99 10.25
CA GLU G 264 -8.52 -2.98 8.80
C GLU G 264 -7.15 -2.46 8.34
N GLY G 265 -6.59 -1.47 9.03
CA GLY G 265 -5.35 -0.85 8.60
C GLY G 265 -4.13 -1.68 8.91
N LEU G 266 -4.36 -2.93 9.30
CA LEU G 266 -3.28 -3.80 9.74
C LEU G 266 -2.90 -4.78 8.66
N PRO G 267 -1.59 -4.96 8.41
CA PRO G 267 -1.19 -5.99 7.44
C PRO G 267 -1.85 -7.32 7.82
N GLU G 268 -1.99 -7.50 9.12
CA GLU G 268 -2.65 -8.66 9.67
C GLU G 268 -2.76 -8.36 11.16
N PRO G 269 -3.53 -9.18 11.91
CA PRO G 269 -3.76 -8.91 13.33
C PRO G 269 -2.48 -8.90 14.18
N LEU G 270 -2.44 -8.08 15.23
CA LEU G 270 -1.24 -7.97 16.07
C LEU G 270 -1.31 -8.98 17.18
N THR G 271 -0.14 -9.46 17.61
CA THR G 271 -0.04 -10.22 18.86
C THR G 271 0.92 -9.53 19.81
N LEU G 272 0.46 -9.34 21.06
CA LEU G 272 1.21 -8.56 22.06
C LEU G 272 1.19 -9.31 23.38
N ARG G 273 2.13 -9.02 24.29
CA ARG G 273 2.21 -9.64 25.60
C ARG G 273 3.07 -8.74 26.51
N TRP G 274 3.13 -8.97 27.82
CA TRP G 274 3.89 -8.06 28.69
C TRP G 274 5.33 -7.89 28.18
N ILE H 1 -38.32 9.85 24.63
CA ILE H 1 -37.94 9.46 26.02
C ILE H 1 -36.42 9.68 26.22
N GLN H 2 -36.07 9.96 27.48
CA GLN H 2 -34.72 10.43 27.81
C GLN H 2 -33.72 9.26 27.87
N LYS H 3 -32.52 9.46 27.34
CA LYS H 3 -31.47 8.45 27.46
C LYS H 3 -30.37 9.15 28.26
N THR H 4 -29.80 8.49 29.29
CA THR H 4 -28.85 9.17 30.17
C THR H 4 -27.35 9.08 29.67
N PRO H 5 -26.65 10.22 29.68
CA PRO H 5 -25.25 10.35 29.26
C PRO H 5 -24.35 9.28 29.87
N GLN H 6 -23.57 8.59 29.05
CA GLN H 6 -22.44 7.83 29.48
C GLN H 6 -21.23 8.75 29.34
N ILE H 7 -20.36 8.75 30.35
CA ILE H 7 -19.29 9.69 30.43
C ILE H 7 -17.96 8.94 30.62
N GLN H 8 -16.97 9.31 29.81
CA GLN H 8 -15.60 8.90 30.06
C GLN H 8 -14.77 10.15 30.12
N VAL H 9 -13.74 10.16 30.98
CA VAL H 9 -12.89 11.33 31.26
C VAL H 9 -11.50 10.76 31.22
N TYR H 10 -10.61 11.27 30.39
CA TYR H 10 -9.38 10.58 30.07
C TYR H 10 -8.49 11.50 29.26
N SER H 11 -7.17 11.24 29.30
CA SER H 11 -6.25 12.13 28.61
C SER H 11 -5.97 11.62 27.21
N ARG H 12 -5.60 12.55 26.32
CA ARG H 12 -5.18 12.21 24.93
C ARG H 12 -3.91 11.34 24.93
N HIS H 13 -2.85 11.86 25.56
CA HIS H 13 -1.57 11.15 25.61
C HIS H 13 -1.40 10.54 26.95
N PRO H 14 -0.60 9.46 27.04
CA PRO H 14 -0.36 8.86 28.36
C PRO H 14 0.18 9.91 29.37
N PRO H 15 -0.38 9.93 30.59
CA PRO H 15 -0.12 11.04 31.49
C PRO H 15 1.24 10.93 32.17
N GLU H 16 1.90 12.06 32.19
CA GLU H 16 3.22 12.20 32.86
C GLU H 16 3.08 13.44 33.69
N ASN H 17 3.21 13.30 35.00
CA ASN H 17 3.18 14.48 35.84
C ASN H 17 4.11 15.52 35.28
N GLY H 18 3.57 16.74 35.10
CA GLY H 18 4.38 17.89 34.70
C GLY H 18 4.41 18.08 33.21
N LYS H 19 3.96 17.08 32.47
CA LYS H 19 3.92 17.13 31.00
C LYS H 19 2.56 17.62 30.47
N PRO H 20 2.56 18.74 29.70
CA PRO H 20 1.36 19.21 28.99
C PRO H 20 0.65 18.07 28.25
N ASN H 21 -0.67 18.15 28.18
CA ASN H 21 -1.47 17.09 27.60
C ASN H 21 -2.83 17.65 27.38
N ILE H 22 -3.75 16.80 26.91
CA ILE H 22 -5.17 17.13 26.76
C ILE H 22 -6.07 16.18 27.57
N LEU H 23 -6.93 16.76 28.38
CA LEU H 23 -7.98 16.01 29.04
C LEU H 23 -9.31 16.01 28.25
N ASN H 24 -9.84 14.82 27.98
CA ASN H 24 -11.13 14.63 27.28
C ASN H 24 -12.27 14.25 28.22
N CYS H 25 -13.45 14.81 27.97
CA CYS H 25 -14.70 14.31 28.56
C CYS H 25 -15.65 13.89 27.44
N TYR H 26 -15.66 12.61 27.16
CA TYR H 26 -16.48 12.04 26.12
C TYR H 26 -17.85 11.63 26.61
N VAL H 27 -18.90 12.31 26.11
CA VAL H 27 -20.25 12.08 26.61
C VAL H 27 -21.12 11.52 25.46
N THR H 28 -21.71 10.37 25.69
CA THR H 28 -22.37 9.59 24.66
C THR H 28 -23.77 9.07 25.06
N GLN H 29 -24.45 8.57 24.02
CA GLN H 29 -25.69 7.83 24.21
C GLN H 29 -26.76 8.63 24.93
N PHE H 30 -26.81 9.94 24.75
CA PHE H 30 -27.84 10.72 25.49
C PHE H 30 -28.92 11.23 24.53
N HIS H 31 -30.02 11.68 25.12
CA HIS H 31 -31.21 12.15 24.40
C HIS H 31 -32.25 12.74 25.38
N PRO H 32 -32.79 13.95 25.08
CA PRO H 32 -32.60 14.84 23.91
C PRO H 32 -31.18 15.44 23.84
N PRO H 33 -30.81 16.10 22.72
CA PRO H 33 -29.44 16.54 22.46
C PRO H 33 -28.98 17.73 23.35
N HIS H 34 -29.89 18.42 24.01
CA HIS H 34 -29.49 19.51 24.86
C HIS H 34 -28.69 18.97 26.07
N ILE H 35 -27.51 19.54 26.29
CA ILE H 35 -26.67 19.07 27.40
C ILE H 35 -25.71 20.17 27.87
N GLU H 36 -25.35 20.22 29.17
CA GLU H 36 -24.27 21.10 29.64
C GLU H 36 -23.13 20.31 30.21
N ILE H 37 -21.94 20.53 29.65
CA ILE H 37 -20.76 19.84 30.11
C ILE H 37 -19.74 20.82 30.73
N GLN H 38 -19.29 20.54 31.96
CA GLN H 38 -18.22 21.36 32.56
C GLN H 38 -17.00 20.49 32.85
N MET H 39 -15.81 21.03 32.59
CA MET H 39 -14.62 20.39 33.12
C MET H 39 -14.12 21.17 34.30
N LEU H 40 -13.74 20.45 35.40
CA LEU H 40 -13.28 21.00 36.65
C LEU H 40 -11.85 20.55 37.03
N LYS H 41 -11.11 21.48 37.63
CA LYS H 41 -9.76 21.26 38.20
C LYS H 41 -9.92 21.66 39.63
N ASN H 42 -9.76 20.69 40.51
CA ASN H 42 -9.95 20.92 41.91
C ASN H 42 -11.23 21.58 42.31
N GLY H 43 -12.30 21.08 41.68
CA GLY H 43 -13.66 21.47 41.98
C GLY H 43 -14.04 22.79 41.36
N LYS H 44 -13.12 23.45 40.67
CA LYS H 44 -13.39 24.76 40.11
C LYS H 44 -13.50 24.66 38.59
N LYS H 45 -14.57 25.25 38.03
CA LYS H 45 -14.77 25.21 36.59
C LYS H 45 -13.52 25.70 35.87
N ILE H 46 -13.10 24.94 34.85
CA ILE H 46 -11.99 25.27 34.00
C ILE H 46 -12.47 26.20 32.87
N PRO H 47 -11.80 27.35 32.67
CA PRO H 47 -12.25 28.44 31.81
C PRO H 47 -12.59 28.08 30.36
N LYS H 48 -11.59 27.72 29.58
CA LYS H 48 -11.84 27.71 28.13
C LYS H 48 -11.85 26.28 27.60
N VAL H 49 -13.00 25.64 27.79
CA VAL H 49 -13.16 24.25 27.42
C VAL H 49 -13.74 24.21 26.01
N GLU H 50 -13.05 23.55 25.07
CA GLU H 50 -13.58 23.31 23.72
C GLU H 50 -14.60 22.18 23.68
N MET H 51 -15.66 22.40 22.88
CA MET H 51 -16.81 21.48 22.77
C MET H 51 -16.97 21.11 21.27
N SER H 52 -16.99 19.82 20.97
CA SER H 52 -17.26 19.36 19.61
C SER H 52 -18.72 19.74 19.25
N ASP H 53 -19.05 19.72 17.97
CA ASP H 53 -20.40 20.11 17.51
C ASP H 53 -21.37 18.91 17.56
N MET H 54 -22.65 19.20 17.80
CA MET H 54 -23.74 18.19 17.86
C MET H 54 -23.69 17.14 16.78
N SER H 55 -23.64 15.88 17.17
CA SER H 55 -23.54 14.75 16.24
C SER H 55 -24.33 13.66 16.82
N PHE H 56 -24.91 12.83 15.96
CA PHE H 56 -25.57 11.62 16.47
C PHE H 56 -25.14 10.36 15.78
N SER H 57 -25.33 9.22 16.45
CA SER H 57 -24.85 7.92 15.93
C SER H 57 -25.99 7.18 15.20
N LYS H 58 -25.68 6.01 14.63
CA LYS H 58 -26.61 5.28 13.83
C LYS H 58 -27.77 4.76 14.67
N ASP H 59 -27.61 4.72 15.99
CA ASP H 59 -28.68 4.29 16.90
C ASP H 59 -29.50 5.47 17.34
N TRP H 60 -29.15 6.66 16.78
CA TRP H 60 -29.87 7.91 16.95
C TRP H 60 -29.50 8.68 18.16
N SER H 61 -28.63 8.13 19.00
CA SER H 61 -28.19 8.83 20.23
C SER H 61 -27.05 9.86 19.94
N PHE H 62 -27.05 10.91 20.72
CA PHE H 62 -26.11 12.00 20.51
C PHE H 62 -24.87 11.74 21.30
N TYR H 63 -23.82 12.46 20.90
CA TYR H 63 -22.52 12.39 21.58
C TYR H 63 -21.73 13.68 21.42
N ILE H 64 -20.96 14.02 22.45
CA ILE H 64 -20.11 15.18 22.41
C ILE H 64 -18.75 14.86 23.04
N LEU H 65 -17.72 15.50 22.52
CA LEU H 65 -16.36 15.42 23.05
C LEU H 65 -16.02 16.81 23.52
N ALA H 66 -15.89 16.98 24.83
CA ALA H 66 -15.27 18.20 25.39
C ALA H 66 -13.80 17.88 25.68
N HIS H 67 -12.92 18.86 25.54
CA HIS H 67 -11.52 18.65 25.91
C HIS H 67 -10.86 19.94 26.30
N THR H 68 -9.73 19.83 26.99
CA THR H 68 -9.04 21.01 27.47
C THR H 68 -7.60 20.73 27.72
N GLU H 69 -6.75 21.74 27.50
CA GLU H 69 -5.34 21.68 27.91
C GLU H 69 -5.15 21.51 29.42
N PHE H 70 -4.21 20.67 29.78
CA PHE H 70 -3.96 20.46 31.20
C PHE H 70 -2.60 19.85 31.42
N THR H 71 -2.07 20.11 32.62
CA THR H 71 -0.87 19.42 33.06
C THR H 71 -1.10 18.57 34.34
N PRO H 72 -0.98 17.26 34.18
CA PRO H 72 -1.28 16.48 35.37
C PRO H 72 -0.19 16.72 36.45
N THR H 73 -0.62 16.70 37.69
CA THR H 73 0.29 16.75 38.82
C THR H 73 -0.10 15.65 39.81
N GLU H 74 0.67 15.50 40.93
CA GLU H 74 0.34 14.46 41.88
C GLU H 74 -1.02 14.67 42.46
N THR H 75 -1.33 15.94 42.65
CA THR H 75 -2.32 16.38 43.63
C THR H 75 -3.65 16.99 43.07
N ASP H 76 -3.54 17.58 41.90
CA ASP H 76 -4.68 18.11 41.16
C ASP H 76 -5.70 17.03 40.78
N THR H 77 -6.97 17.25 41.11
CA THR H 77 -7.99 16.34 40.68
C THR H 77 -8.72 16.99 39.54
N TYR H 78 -9.06 16.16 38.59
CA TYR H 78 -9.80 16.64 37.40
C TYR H 78 -11.12 15.85 37.33
N ALA H 79 -12.14 16.56 36.90
CA ALA H 79 -13.44 15.96 36.77
C ALA H 79 -14.27 16.57 35.61
N CYS H 80 -15.23 15.78 35.13
CA CYS H 80 -16.18 16.27 34.17
C CYS H 80 -17.59 16.24 34.82
N ARG H 81 -18.28 17.37 34.77
CA ARG H 81 -19.60 17.47 35.36
C ARG H 81 -20.65 17.66 34.21
N VAL H 82 -21.64 16.79 34.15
CA VAL H 82 -22.58 16.76 33.04
C VAL H 82 -23.99 16.96 33.59
N LYS H 83 -24.65 18.01 33.11
CA LYS H 83 -26.08 18.26 33.42
C LYS H 83 -26.93 17.91 32.18
N HIS H 84 -27.88 17.01 32.40
CA HIS H 84 -28.84 16.60 31.36
C HIS H 84 -30.24 16.37 32.00
N ASP H 85 -31.28 16.62 31.21
CA ASP H 85 -32.66 16.42 31.64
C ASP H 85 -32.89 14.99 32.18
N SER H 86 -32.24 14.00 31.59
CA SER H 86 -32.35 12.61 32.11
C SER H 86 -31.96 12.44 33.57
N MET H 87 -31.25 13.39 34.15
CA MET H 87 -30.78 13.19 35.52
C MET H 87 -31.29 14.31 36.42
N ALA H 88 -31.68 13.96 37.65
CA ALA H 88 -32.12 14.97 38.61
C ALA H 88 -31.04 16.01 38.89
N GLU H 89 -29.85 15.53 39.18
CA GLU H 89 -28.75 16.42 39.54
C GLU H 89 -27.61 16.19 38.57
N PRO H 90 -26.67 17.15 38.50
CA PRO H 90 -25.46 16.99 37.70
C PRO H 90 -24.72 15.73 38.16
N LYS H 91 -24.18 15.02 37.18
CA LYS H 91 -23.31 13.88 37.39
C LYS H 91 -21.82 14.28 37.18
N THR H 92 -20.99 14.05 38.19
CA THR H 92 -19.56 14.36 38.10
C THR H 92 -18.72 13.06 37.98
N VAL H 93 -17.88 12.97 36.98
CA VAL H 93 -16.95 11.84 37.01
C VAL H 93 -15.47 12.31 37.00
N TYR H 94 -14.68 11.67 37.85
CA TYR H 94 -13.32 12.11 38.17
C TYR H 94 -12.37 11.40 37.24
N TRP H 95 -11.35 12.14 36.82
CA TRP H 95 -10.26 11.58 36.05
C TRP H 95 -9.48 10.56 36.84
N ASP H 96 -9.42 9.36 36.29
CA ASP H 96 -8.52 8.29 36.79
C ASP H 96 -7.37 8.00 35.84
N ARG H 97 -6.14 8.39 36.18
CA ARG H 97 -5.01 8.35 35.23
C ARG H 97 -4.61 6.94 34.76
N ASP H 98 -5.09 5.91 35.45
CA ASP H 98 -4.94 4.55 34.93
C ASP H 98 -6.02 4.06 33.91
N MET H 99 -6.91 4.94 33.41
CA MET H 99 -8.07 4.48 32.66
C MET H 99 -8.57 5.43 31.55
N LYS I 1 14.10 -4.40 -21.95
CA LYS I 1 14.72 -4.57 -23.28
C LYS I 1 16.18 -4.12 -23.14
N GLY I 2 17.11 -4.92 -23.62
CA GLY I 2 18.54 -4.64 -23.47
C GLY I 2 19.23 -3.72 -24.51
N PRO I 3 20.50 -3.42 -24.24
CA PRO I 3 21.22 -2.65 -25.26
C PRO I 3 21.39 -3.38 -26.55
N SER I 4 21.37 -2.58 -27.59
CA SER I 4 21.97 -3.04 -28.79
C SER I 4 23.27 -2.23 -29.08
N ASN I 5 24.41 -2.91 -28.90
CA ASN I 5 25.70 -2.25 -28.81
C ASN I 5 26.07 -1.54 -30.14
N PHE I 6 26.99 -0.60 -30.08
CA PHE I 6 27.52 0.15 -31.25
C PHE I 6 28.94 -0.28 -31.74
N ALA I 7 29.94 0.61 -31.76
CA ALA I 7 31.27 0.21 -32.36
C ALA I 7 31.75 -1.05 -31.57
N THR I 8 32.21 -2.06 -32.26
CA THR I 8 32.81 -3.18 -31.57
C THR I 8 34.05 -2.74 -30.77
N MET I 9 34.56 -3.67 -30.00
CA MET I 9 35.79 -3.33 -29.21
C MET I 9 37.04 -3.22 -30.10
N LYS J 1 19.09 13.71 19.20
CA LYS J 1 20.17 14.31 20.00
C LYS J 1 21.26 14.79 19.05
N GLY J 2 21.69 16.02 19.26
CA GLY J 2 22.63 16.67 18.38
C GLY J 2 24.03 16.24 18.74
N PRO J 3 25.04 16.66 17.93
CA PRO J 3 26.47 16.52 18.29
C PRO J 3 26.78 17.49 19.37
N SER J 4 27.89 17.25 20.05
CA SER J 4 28.48 18.18 20.96
C SER J 4 29.90 18.20 20.49
N ASN J 5 30.38 19.36 20.12
CA ASN J 5 31.59 19.40 19.25
C ASN J 5 32.83 19.35 20.09
N PHE J 6 34.02 19.26 19.44
CA PHE J 6 35.39 19.21 20.06
C PHE J 6 36.32 20.37 19.90
N ALA J 7 37.47 20.13 19.30
CA ALA J 7 38.34 21.22 19.02
C ALA J 7 37.51 22.27 18.34
N THR J 8 37.68 23.49 18.76
CA THR J 8 37.10 24.63 18.11
C THR J 8 37.87 24.92 16.82
N MET J 9 37.28 25.78 15.97
CA MET J 9 37.92 26.24 14.69
C MET J 9 39.33 26.76 15.03
N LYS K 1 -8.76 -26.13 4.92
CA LYS K 1 -9.21 -27.41 5.53
C LYS K 1 -10.73 -27.44 5.41
N GLY K 2 -11.27 -28.49 4.82
CA GLY K 2 -12.70 -28.50 4.50
C GLY K 2 -13.44 -28.90 5.72
N PRO K 3 -14.79 -29.04 5.63
CA PRO K 3 -15.43 -29.72 6.78
C PRO K 3 -15.33 -31.22 6.69
N SER K 4 -15.41 -31.89 7.85
CA SER K 4 -15.72 -33.32 7.95
C SER K 4 -17.11 -33.27 8.56
N ASN K 5 -18.03 -34.01 7.97
CA ASN K 5 -19.45 -33.76 8.18
C ASN K 5 -19.86 -34.59 9.32
N PHE K 6 -20.93 -34.19 9.98
CA PHE K 6 -21.49 -34.91 11.10
C PHE K 6 -22.47 -35.99 10.75
N ALA K 7 -23.64 -36.00 11.41
CA ALA K 7 -24.63 -37.03 11.08
C ALA K 7 -25.06 -36.93 9.56
N THR K 8 -25.27 -38.08 8.97
CA THR K 8 -25.71 -38.23 7.63
C THR K 8 -27.18 -37.77 7.45
N MET K 9 -27.49 -37.50 6.21
CA MET K 9 -28.89 -37.11 5.80
C MET K 9 -30.01 -38.10 6.16
N LYS L 1 -24.28 15.93 -1.68
CA LYS L 1 -25.51 16.76 -1.60
C LYS L 1 -26.64 15.92 -1.04
N GLY L 2 -27.47 16.54 -0.19
CA GLY L 2 -28.43 15.84 0.62
C GLY L 2 -29.83 15.87 0.04
N PRO L 3 -30.71 15.14 0.70
CA PRO L 3 -31.97 15.10 -0.04
C PRO L 3 -32.80 16.29 0.19
N SER L 4 -33.82 16.43 -0.64
CA SER L 4 -34.86 17.36 -0.34
C SER L 4 -36.13 16.52 -0.13
N ASN L 5 -36.70 16.58 1.06
CA ASN L 5 -37.80 15.72 1.43
C ASN L 5 -39.13 15.97 0.63
N PHE L 6 -39.89 14.91 0.48
CA PHE L 6 -41.22 14.92 -0.17
C PHE L 6 -42.37 15.07 0.78
N ALA L 7 -43.36 14.17 0.82
CA ALA L 7 -44.41 14.39 1.78
C ALA L 7 -43.85 14.59 3.20
N THR L 8 -44.51 15.46 3.95
CA THR L 8 -44.28 15.58 5.37
C THR L 8 -44.87 14.41 6.20
N MET L 9 -44.63 14.44 7.49
CA MET L 9 -45.02 13.35 8.30
C MET L 9 -46.57 13.42 8.35
#